data_3ITB
#
_entry.id   3ITB
#
_cell.length_a   57.534
_cell.length_b   185.351
_cell.length_c   82.329
_cell.angle_alpha   90.00
_cell.angle_beta   100.99
_cell.angle_gamma   90.00
#
_symmetry.space_group_name_H-M   'P 1 21 1'
#
loop_
_entity.id
_entity.type
_entity.pdbx_description
1 polymer 'D-alanyl-D-alanine carboxypeptidase DacC'
2 polymer 'Peptidoglycan substrate (AMV)A(FGA)K(DAL)(DAL)'
3 branched beta-D-fructofuranose-(2-1)-alpha-D-glucopyranose
4 non-polymer 'SULFATE ION'
5 non-polymer 'methyl 2-acetamido-3-O-[(1R)-1-carboxyethyl]-2-deoxy-beta-D-glucopyranoside'
6 water water
#
loop_
_entity_poly.entity_id
_entity_poly.type
_entity_poly.pdbx_seq_one_letter_code
_entity_poly.pdbx_strand_id
1 'polypeptide(L)'
;MAEQTVEAPSVDARAWILMDYASGKVLAEGNADEKLDPASLTKIMTSYVVGQALKADKIKLTDMVTVGKDAWATGNPALR
GSSVMFLKPGDQVSVADLNKGVIIQSGNDACIALADYVAGSQESFIGLMNGYAKKLGLTNTTFQTVHGLDAPGQFSTARD
MALLGKALIHDVPEEYAIHKEKEFTFNKIRQPNRNRLLWSSNLNVDGMKTGTTAGAGYNLVASATQGDMRLISVVLGAKT
DRIRFNESEKLLTWGFRFFETVTPIKPDATFVTQRVWFGDKSEVNLGAGEAGSVTIPRGQLKNLKASYTLTEPQLTAPLK
KGQVVGTIDFQLNGKSIEQRPLIVMENVEEGG
;
A,B,C,D
2 'polypeptide(L)' A(FGA)K(DAL)(DAL) L
#
loop_
_chem_comp.id
_chem_comp.type
_chem_comp.name
_chem_comp.formula
AMV D-saccharide 'methyl 2-acetamido-3-O-[(1R)-1-carboxyethyl]-2-deoxy-beta-D-glucopyranoside' 'C12 H21 N O8'
FGA D-gamma-peptide, C-delta linking 'GAMMA-D-GLUTAMIC ACID' 'C5 H9 N O4'
FRU D-saccharide, beta linking beta-D-fructofuranose 'C6 H12 O6'
GLC D-saccharide, alpha linking alpha-D-glucopyranose 'C6 H12 O6'
SO4 non-polymer 'SULFATE ION' 'O4 S -2'
#
# COMPACT_ATOMS: atom_id res chain seq x y z
N THR A 5 3.91 -40.96 26.64
CA THR A 5 3.98 -39.52 26.27
C THR A 5 4.46 -39.21 24.84
N VAL A 6 3.84 -38.19 24.28
CA VAL A 6 4.34 -37.46 23.14
C VAL A 6 4.12 -36.00 23.53
N GLU A 7 5.16 -35.18 23.46
CA GLU A 7 4.97 -33.80 23.92
C GLU A 7 3.93 -33.12 23.05
N ALA A 8 2.92 -32.57 23.72
CA ALA A 8 1.84 -31.78 23.11
C ALA A 8 2.29 -30.42 22.57
N PRO A 9 1.74 -30.03 21.41
CA PRO A 9 2.23 -28.82 20.78
C PRO A 9 1.78 -27.59 21.54
N SER A 10 2.52 -26.50 21.41
CA SER A 10 2.15 -25.22 22.01
C SER A 10 1.05 -24.63 21.11
N VAL A 11 0.03 -24.01 21.68
CA VAL A 11 -1.08 -23.49 20.88
C VAL A 11 -1.38 -22.05 21.28
N ASP A 12 -1.46 -21.17 20.29
CA ASP A 12 -1.51 -19.72 20.54
C ASP A 12 -2.97 -19.26 20.46
N ALA A 13 -3.72 -19.46 21.53
CA ALA A 13 -5.17 -19.24 21.52
C ALA A 13 -5.65 -19.27 22.96
N ARG A 14 -6.87 -18.81 23.19
CA ARG A 14 -7.46 -18.81 24.52
C ARG A 14 -7.73 -20.24 24.99
N ALA A 15 -8.20 -21.10 24.10
CA ALA A 15 -8.64 -22.42 24.51
C ALA A 15 -8.59 -23.34 23.29
N TRP A 16 -8.31 -24.62 23.51
CA TRP A 16 -8.28 -25.54 22.38
C TRP A 16 -8.48 -26.96 22.85
N ILE A 17 -8.82 -27.86 21.92
CA ILE A 17 -8.86 -29.27 22.27
C ILE A 17 -8.66 -30.09 21.00
N LEU A 18 -8.02 -31.24 21.13
CA LEU A 18 -7.90 -32.17 20.02
C LEU A 18 -8.40 -33.55 20.45
N MET A 19 -9.33 -34.14 19.70
CA MET A 19 -10.09 -35.29 20.18
C MET A 19 -10.21 -36.32 19.07
N ASP A 20 -9.98 -37.59 19.38
CA ASP A 20 -10.25 -38.63 18.41
C ASP A 20 -11.75 -38.94 18.36
N TYR A 21 -12.28 -39.05 17.14
CA TYR A 21 -13.70 -39.18 16.89
C TYR A 21 -14.19 -40.54 17.35
N ALA A 22 -13.41 -41.58 17.06
CA ALA A 22 -13.84 -42.94 17.36
C ALA A 22 -13.72 -43.29 18.85
N SER A 23 -12.61 -42.87 19.47
CA SER A 23 -12.33 -43.25 20.85
C SER A 23 -12.80 -42.20 21.84
N GLY A 24 -12.97 -40.96 21.40
CA GLY A 24 -13.30 -39.88 22.31
C GLY A 24 -12.10 -39.40 23.09
N LYS A 25 -10.93 -39.96 22.81
CA LYS A 25 -9.72 -39.62 23.55
C LYS A 25 -9.21 -38.20 23.28
N VAL A 26 -8.92 -37.45 24.35
CA VAL A 26 -8.49 -36.04 24.22
C VAL A 26 -6.96 -36.10 24.11
N LEU A 27 -6.41 -35.69 22.96
CA LEU A 27 -4.99 -35.89 22.71
C LEU A 27 -4.22 -34.66 23.18
N ALA A 28 -4.90 -33.52 23.28
CA ALA A 28 -4.22 -32.26 23.62
C ALA A 28 -5.32 -31.27 23.96
N GLU A 29 -5.02 -30.35 24.87
CA GLU A 29 -6.04 -29.46 25.40
C GLU A 29 -5.39 -28.29 26.15
N GLY A 30 -6.09 -27.17 26.16
CA GLY A 30 -5.69 -26.03 26.98
C GLY A 30 -6.96 -25.28 27.31
N ASN A 31 -7.18 -25.03 28.60
CA ASN A 31 -8.39 -24.34 29.06
C ASN A 31 -9.69 -24.90 28.47
N ALA A 32 -9.79 -26.21 28.34
CA ALA A 32 -10.83 -26.76 27.47
C ALA A 32 -12.21 -26.70 28.13
N ASP A 33 -12.28 -26.13 29.34
CA ASP A 33 -13.57 -26.07 30.03
C ASP A 33 -13.94 -24.66 30.39
N GLU A 34 -13.16 -23.72 29.89
CA GLU A 34 -13.44 -22.32 30.09
C GLU A 34 -14.64 -21.91 29.24
N LYS A 35 -15.66 -21.35 29.91
CA LYS A 35 -16.82 -20.77 29.26
C LYS A 35 -16.47 -19.55 28.41
N LEU A 36 -16.82 -19.61 27.12
CA LEU A 36 -16.41 -18.59 26.19
C LEU A 36 -17.58 -18.39 25.21
N ASP A 37 -17.62 -17.26 24.50
CA ASP A 37 -18.68 -17.05 23.51
C ASP A 37 -18.48 -17.96 22.30
N PRO A 38 -19.52 -18.74 21.95
CA PRO A 38 -19.33 -19.60 20.77
C PRO A 38 -19.64 -18.89 19.44
N ALA A 39 -20.42 -17.82 19.51
CA ALA A 39 -20.69 -16.98 18.34
C ALA A 39 -21.23 -17.95 17.31
N SER A 40 -20.80 -17.81 16.06
CA SER A 40 -21.35 -18.64 14.99
C SER A 40 -21.20 -20.15 15.13
N LEU A 41 -20.33 -20.61 16.02
CA LEU A 41 -20.22 -22.05 16.24
C LEU A 41 -21.55 -22.55 16.79
N THR A 42 -22.36 -21.61 17.27
CA THR A 42 -23.70 -21.98 17.70
C THR A 42 -24.41 -22.69 16.57
N LYS A 43 -24.10 -22.30 15.34
CA LYS A 43 -24.82 -22.86 14.19
C LYS A 43 -24.55 -24.34 13.96
N ILE A 44 -23.51 -24.90 14.57
CA ILE A 44 -23.38 -26.35 14.60
C ILE A 44 -24.57 -27.05 15.26
N MET A 45 -24.99 -26.50 16.40
CA MET A 45 -26.19 -27.00 17.06
C MET A 45 -27.45 -26.76 16.23
N THR A 46 -27.55 -25.58 15.64
CA THR A 46 -28.71 -25.27 14.78
C THR A 46 -28.88 -26.36 13.73
N SER A 47 -27.75 -26.69 13.08
CA SER A 47 -27.73 -27.73 12.08
C SER A 47 -28.03 -29.10 12.66
N TYR A 48 -27.56 -29.36 13.88
CA TYR A 48 -27.82 -30.65 14.53
C TYR A 48 -29.35 -30.82 14.63
N VAL A 49 -30.02 -29.75 15.05
CA VAL A 49 -31.48 -29.86 15.26
C VAL A 49 -32.21 -30.03 13.93
N VAL A 50 -31.84 -29.21 12.96
CA VAL A 50 -32.39 -29.32 11.57
C VAL A 50 -32.09 -30.73 11.05
N GLY A 51 -30.84 -31.17 11.19
CA GLY A 51 -30.51 -32.56 10.86
C GLY A 51 -31.43 -33.62 11.45
N GLN A 52 -31.73 -33.49 12.75
CA GLN A 52 -32.62 -34.45 13.40
C GLN A 52 -34.05 -34.43 12.83
N ALA A 53 -34.53 -33.22 12.57
CA ALA A 53 -35.85 -33.08 11.95
C ALA A 53 -35.93 -33.76 10.58
N LEU A 54 -34.87 -33.65 9.79
CA LEU A 54 -34.81 -34.24 8.45
C LEU A 54 -34.70 -35.74 8.61
N LYS A 55 -33.87 -36.19 9.55
CA LYS A 55 -33.70 -37.64 9.70
C LYS A 55 -34.96 -38.31 10.21
N ALA A 56 -35.71 -37.59 11.04
CA ALA A 56 -37.00 -38.07 11.53
C ALA A 56 -38.16 -37.94 10.54
N ASP A 57 -37.87 -37.41 9.35
CA ASP A 57 -38.85 -37.05 8.31
C ASP A 57 -40.01 -36.17 8.84
N LYS A 58 -39.68 -35.21 9.71
CA LYS A 58 -40.71 -34.24 10.08
C LYS A 58 -40.66 -33.05 9.14
N ILE A 59 -39.52 -32.89 8.46
CA ILE A 59 -39.40 -31.91 7.39
C ILE A 59 -38.65 -32.60 6.26
N LYS A 60 -38.87 -32.13 5.02
CA LYS A 60 -38.13 -32.57 3.84
C LYS A 60 -37.28 -31.47 3.19
N LEU A 61 -36.19 -31.86 2.53
CA LEU A 61 -35.35 -30.94 1.76
C LEU A 61 -36.11 -30.11 0.72
N THR A 62 -37.17 -30.66 0.14
CA THR A 62 -37.88 -29.98 -0.94
C THR A 62 -39.05 -29.13 -0.40
N ASP A 63 -39.29 -29.16 0.91
CA ASP A 63 -40.41 -28.41 1.48
C ASP A 63 -40.10 -26.92 1.27
N MET A 64 -41.13 -26.16 0.89
CA MET A 64 -40.96 -24.71 0.79
C MET A 64 -41.31 -23.99 2.06
N VAL A 65 -40.43 -23.11 2.49
CA VAL A 65 -40.70 -22.38 3.70
C VAL A 65 -40.96 -20.91 3.42
N THR A 66 -41.97 -20.38 4.10
CA THR A 66 -42.36 -18.98 3.94
C THR A 66 -41.59 -18.13 4.94
N VAL A 67 -40.90 -17.10 4.48
CA VAL A 67 -39.97 -16.38 5.34
C VAL A 67 -40.79 -15.34 6.11
N GLY A 68 -40.62 -15.21 7.42
CA GLY A 68 -41.47 -14.31 8.20
C GLY A 68 -40.77 -12.98 8.35
N LYS A 69 -41.44 -12.00 8.95
CA LYS A 69 -40.81 -10.70 9.19
C LYS A 69 -39.64 -10.80 10.17
N ASP A 70 -39.60 -11.89 10.94
CA ASP A 70 -38.47 -12.01 11.86
C ASP A 70 -37.16 -12.35 11.17
N ALA A 71 -37.20 -12.58 9.87
CA ALA A 71 -36.06 -13.18 9.17
C ALA A 71 -35.39 -12.24 8.17
N TRP A 72 -35.23 -10.98 8.58
CA TRP A 72 -35.12 -9.84 7.68
C TRP A 72 -34.66 -8.70 8.58
N ALA A 73 -33.57 -8.01 8.22
CA ALA A 73 -33.06 -6.94 9.08
C ALA A 73 -34.09 -5.85 9.38
N THR A 74 -34.76 -5.37 8.35
CA THR A 74 -35.90 -4.49 8.56
C THR A 74 -36.81 -4.90 9.71
N GLY A 75 -37.30 -6.15 9.66
CA GLY A 75 -38.21 -6.66 10.66
C GLY A 75 -37.57 -7.23 11.91
N ASN A 76 -36.24 -7.24 11.98
CA ASN A 76 -35.53 -7.80 13.12
C ASN A 76 -34.17 -7.11 13.21
N PRO A 77 -34.11 -6.02 14.00
CA PRO A 77 -32.90 -5.20 14.01
C PRO A 77 -31.68 -6.02 14.40
N ALA A 78 -31.88 -7.14 15.09
CA ALA A 78 -30.77 -8.01 15.48
C ALA A 78 -29.92 -8.53 14.32
N LEU A 79 -30.47 -8.50 13.11
CA LEU A 79 -29.75 -9.04 11.96
C LEU A 79 -28.86 -8.02 11.24
N ARG A 80 -29.08 -6.74 11.52
CA ARG A 80 -28.26 -5.68 10.94
C ARG A 80 -26.77 -5.99 11.09
N GLY A 81 -26.05 -5.97 9.97
CA GLY A 81 -24.59 -6.05 10.01
C GLY A 81 -24.05 -7.46 10.04
N SER A 82 -24.93 -8.46 10.20
CA SER A 82 -24.50 -9.85 10.27
C SER A 82 -24.56 -10.57 8.92
N SER A 83 -23.97 -11.76 8.84
CA SER A 83 -24.09 -12.56 7.60
C SER A 83 -25.55 -12.93 7.33
N VAL A 84 -26.03 -12.66 6.11
CA VAL A 84 -27.39 -13.03 5.76
C VAL A 84 -27.49 -13.51 4.31
N MET A 85 -28.48 -14.33 4.00
CA MET A 85 -28.82 -14.66 2.60
C MET A 85 -29.62 -13.57 1.89
N PHE A 86 -30.11 -12.59 2.64
CA PHE A 86 -30.96 -11.50 2.15
C PHE A 86 -32.40 -11.89 1.83
N LEU A 87 -33.04 -12.54 2.79
CA LEU A 87 -34.39 -13.05 2.63
C LEU A 87 -35.37 -11.91 2.88
N LYS A 88 -36.57 -12.00 2.32
CA LYS A 88 -37.58 -10.96 2.53
C LYS A 88 -38.94 -11.56 2.88
N PRO A 89 -39.69 -10.91 3.77
CA PRO A 89 -40.96 -11.50 4.19
C PRO A 89 -41.79 -11.93 2.99
N GLY A 90 -42.51 -13.03 3.12
CA GLY A 90 -43.18 -13.67 2.00
C GLY A 90 -42.37 -14.47 1.00
N ASP A 91 -41.05 -14.33 0.95
CA ASP A 91 -40.24 -15.23 0.11
C ASP A 91 -40.56 -16.71 0.38
N GLN A 92 -40.53 -17.53 -0.66
CA GLN A 92 -40.59 -18.99 -0.51
C GLN A 92 -39.22 -19.60 -0.82
N VAL A 93 -38.66 -20.34 0.13
CA VAL A 93 -37.30 -20.86 0.01
C VAL A 93 -37.27 -22.33 0.45
N SER A 94 -36.63 -23.18 -0.34
CA SER A 94 -36.32 -24.58 0.01
C SER A 94 -35.77 -24.72 1.42
N VAL A 95 -36.18 -25.76 2.13
CA VAL A 95 -35.42 -26.25 3.30
C VAL A 95 -33.98 -26.48 2.87
N ALA A 96 -33.79 -27.18 1.75
CA ALA A 96 -32.42 -27.42 1.28
C ALA A 96 -31.61 -26.15 1.12
N ASP A 97 -32.20 -25.10 0.52
CA ASP A 97 -31.51 -23.83 0.38
C ASP A 97 -31.23 -23.14 1.70
N LEU A 98 -32.20 -23.15 2.60
CA LEU A 98 -31.98 -22.43 3.87
C LEU A 98 -30.95 -23.24 4.69
N ASN A 99 -31.01 -24.56 4.58
CA ASN A 99 -30.03 -25.41 5.24
C ASN A 99 -28.58 -25.14 4.79
N LYS A 100 -28.36 -25.00 3.48
CA LYS A 100 -27.05 -24.59 2.96
C LYS A 100 -26.67 -23.18 3.40
N GLY A 101 -27.65 -22.28 3.48
CA GLY A 101 -27.38 -20.93 3.98
C GLY A 101 -26.85 -20.92 5.41
N VAL A 102 -27.48 -21.68 6.31
CA VAL A 102 -26.94 -21.91 7.65
C VAL A 102 -25.55 -22.52 7.58
N ILE A 103 -25.42 -23.62 6.87
CA ILE A 103 -24.18 -24.41 7.02
C ILE A 103 -22.98 -23.77 6.28
N ILE A 104 -23.13 -23.46 4.99
CA ILE A 104 -22.04 -23.04 4.14
C ILE A 104 -21.77 -21.55 4.33
N GLN A 105 -22.85 -20.77 4.33
CA GLN A 105 -22.77 -19.31 4.42
C GLN A 105 -22.83 -18.71 5.83
N SER A 106 -23.27 -19.51 6.82
CA SER A 106 -23.66 -19.03 8.15
C SER A 106 -24.64 -17.86 8.11
N GLY A 107 -25.69 -17.98 7.30
CA GLY A 107 -26.71 -16.94 7.18
C GLY A 107 -27.63 -16.88 8.39
N ASN A 108 -27.61 -15.76 9.11
CA ASN A 108 -28.37 -15.65 10.35
C ASN A 108 -29.87 -15.58 10.09
N ASP A 109 -30.28 -15.00 8.97
CA ASP A 109 -31.69 -15.08 8.57
C ASP A 109 -32.18 -16.49 8.21
N ALA A 110 -31.35 -17.28 7.54
CA ALA A 110 -31.70 -18.67 7.26
C ALA A 110 -31.94 -19.43 8.56
N CYS A 111 -31.13 -19.15 9.57
CA CYS A 111 -31.30 -19.76 10.88
C CYS A 111 -32.71 -19.50 11.42
N ILE A 112 -33.17 -18.25 11.37
CA ILE A 112 -34.47 -17.91 11.92
C ILE A 112 -35.59 -18.53 11.08
N ALA A 113 -35.43 -18.51 9.76
CA ALA A 113 -36.53 -18.94 8.90
C ALA A 113 -36.74 -20.43 9.15
N LEU A 114 -35.64 -21.17 9.31
CA LEU A 114 -35.67 -22.62 9.49
C LEU A 114 -36.06 -22.98 10.92
N ALA A 115 -35.62 -22.20 11.90
CA ALA A 115 -36.12 -22.38 13.27
C ALA A 115 -37.65 -22.31 13.40
N ASP A 116 -38.25 -21.30 12.79
CA ASP A 116 -39.70 -21.16 12.80
C ASP A 116 -40.36 -22.34 12.11
N TYR A 117 -39.74 -22.78 11.01
CA TYR A 117 -40.37 -23.81 10.21
C TYR A 117 -40.32 -25.12 11.01
N VAL A 118 -39.15 -25.45 11.58
CA VAL A 118 -39.02 -26.66 12.39
C VAL A 118 -39.83 -26.72 13.70
N ALA A 119 -39.80 -25.63 14.46
CA ALA A 119 -40.27 -25.59 15.85
C ALA A 119 -41.41 -24.59 16.11
N GLY A 120 -41.79 -23.82 15.09
CA GLY A 120 -42.86 -22.82 15.16
C GLY A 120 -42.42 -21.48 15.71
N SER A 121 -41.33 -21.45 16.45
CA SER A 121 -40.74 -20.18 16.85
C SER A 121 -39.29 -20.37 17.24
N GLN A 122 -38.55 -19.27 17.29
CA GLN A 122 -37.22 -19.25 17.87
C GLN A 122 -37.08 -19.78 19.30
N GLU A 123 -37.96 -19.38 20.21
CA GLU A 123 -37.85 -19.84 21.58
C GLU A 123 -38.04 -21.35 21.73
N SER A 124 -39.00 -21.91 21.00
CA SER A 124 -39.17 -23.36 20.98
C SER A 124 -37.93 -24.08 20.38
N PHE A 125 -37.37 -23.52 19.32
CA PHE A 125 -36.18 -24.10 18.69
C PHE A 125 -34.98 -24.06 19.64
N ILE A 126 -34.76 -22.92 20.28
CA ILE A 126 -33.72 -22.85 21.28
C ILE A 126 -33.92 -23.85 22.41
N GLY A 127 -35.17 -24.14 22.75
CA GLY A 127 -35.45 -25.25 23.66
C GLY A 127 -34.95 -26.61 23.20
N LEU A 128 -35.11 -26.90 21.91
CA LEU A 128 -34.60 -28.15 21.35
C LEU A 128 -33.09 -28.10 21.39
N MET A 129 -32.50 -26.94 21.13
CA MET A 129 -31.04 -26.79 21.16
C MET A 129 -30.50 -27.15 22.53
N ASN A 130 -31.07 -26.53 23.57
CA ASN A 130 -30.66 -26.87 24.93
C ASN A 130 -31.03 -28.30 25.36
N GLY A 131 -32.13 -28.84 24.83
CA GLY A 131 -32.47 -30.19 25.17
C GLY A 131 -31.39 -31.15 24.69
N TYR A 132 -30.97 -31.00 23.44
CA TYR A 132 -29.90 -31.84 22.90
C TYR A 132 -28.58 -31.51 23.59
N ALA A 133 -28.36 -30.25 23.97
CA ALA A 133 -27.12 -29.98 24.67
C ALA A 133 -27.04 -30.82 25.95
N LYS A 134 -28.13 -30.87 26.70
CA LYS A 134 -28.18 -31.71 27.89
C LYS A 134 -28.06 -33.19 27.59
N LYS A 135 -28.79 -33.65 26.58
CA LYS A 135 -28.65 -35.03 26.17
C LYS A 135 -27.23 -35.47 25.80
N LEU A 136 -26.46 -34.61 25.14
CA LEU A 136 -25.16 -34.97 24.61
C LEU A 136 -24.06 -34.72 25.63
N GLY A 137 -24.40 -34.15 26.77
CA GLY A 137 -23.44 -34.01 27.86
C GLY A 137 -22.68 -32.71 27.82
N LEU A 138 -23.29 -31.71 27.20
CA LEU A 138 -22.61 -30.43 27.00
C LEU A 138 -22.80 -29.66 28.30
N THR A 139 -22.06 -30.03 29.35
CA THR A 139 -22.43 -29.62 30.71
C THR A 139 -22.17 -28.14 30.92
N ASN A 140 -21.36 -27.55 30.06
CA ASN A 140 -20.97 -26.15 30.19
C ASN A 140 -21.46 -25.27 29.05
N THR A 141 -22.54 -25.72 28.40
CA THR A 141 -23.09 -25.05 27.23
C THR A 141 -24.55 -24.70 27.47
N THR A 142 -24.84 -23.43 27.16
CA THR A 142 -26.19 -22.86 27.09
C THR A 142 -26.39 -22.00 25.85
N PHE A 143 -27.40 -22.34 25.04
CA PHE A 143 -27.70 -21.54 23.87
C PHE A 143 -28.85 -20.57 24.17
N GLN A 144 -28.71 -19.31 23.78
CA GLN A 144 -29.79 -18.33 23.93
C GLN A 144 -30.41 -17.82 22.64
N THR A 145 -29.89 -18.21 21.47
CA THR A 145 -30.32 -17.71 20.17
C THR A 145 -30.21 -18.85 19.16
N VAL A 146 -30.90 -18.77 18.04
CA VAL A 146 -30.76 -19.82 17.01
C VAL A 146 -29.58 -19.64 16.08
N HIS A 147 -28.88 -18.50 16.16
CA HIS A 147 -27.87 -18.17 15.18
C HIS A 147 -26.52 -17.90 15.83
N GLY A 148 -26.51 -17.66 17.13
CA GLY A 148 -25.26 -17.42 17.82
C GLY A 148 -24.89 -15.97 17.98
N LEU A 149 -25.77 -15.06 17.59
CA LEU A 149 -25.50 -13.64 17.69
C LEU A 149 -25.50 -13.33 19.18
N ASP A 150 -24.82 -12.24 19.55
CA ASP A 150 -24.59 -11.89 20.95
C ASP A 150 -25.89 -11.97 21.75
N ALA A 151 -25.86 -12.71 22.85
CA ALA A 151 -26.95 -12.64 23.83
C ALA A 151 -26.35 -12.83 25.21
N PRO A 152 -26.91 -12.15 26.21
CA PRO A 152 -26.55 -12.31 27.62
C PRO A 152 -25.92 -13.66 27.99
N GLY A 153 -26.70 -14.71 28.24
CA GLY A 153 -26.15 -15.86 28.97
C GLY A 153 -25.74 -17.03 28.09
N GLN A 154 -25.07 -16.77 26.99
CA GLN A 154 -24.84 -17.80 25.96
C GLN A 154 -23.36 -18.15 25.95
N PHE A 155 -23.04 -19.42 26.19
N PHE A 155 -23.05 -19.42 26.19
CA PHE A 155 -21.65 -19.85 26.34
CA PHE A 155 -21.66 -19.86 26.43
C PHE A 155 -21.45 -21.28 25.88
C PHE A 155 -21.44 -21.27 25.89
N SER A 156 -20.20 -21.63 25.55
CA SER A 156 -19.83 -23.05 25.42
C SER A 156 -18.37 -23.18 25.82
N THR A 157 -17.77 -24.32 25.54
CA THR A 157 -16.36 -24.53 25.87
C THR A 157 -15.68 -25.31 24.73
N ALA A 158 -14.34 -25.31 24.67
CA ALA A 158 -13.74 -26.12 23.59
C ALA A 158 -14.17 -27.57 23.69
N ARG A 159 -14.20 -28.12 24.92
CA ARG A 159 -14.57 -29.49 25.11
C ARG A 159 -15.99 -29.76 24.63
N ASP A 160 -16.91 -28.85 24.94
CA ASP A 160 -18.31 -29.09 24.58
C ASP A 160 -18.51 -29.01 23.06
N MET A 161 -17.82 -28.05 22.46
CA MET A 161 -17.79 -27.93 20.99
C MET A 161 -17.27 -29.19 20.32
N ALA A 162 -16.20 -29.81 20.84
CA ALA A 162 -15.74 -31.09 20.26
C ALA A 162 -16.76 -32.22 20.45
N LEU A 163 -17.44 -32.27 21.59
CA LEU A 163 -18.46 -33.29 21.83
C LEU A 163 -19.60 -33.09 20.83
N LEU A 164 -19.98 -31.83 20.66
CA LEU A 164 -21.10 -31.53 19.75
C LEU A 164 -20.71 -31.86 18.30
N GLY A 165 -19.47 -31.54 17.95
CA GLY A 165 -19.01 -31.80 16.60
C GLY A 165 -19.04 -33.31 16.38
N LYS A 166 -18.57 -34.08 17.36
CA LYS A 166 -18.57 -35.53 17.21
C LYS A 166 -19.98 -36.09 17.04
N ALA A 167 -20.92 -35.53 17.80
CA ALA A 167 -22.32 -35.89 17.64
C ALA A 167 -22.94 -35.59 16.28
N LEU A 168 -22.66 -34.40 15.73
CA LEU A 168 -23.11 -34.04 14.39
C LEU A 168 -22.61 -35.07 13.39
N ILE A 169 -21.31 -35.32 13.43
CA ILE A 169 -20.77 -36.31 12.47
C ILE A 169 -21.43 -37.69 12.61
N HIS A 170 -21.60 -38.16 13.84
CA HIS A 170 -22.06 -39.49 14.12
C HIS A 170 -23.58 -39.60 13.93
N ASP A 171 -24.33 -38.62 14.42
CA ASP A 171 -25.79 -38.79 14.55
C ASP A 171 -26.62 -38.33 13.33
N VAL A 172 -26.13 -37.30 12.63
CA VAL A 172 -26.80 -36.75 11.44
C VAL A 172 -25.78 -36.57 10.31
N PRO A 173 -25.22 -37.67 9.85
CA PRO A 173 -24.15 -37.56 8.86
C PRO A 173 -24.55 -36.88 7.55
N GLU A 174 -25.82 -36.94 7.16
CA GLU A 174 -26.21 -36.25 5.93
C GLU A 174 -26.06 -34.73 6.07
N GLU A 175 -26.22 -34.27 7.30
CA GLU A 175 -26.14 -32.83 7.61
C GLU A 175 -24.66 -32.43 7.76
N TYR A 176 -23.89 -33.35 8.34
CA TYR A 176 -22.45 -33.16 8.37
C TYR A 176 -21.83 -33.05 6.98
N ALA A 177 -22.33 -33.85 6.05
CA ALA A 177 -21.84 -33.91 4.67
C ALA A 177 -21.86 -32.54 4.00
N ILE A 178 -22.79 -31.66 4.37
CA ILE A 178 -22.96 -30.39 3.71
C ILE A 178 -21.84 -29.42 4.15
N HIS A 179 -21.19 -29.70 5.29
CA HIS A 179 -20.24 -28.72 5.85
C HIS A 179 -18.90 -28.68 5.09
N LYS A 180 -18.64 -29.69 4.26
CA LYS A 180 -17.49 -29.62 3.35
C LYS A 180 -17.71 -28.91 2.02
N GLU A 181 -18.94 -28.51 1.76
CA GLU A 181 -19.22 -27.82 0.49
C GLU A 181 -18.58 -26.43 0.45
N LYS A 182 -17.79 -26.19 -0.60
CA LYS A 182 -17.00 -24.96 -0.68
C LYS A 182 -17.88 -23.79 -1.13
N GLU A 183 -19.00 -24.09 -1.78
CA GLU A 183 -19.87 -22.98 -2.24
C GLU A 183 -21.30 -23.47 -2.38
N PHE A 184 -22.27 -22.56 -2.35
CA PHE A 184 -23.52 -22.88 -3.04
C PHE A 184 -24.11 -21.64 -3.69
N THR A 185 -25.04 -21.85 -4.59
CA THR A 185 -25.52 -20.70 -5.35
C THR A 185 -26.93 -20.36 -4.87
N PHE A 186 -27.19 -19.11 -4.52
CA PHE A 186 -28.55 -18.71 -4.17
C PHE A 186 -28.88 -17.36 -4.80
N ASN A 187 -30.07 -17.22 -5.40
CA ASN A 187 -30.35 -15.99 -6.15
C ASN A 187 -29.27 -15.69 -7.17
N LYS A 188 -28.79 -16.72 -7.86
CA LYS A 188 -27.81 -16.57 -8.91
C LYS A 188 -26.45 -16.03 -8.49
N ILE A 189 -26.19 -16.01 -7.18
CA ILE A 189 -24.88 -15.62 -6.69
C ILE A 189 -24.18 -16.74 -5.91
N ARG A 190 -22.94 -17.05 -6.25
CA ARG A 190 -22.29 -18.08 -5.45
C ARG A 190 -21.77 -17.53 -4.12
N GLN A 191 -22.01 -18.33 -3.07
CA GLN A 191 -21.73 -17.99 -1.68
C GLN A 191 -20.66 -18.94 -1.16
N PRO A 192 -19.49 -18.41 -0.75
CA PRO A 192 -18.37 -19.23 -0.32
C PRO A 192 -18.42 -19.74 1.14
N ASN A 193 -17.84 -20.92 1.35
CA ASN A 193 -17.64 -21.43 2.69
C ASN A 193 -16.42 -20.71 3.22
N ARG A 194 -16.52 -20.07 4.39
CA ARG A 194 -15.37 -19.37 4.97
C ARG A 194 -14.42 -20.29 5.75
N ASN A 195 -14.71 -21.58 5.77
CA ASN A 195 -13.73 -22.53 6.28
C ASN A 195 -12.55 -22.75 5.34
N ARG A 196 -11.52 -21.93 5.47
CA ARG A 196 -10.35 -21.97 4.60
C ARG A 196 -9.62 -23.32 4.60
N LEU A 197 -9.74 -24.09 5.68
CA LEU A 197 -9.06 -25.40 5.75
C LEU A 197 -9.68 -26.39 4.78
N LEU A 198 -10.87 -26.10 4.24
CA LEU A 198 -11.38 -27.01 3.18
C LEU A 198 -10.46 -27.01 1.95
N TRP A 199 -9.66 -25.97 1.80
CA TRP A 199 -8.69 -25.87 0.73
C TRP A 199 -7.26 -26.32 1.09
N SER A 200 -7.02 -26.84 2.31
CA SER A 200 -5.65 -27.21 2.70
C SER A 200 -5.19 -28.36 1.84
N SER A 201 -3.92 -28.34 1.42
CA SER A 201 -3.31 -29.47 0.72
C SER A 201 -2.63 -30.45 1.68
N ASN A 202 -2.39 -29.96 2.89
CA ASN A 202 -1.68 -30.72 3.93
C ASN A 202 -2.57 -31.60 4.80
N LEU A 203 -3.89 -31.44 4.68
CA LEU A 203 -4.90 -32.23 5.41
C LEU A 203 -6.14 -32.48 4.55
N ASN A 204 -6.90 -33.51 4.93
CA ASN A 204 -8.18 -33.81 4.31
C ASN A 204 -9.27 -33.32 5.30
N VAL A 205 -9.56 -32.02 5.25
CA VAL A 205 -10.45 -31.41 6.24
C VAL A 205 -11.83 -31.36 5.62
N ASP A 206 -12.85 -31.74 6.38
CA ASP A 206 -14.20 -31.73 5.86
C ASP A 206 -15.27 -31.00 6.66
N GLY A 207 -14.84 -30.19 7.61
CA GLY A 207 -15.76 -29.45 8.47
C GLY A 207 -14.91 -28.59 9.38
N MET A 208 -15.55 -27.74 10.20
CA MET A 208 -16.99 -27.74 10.41
C MET A 208 -17.53 -26.31 10.45
N LYS A 209 -16.93 -25.46 11.29
CA LYS A 209 -17.54 -24.14 11.39
C LYS A 209 -16.55 -23.09 11.92
N THR A 210 -16.61 -21.91 11.34
CA THR A 210 -15.83 -20.77 11.81
C THR A 210 -16.70 -19.81 12.62
N GLY A 211 -16.07 -18.94 13.40
CA GLY A 211 -16.84 -18.03 14.23
C GLY A 211 -15.91 -16.93 14.69
N THR A 212 -16.47 -15.77 14.96
CA THR A 212 -15.67 -14.66 15.49
C THR A 212 -16.58 -14.04 16.55
N THR A 213 -16.12 -14.05 17.78
CA THR A 213 -16.80 -13.38 18.88
C THR A 213 -16.81 -11.84 18.81
N ALA A 214 -17.39 -11.22 19.84
CA ALA A 214 -17.34 -9.77 20.06
C ALA A 214 -15.93 -9.20 20.17
N GLY A 215 -15.13 -9.73 21.09
CA GLY A 215 -13.75 -9.30 21.20
C GLY A 215 -12.89 -10.26 22.01
N ALA A 216 -13.07 -11.55 21.73
CA ALA A 216 -12.16 -12.58 22.25
C ALA A 216 -11.28 -13.12 21.13
N GLY A 217 -11.87 -13.27 19.95
CA GLY A 217 -11.16 -13.46 18.70
C GLY A 217 -11.86 -14.47 17.83
N TYR A 218 -11.07 -15.41 17.30
CA TYR A 218 -11.43 -16.17 16.12
C TYR A 218 -11.47 -17.65 16.52
N ASN A 219 -12.53 -18.34 16.11
CA ASN A 219 -12.93 -19.64 16.63
C ASN A 219 -12.95 -20.57 15.40
N LEU A 220 -12.66 -21.85 15.60
CA LEU A 220 -12.80 -22.83 14.54
C LEU A 220 -13.05 -24.17 15.18
N VAL A 221 -14.03 -24.88 14.65
CA VAL A 221 -14.21 -26.30 14.93
C VAL A 221 -13.90 -26.97 13.61
N ALA A 222 -12.88 -27.83 13.59
CA ALA A 222 -12.45 -28.47 12.37
C ALA A 222 -12.49 -29.99 12.55
N SER A 223 -12.73 -30.70 11.46
CA SER A 223 -12.56 -32.13 11.51
C SER A 223 -11.85 -32.60 10.26
N ALA A 224 -10.94 -33.55 10.43
CA ALA A 224 -10.19 -34.12 9.30
C ALA A 224 -10.06 -35.64 9.35
N THR A 225 -9.70 -36.23 8.21
CA THR A 225 -9.48 -37.68 8.22
C THR A 225 -8.12 -38.00 7.63
N GLN A 226 -7.55 -39.10 8.10
CA GLN A 226 -6.36 -39.63 7.46
C GLN A 226 -6.40 -41.13 7.59
N GLY A 227 -6.37 -41.85 6.48
CA GLY A 227 -6.62 -43.29 6.57
C GLY A 227 -7.91 -43.60 7.32
N ASP A 228 -7.86 -44.49 8.31
CA ASP A 228 -9.10 -44.84 8.99
C ASP A 228 -9.39 -43.94 10.18
N MET A 229 -8.59 -42.89 10.35
CA MET A 229 -8.68 -42.09 11.57
C MET A 229 -9.44 -40.79 11.32
N ARG A 230 -10.20 -40.29 12.30
CA ARG A 230 -10.78 -38.94 12.25
C ARG A 230 -10.51 -38.19 13.53
N LEU A 231 -9.98 -36.97 13.40
CA LEU A 231 -9.79 -36.06 14.54
C LEU A 231 -10.70 -34.86 14.45
N ILE A 232 -11.03 -34.28 15.62
CA ILE A 232 -11.76 -33.03 15.73
C ILE A 232 -10.87 -32.11 16.54
N SER A 233 -10.71 -30.89 16.04
CA SER A 233 -10.02 -29.87 16.81
C SER A 233 -10.96 -28.71 17.04
N VAL A 234 -10.69 -27.99 18.13
CA VAL A 234 -11.42 -26.78 18.39
C VAL A 234 -10.39 -25.77 18.84
N VAL A 235 -10.45 -24.57 18.30
CA VAL A 235 -9.52 -23.54 18.71
C VAL A 235 -10.44 -22.36 18.93
N LEU A 236 -10.38 -21.79 20.12
CA LEU A 236 -11.31 -20.74 20.51
C LEU A 236 -10.51 -19.51 20.90
N GLY A 237 -10.91 -18.35 20.42
CA GLY A 237 -10.25 -17.11 20.79
C GLY A 237 -8.81 -16.91 20.33
N ALA A 238 -8.46 -17.32 19.12
CA ALA A 238 -7.21 -16.87 18.51
C ALA A 238 -7.27 -15.39 18.15
N LYS A 239 -6.11 -14.75 18.05
CA LYS A 239 -6.00 -13.30 17.88
C LYS A 239 -6.30 -12.87 16.45
N THR A 240 -5.89 -13.70 15.50
CA THR A 240 -6.07 -13.40 14.09
C THR A 240 -6.77 -14.55 13.35
N ASP A 241 -7.24 -14.26 12.15
CA ASP A 241 -7.79 -15.26 11.24
C ASP A 241 -6.72 -16.30 10.87
N ARG A 242 -5.56 -15.81 10.45
CA ARG A 242 -4.43 -16.64 10.12
C ARG A 242 -4.06 -17.68 11.20
N ILE A 243 -3.88 -17.22 12.43
CA ILE A 243 -3.58 -18.07 13.58
C ILE A 243 -4.69 -19.09 13.87
N ARG A 244 -5.94 -18.65 13.76
CA ARG A 244 -7.07 -19.55 13.90
C ARG A 244 -6.94 -20.79 13.01
N PHE A 245 -6.62 -20.59 11.74
CA PHE A 245 -6.47 -21.71 10.81
C PHE A 245 -5.14 -22.42 11.04
N ASN A 246 -4.09 -21.65 11.30
CA ASN A 246 -2.78 -22.26 11.40
C ASN A 246 -2.60 -23.18 12.63
N GLU A 247 -3.13 -22.77 13.78
CA GLU A 247 -3.04 -23.53 15.03
C GLU A 247 -3.95 -24.74 14.92
N SER A 248 -5.06 -24.59 14.21
CA SER A 248 -5.94 -25.74 13.97
C SER A 248 -5.25 -26.77 13.09
N GLU A 249 -4.61 -26.32 12.01
CA GLU A 249 -3.78 -27.18 11.17
C GLU A 249 -2.71 -27.91 11.96
N LYS A 250 -1.98 -27.15 12.78
CA LYS A 250 -0.88 -27.69 13.59
C LYS A 250 -1.37 -28.85 14.51
N LEU A 251 -2.52 -28.70 15.16
CA LEU A 251 -3.06 -29.75 16.01
C LEU A 251 -3.43 -31.01 15.24
N LEU A 252 -4.22 -30.82 14.17
CA LEU A 252 -4.73 -31.99 13.45
C LEU A 252 -3.48 -32.72 12.92
N THR A 253 -2.48 -31.98 12.47
CA THR A 253 -1.33 -32.57 11.81
C THR A 253 -0.57 -33.43 12.81
N TRP A 254 -0.34 -32.85 13.99
CA TRP A 254 0.32 -33.54 15.10
C TRP A 254 -0.41 -34.80 15.55
N GLY A 255 -1.73 -34.74 15.68
CA GLY A 255 -2.46 -35.92 16.10
C GLY A 255 -2.34 -37.04 15.08
N PHE A 256 -2.42 -36.73 13.78
CA PHE A 256 -2.34 -37.84 12.83
C PHE A 256 -0.90 -38.41 12.74
N ARG A 257 0.09 -37.56 12.97
CA ARG A 257 1.48 -37.96 12.70
C ARG A 257 1.94 -38.96 13.79
N PHE A 258 1.53 -38.72 15.02
CA PHE A 258 2.06 -39.44 16.19
C PHE A 258 1.13 -40.48 16.82
N PHE A 259 -0.16 -40.46 16.50
CA PHE A 259 -1.10 -41.38 17.12
C PHE A 259 -1.83 -42.25 16.11
N GLU A 260 -2.37 -43.35 16.60
CA GLU A 260 -3.23 -44.20 15.79
C GLU A 260 -4.45 -44.62 16.63
N THR A 261 -5.53 -44.98 15.96
CA THR A 261 -6.72 -45.43 16.67
C THR A 261 -6.91 -46.90 16.38
N VAL A 262 -7.11 -47.71 17.42
CA VAL A 262 -7.28 -49.13 17.22
C VAL A 262 -8.55 -49.54 17.95
N THR A 263 -9.13 -50.68 17.56
CA THR A 263 -10.37 -51.15 18.17
C THR A 263 -10.18 -52.60 18.58
N PRO A 264 -9.63 -52.83 19.78
CA PRO A 264 -9.46 -54.16 20.33
C PRO A 264 -10.79 -54.87 20.67
N ILE A 265 -11.80 -54.11 21.07
CA ILE A 265 -13.14 -54.70 21.34
C ILE A 265 -14.17 -54.13 20.36
N LYS A 266 -14.56 -54.91 19.36
CA LYS A 266 -15.48 -54.35 18.40
C LYS A 266 -16.89 -54.21 18.99
N PRO A 267 -17.72 -53.33 18.43
CA PRO A 267 -19.12 -53.32 18.85
C PRO A 267 -19.72 -54.66 18.46
N ASP A 268 -20.48 -55.29 19.35
CA ASP A 268 -20.98 -56.65 19.14
C ASP A 268 -20.00 -57.77 19.45
N ALA A 269 -18.76 -57.44 19.80
CA ALA A 269 -17.89 -58.48 20.31
C ALA A 269 -18.19 -58.73 21.79
N THR A 270 -18.04 -59.98 22.21
CA THR A 270 -18.00 -60.35 23.61
C THR A 270 -16.56 -60.20 24.14
N PHE A 271 -16.35 -59.36 25.14
CA PHE A 271 -15.09 -59.31 25.88
C PHE A 271 -14.94 -60.36 27.01
N VAL A 272 -15.92 -60.47 27.90
CA VAL A 272 -16.04 -61.58 28.86
C VAL A 272 -17.43 -62.21 28.90
N THR A 273 -17.50 -63.50 29.22
CA THR A 273 -18.78 -64.11 29.59
C THR A 273 -18.92 -64.33 31.09
N GLN A 274 -20.12 -64.11 31.62
CA GLN A 274 -20.26 -64.15 33.05
C GLN A 274 -21.50 -64.95 33.37
N ARG A 275 -21.41 -65.70 34.47
CA ARG A 275 -22.56 -66.41 34.99
C ARG A 275 -23.60 -65.41 35.43
N VAL A 276 -24.86 -65.73 35.17
CA VAL A 276 -25.89 -64.86 35.71
C VAL A 276 -26.79 -65.70 36.61
N TRP A 277 -27.21 -65.14 37.74
CA TRP A 277 -28.03 -65.90 38.67
C TRP A 277 -29.49 -65.58 38.49
N PHE A 278 -30.28 -66.66 38.55
CA PHE A 278 -31.72 -66.58 38.71
C PHE A 278 -32.36 -66.02 37.45
N GLY A 279 -31.74 -66.28 36.30
CA GLY A 279 -32.28 -65.72 35.05
C GLY A 279 -32.81 -66.75 34.06
N ASP A 280 -33.34 -66.33 32.93
CA ASP A 280 -33.69 -67.36 31.94
C ASP A 280 -32.54 -67.85 31.05
N LYS A 281 -31.33 -67.35 31.28
CA LYS A 281 -30.13 -67.84 30.61
C LYS A 281 -29.10 -67.97 31.73
N SER A 282 -28.19 -68.92 31.66
CA SER A 282 -27.27 -69.15 32.77
C SER A 282 -26.01 -68.27 32.70
N GLU A 283 -25.84 -67.61 31.57
CA GLU A 283 -24.67 -66.72 31.41
C GLU A 283 -24.99 -65.61 30.39
N VAL A 284 -24.20 -64.53 30.47
CA VAL A 284 -24.47 -63.33 29.68
C VAL A 284 -23.16 -62.83 29.06
N ASN A 285 -23.24 -62.33 27.84
CA ASN A 285 -22.07 -61.80 27.15
C ASN A 285 -21.91 -60.35 27.52
N LEU A 286 -20.70 -59.97 27.90
CA LEU A 286 -20.38 -58.60 28.28
C LEU A 286 -19.38 -58.02 27.29
N GLY A 287 -19.49 -56.73 27.00
CA GLY A 287 -18.67 -56.18 25.93
C GLY A 287 -18.41 -54.71 26.16
N ALA A 288 -17.95 -54.02 25.12
CA ALA A 288 -17.70 -52.59 25.20
C ALA A 288 -18.77 -51.77 24.48
N GLY A 289 -19.59 -52.44 23.69
CA GLY A 289 -20.55 -51.73 22.83
C GLY A 289 -19.78 -50.94 21.80
N GLU A 290 -20.07 -49.65 21.71
CA GLU A 290 -19.45 -48.82 20.66
C GLU A 290 -18.22 -48.10 21.19
N ALA A 291 -17.87 -48.30 22.45
CA ALA A 291 -16.83 -47.48 23.05
C ALA A 291 -15.58 -48.34 23.27
N GLY A 292 -15.33 -49.30 22.40
CA GLY A 292 -14.09 -50.11 22.49
C GLY A 292 -12.88 -49.65 21.71
N SER A 293 -12.89 -48.41 21.23
CA SER A 293 -11.74 -47.93 20.45
C SER A 293 -10.82 -47.16 21.37
N VAL A 294 -9.52 -47.22 21.12
CA VAL A 294 -8.59 -46.47 21.96
C VAL A 294 -7.54 -45.77 21.08
N THR A 295 -7.09 -44.58 21.50
CA THR A 295 -6.05 -43.87 20.73
C THR A 295 -4.72 -44.00 21.46
N ILE A 296 -3.72 -44.52 20.75
CA ILE A 296 -2.41 -44.87 21.31
C ILE A 296 -1.28 -44.28 20.44
N PRO A 297 -0.11 -44.03 21.04
CA PRO A 297 1.03 -43.62 20.21
C PRO A 297 1.29 -44.67 19.14
N ARG A 298 1.71 -44.27 17.94
CA ARG A 298 1.88 -45.20 16.83
CA ARG A 298 1.87 -45.22 16.84
C ARG A 298 2.89 -46.31 17.15
N GLY A 299 2.63 -47.51 16.63
CA GLY A 299 3.46 -48.68 16.94
C GLY A 299 3.28 -49.40 18.28
N GLN A 300 2.35 -48.94 19.12
CA GLN A 300 2.20 -49.44 20.48
C GLN A 300 1.17 -50.55 20.62
N LEU A 301 0.67 -51.06 19.50
CA LEU A 301 -0.51 -51.93 19.57
C LEU A 301 -0.13 -53.26 20.24
N LYS A 302 0.93 -53.89 19.71
CA LYS A 302 1.69 -54.92 20.41
C LYS A 302 1.61 -54.86 21.93
N ASN A 303 1.91 -53.68 22.49
CA ASN A 303 2.03 -53.54 23.93
C ASN A 303 0.73 -53.25 24.66
N LEU A 304 -0.40 -53.37 23.96
CA LEU A 304 -1.66 -53.02 24.60
C LEU A 304 -2.54 -54.24 24.84
N LYS A 305 -3.17 -54.24 26.01
CA LYS A 305 -4.01 -55.34 26.53
C LYS A 305 -5.11 -54.79 27.46
N ALA A 306 -6.23 -55.49 27.57
CA ALA A 306 -7.43 -54.91 28.19
C ALA A 306 -7.84 -55.54 29.53
N SER A 307 -8.54 -54.78 30.38
CA SER A 307 -8.98 -55.30 31.66
C SER A 307 -10.36 -54.80 32.12
N TYR A 308 -10.89 -55.40 33.17
CA TYR A 308 -12.14 -54.94 33.76
C TYR A 308 -12.28 -55.24 35.24
N THR A 309 -12.95 -54.35 35.94
CA THR A 309 -13.63 -54.70 37.18
C THR A 309 -15.10 -55.02 36.93
N LEU A 310 -15.46 -56.28 37.23
CA LEU A 310 -16.81 -56.60 37.64
C LEU A 310 -17.10 -55.82 38.93
N THR A 311 -18.17 -55.03 38.95
CA THR A 311 -18.60 -54.32 40.16
C THR A 311 -19.15 -55.23 41.27
N GLU A 312 -20.48 -55.22 41.40
CA GLU A 312 -21.23 -56.33 42.01
C GLU A 312 -20.53 -57.62 41.60
N PRO A 313 -19.96 -58.35 42.57
CA PRO A 313 -19.16 -59.54 42.23
C PRO A 313 -20.03 -60.62 41.59
N GLN A 314 -21.33 -60.33 41.53
CA GLN A 314 -22.34 -61.35 41.28
C GLN A 314 -23.50 -60.80 40.48
N LEU A 315 -23.63 -61.33 39.28
CA LEU A 315 -24.64 -60.86 38.35
C LEU A 315 -25.92 -61.60 38.63
N THR A 316 -26.99 -60.83 38.84
CA THR A 316 -28.29 -61.41 39.05
C THR A 316 -29.27 -60.80 38.05
N ALA A 317 -30.08 -61.66 37.45
CA ALA A 317 -31.22 -61.23 36.65
C ALA A 317 -32.20 -60.33 37.42
N PRO A 318 -32.99 -59.51 36.71
CA PRO A 318 -32.90 -59.23 35.28
C PRO A 318 -31.70 -58.36 34.91
N LEU A 319 -31.13 -58.63 33.74
CA LEU A 319 -30.09 -57.79 33.13
C LEU A 319 -30.66 -57.19 31.85
N LYS A 320 -30.30 -55.96 31.52
CA LYS A 320 -30.84 -55.35 30.31
C LYS A 320 -29.70 -55.03 29.34
N LYS A 321 -29.93 -55.27 28.06
CA LYS A 321 -28.94 -54.94 27.04
C LYS A 321 -28.50 -53.50 27.21
N GLY A 322 -27.19 -53.29 27.38
CA GLY A 322 -26.66 -51.94 27.39
C GLY A 322 -26.50 -51.53 28.83
N GLN A 323 -27.11 -52.31 29.73
CA GLN A 323 -27.00 -51.97 31.14
C GLN A 323 -25.54 -52.03 31.56
N VAL A 324 -25.06 -51.01 32.28
CA VAL A 324 -23.63 -51.06 32.52
C VAL A 324 -23.38 -51.74 33.85
N VAL A 325 -22.48 -52.71 33.86
CA VAL A 325 -22.33 -53.56 35.03
C VAL A 325 -20.90 -53.58 35.47
N GLY A 326 -20.16 -52.56 35.08
CA GLY A 326 -18.74 -52.52 35.42
C GLY A 326 -17.99 -51.63 34.45
N THR A 327 -16.73 -52.00 34.20
CA THR A 327 -15.71 -51.01 33.84
C THR A 327 -14.63 -51.68 33.03
N ILE A 328 -14.41 -51.24 31.78
CA ILE A 328 -13.21 -51.66 31.08
C ILE A 328 -12.14 -50.59 31.18
N ASP A 329 -10.92 -51.06 31.44
CA ASP A 329 -9.76 -50.20 31.58
C ASP A 329 -8.63 -50.71 30.69
N PHE A 330 -8.00 -49.80 29.96
CA PHE A 330 -7.06 -50.16 28.90
C PHE A 330 -5.62 -49.81 29.28
N GLN A 331 -4.70 -50.71 28.93
CA GLN A 331 -3.36 -50.83 29.52
C GLN A 331 -2.23 -50.86 28.50
N LEU A 332 -1.21 -50.02 28.68
CA LEU A 332 -0.11 -49.93 27.72
C LEU A 332 1.27 -50.25 28.30
N ASN A 333 1.91 -51.28 27.76
CA ASN A 333 3.03 -51.94 28.42
C ASN A 333 3.21 -51.54 29.90
N ILE A 337 -4.56 -46.16 31.15
CA ILE A 337 -4.57 -45.41 29.91
C ILE A 337 -5.92 -44.86 29.45
N GLU A 338 -6.96 -45.70 29.44
CA GLU A 338 -8.32 -45.24 29.11
C GLU A 338 -9.34 -46.16 29.78
N GLN A 339 -10.53 -45.64 30.11
CA GLN A 339 -11.59 -46.45 30.72
C GLN A 339 -13.03 -46.25 30.23
N ARG A 340 -13.75 -47.35 30.07
CA ARG A 340 -15.06 -47.32 29.41
C ARG A 340 -16.02 -48.31 30.10
N PRO A 341 -17.33 -48.05 30.03
CA PRO A 341 -18.21 -49.03 30.66
C PRO A 341 -18.03 -50.46 30.14
N LEU A 342 -18.21 -51.44 31.02
CA LEU A 342 -18.36 -52.82 30.57
C LEU A 342 -19.85 -53.16 30.59
N ILE A 343 -20.38 -53.52 29.44
CA ILE A 343 -21.81 -53.45 29.33
C ILE A 343 -22.37 -54.84 28.96
N VAL A 344 -23.60 -55.07 29.39
CA VAL A 344 -24.31 -56.32 29.09
C VAL A 344 -24.70 -56.23 27.63
N MET A 345 -24.50 -57.32 26.89
CA MET A 345 -24.71 -57.21 25.46
C MET A 345 -26.03 -57.84 25.05
N GLU A 346 -26.75 -58.45 25.99
CA GLU A 346 -28.03 -59.09 25.64
C GLU A 346 -28.92 -59.09 26.88
N ASN A 347 -30.23 -58.97 26.70
CA ASN A 347 -31.15 -59.05 27.84
C ASN A 347 -31.26 -60.44 28.46
N VAL A 348 -31.30 -60.49 29.79
CA VAL A 348 -31.64 -61.71 30.53
C VAL A 348 -32.69 -61.36 31.55
N GLU A 349 -33.89 -61.84 31.29
CA GLU A 349 -35.00 -61.72 32.23
C GLU A 349 -34.83 -62.61 33.46
N GLU A 350 -35.60 -62.30 34.51
CA GLU A 350 -35.77 -63.20 35.64
C GLU A 350 -36.38 -64.53 35.22
N GLY A 351 -35.89 -65.61 35.85
CA GLY A 351 -36.37 -66.96 35.60
C GLY A 351 -37.82 -67.08 36.04
N GLY A 352 -38.50 -68.13 35.60
CA GLY A 352 -39.93 -68.30 35.90
C GLY A 352 -40.42 -69.63 36.45
N GLU B 7 -2.40 -32.47 -31.62
CA GLU B 7 -1.58 -31.26 -31.35
C GLU B 7 -2.32 -30.22 -30.50
N ALA B 8 -3.45 -29.71 -30.97
CA ALA B 8 -4.25 -28.74 -30.24
C ALA B 8 -4.91 -29.33 -28.99
N PRO B 9 -4.61 -28.76 -27.81
CA PRO B 9 -5.21 -29.26 -26.57
C PRO B 9 -6.72 -29.16 -26.59
N SER B 10 -7.41 -30.20 -26.11
CA SER B 10 -8.86 -30.16 -26.02
C SER B 10 -9.18 -29.48 -24.70
N VAL B 11 -10.18 -28.60 -24.67
CA VAL B 11 -10.53 -27.98 -23.39
C VAL B 11 -12.03 -27.95 -23.17
N ASP B 12 -12.43 -28.20 -21.93
CA ASP B 12 -13.84 -28.32 -21.54
C ASP B 12 -14.38 -26.99 -21.04
N ALA B 13 -14.74 -26.12 -21.99
CA ALA B 13 -15.34 -24.84 -21.66
C ALA B 13 -16.03 -24.26 -22.89
N ARG B 14 -16.76 -23.17 -22.68
CA ARG B 14 -17.43 -22.52 -23.83
C ARG B 14 -16.49 -21.81 -24.77
N ALA B 15 -15.44 -21.20 -24.22
CA ALA B 15 -14.41 -20.55 -25.04
C ALA B 15 -13.12 -20.47 -24.28
N TRP B 16 -12.04 -20.31 -25.04
CA TRP B 16 -10.71 -20.22 -24.48
C TRP B 16 -9.70 -19.68 -25.47
N ILE B 17 -8.56 -19.26 -24.92
CA ILE B 17 -7.44 -18.83 -25.72
C ILE B 17 -6.16 -18.91 -24.88
N LEU B 18 -5.04 -19.14 -25.54
CA LEU B 18 -3.74 -19.14 -24.90
C LEU B 18 -2.83 -18.27 -25.76
N MET B 19 -2.22 -17.24 -25.18
CA MET B 19 -1.56 -16.23 -26.02
C MET B 19 -0.21 -15.93 -25.40
N ASP B 20 0.82 -15.73 -26.22
CA ASP B 20 2.11 -15.30 -25.67
C ASP B 20 2.08 -13.77 -25.44
N TYR B 21 2.57 -13.36 -24.30
CA TYR B 21 2.53 -11.99 -23.86
C TYR B 21 3.40 -11.10 -24.77
N ALA B 22 4.63 -11.51 -25.05
CA ALA B 22 5.56 -10.61 -25.74
C ALA B 22 5.27 -10.50 -27.25
N SER B 23 4.81 -11.57 -27.86
CA SER B 23 4.56 -11.55 -29.30
C SER B 23 3.10 -11.45 -29.74
N GLY B 24 2.18 -11.76 -28.84
CA GLY B 24 0.75 -11.78 -29.14
C GLY B 24 0.34 -13.04 -29.89
N LYS B 25 1.27 -13.96 -30.11
CA LYS B 25 0.92 -15.18 -30.82
C LYS B 25 -0.13 -15.94 -30.04
N VAL B 26 -1.20 -16.29 -30.75
CA VAL B 26 -2.20 -17.21 -30.21
C VAL B 26 -1.82 -18.64 -30.42
N LEU B 27 -1.61 -19.38 -29.32
CA LEU B 27 -1.08 -20.74 -29.40
C LEU B 27 -2.19 -21.79 -29.47
N ALA B 28 -3.32 -21.47 -28.86
CA ALA B 28 -4.48 -22.36 -28.81
C ALA B 28 -5.71 -21.50 -28.58
N GLU B 29 -6.85 -21.95 -29.09
CA GLU B 29 -8.07 -21.16 -28.99
C GLU B 29 -9.28 -22.04 -29.29
N GLY B 30 -10.42 -21.69 -28.71
CA GLY B 30 -11.68 -22.27 -29.18
C GLY B 30 -12.78 -21.25 -28.97
N ASN B 31 -13.58 -21.00 -30.00
CA ASN B 31 -14.63 -19.97 -29.92
C ASN B 31 -14.20 -18.61 -29.36
N ALA B 32 -13.02 -18.16 -29.74
CA ALA B 32 -12.35 -17.08 -29.00
C ALA B 32 -12.86 -15.70 -29.38
N ASP B 33 -13.77 -15.68 -30.37
CA ASP B 33 -14.47 -14.46 -30.78
C ASP B 33 -15.95 -14.45 -30.45
N GLU B 34 -16.41 -15.51 -29.79
CA GLU B 34 -17.79 -15.59 -29.34
C GLU B 34 -18.06 -14.68 -28.15
N LYS B 35 -19.11 -13.86 -28.28
CA LYS B 35 -19.54 -12.95 -27.23
C LYS B 35 -20.16 -13.66 -26.04
N LEU B 36 -19.61 -13.43 -24.84
CA LEU B 36 -20.05 -14.17 -23.66
C LEU B 36 -20.00 -13.23 -22.44
N ASP B 37 -20.68 -13.60 -21.38
CA ASP B 37 -20.73 -12.71 -20.19
C ASP B 37 -19.37 -12.77 -19.50
N PRO B 38 -18.76 -11.59 -19.22
CA PRO B 38 -17.44 -11.65 -18.58
C PRO B 38 -17.49 -11.78 -17.05
N ALA B 39 -18.64 -11.45 -16.45
CA ALA B 39 -18.81 -11.41 -14.99
C ALA B 39 -17.69 -10.55 -14.39
N SER B 40 -17.12 -10.97 -13.26
CA SER B 40 -16.00 -10.22 -12.67
C SER B 40 -14.76 -10.01 -13.51
N LEU B 41 -14.63 -10.63 -14.70
CA LEU B 41 -13.51 -10.25 -15.55
C LEU B 41 -13.59 -8.79 -16.00
N THR B 42 -14.77 -8.19 -15.95
CA THR B 42 -14.96 -6.77 -16.22
C THR B 42 -14.06 -5.95 -15.29
N LYS B 43 -13.86 -6.43 -14.09
CA LYS B 43 -12.95 -5.77 -13.12
C LYS B 43 -11.50 -5.69 -13.56
N ILE B 44 -11.10 -6.50 -14.55
CA ILE B 44 -9.81 -6.21 -15.20
C ILE B 44 -9.77 -4.81 -15.84
N MET B 45 -10.83 -4.47 -16.59
CA MET B 45 -10.95 -3.12 -17.14
C MET B 45 -11.08 -2.03 -16.06
N THR B 46 -11.80 -2.32 -14.99
CA THR B 46 -11.95 -1.31 -13.93
C THR B 46 -10.56 -1.03 -13.34
N SER B 47 -9.79 -2.09 -13.11
CA SER B 47 -8.44 -1.86 -12.61
C SER B 47 -7.48 -1.23 -13.65
N TYR B 48 -7.67 -1.52 -14.93
CA TYR B 48 -6.97 -0.84 -16.02
C TYR B 48 -7.15 0.67 -15.97
N VAL B 49 -8.40 1.11 -15.82
CA VAL B 49 -8.66 2.55 -15.81
C VAL B 49 -8.10 3.21 -14.54
N VAL B 50 -8.36 2.56 -13.41
CA VAL B 50 -7.81 3.06 -12.13
C VAL B 50 -6.27 3.13 -12.22
N GLY B 51 -5.65 2.07 -12.73
CA GLY B 51 -4.23 2.05 -13.03
C GLY B 51 -3.76 3.24 -13.88
N GLN B 52 -4.55 3.62 -14.89
CA GLN B 52 -4.16 4.73 -15.73
C GLN B 52 -4.26 6.03 -14.95
N ALA B 53 -5.30 6.16 -14.13
CA ALA B 53 -5.51 7.41 -13.37
C ALA B 53 -4.37 7.57 -12.38
N LEU B 54 -3.93 6.46 -11.78
CA LEU B 54 -2.77 6.49 -10.89
C LEU B 54 -1.50 6.85 -11.64
N LYS B 55 -1.25 6.18 -12.76
CA LYS B 55 -0.06 6.42 -13.57
C LYS B 55 0.02 7.87 -14.03
N ALA B 56 -1.12 8.49 -14.30
CA ALA B 56 -1.16 9.85 -14.80
C ALA B 56 -1.14 10.82 -13.63
N ASP B 57 -0.97 10.28 -12.42
CA ASP B 57 -1.07 11.06 -11.19
C ASP B 57 -2.34 11.90 -11.05
N LYS B 58 -3.47 11.44 -11.56
CA LYS B 58 -4.72 12.14 -11.26
C LYS B 58 -5.32 11.73 -9.90
N ILE B 59 -4.94 10.55 -9.41
CA ILE B 59 -5.26 10.08 -8.07
C ILE B 59 -3.99 9.49 -7.47
N LYS B 60 -3.95 9.41 -6.14
CA LYS B 60 -2.89 8.75 -5.38
C LYS B 60 -3.46 7.60 -4.55
N LEU B 61 -2.66 6.56 -4.30
CA LEU B 61 -3.04 5.50 -3.36
C LEU B 61 -3.44 6.02 -1.97
N THR B 62 -2.86 7.14 -1.53
CA THR B 62 -3.15 7.68 -0.20
C THR B 62 -4.40 8.57 -0.23
N ASP B 63 -5.00 8.84 -1.39
CA ASP B 63 -6.22 9.68 -1.39
C ASP B 63 -7.38 9.06 -0.60
N MET B 64 -8.17 9.89 0.07
CA MET B 64 -9.31 9.37 0.80
C MET B 64 -10.57 9.57 -0.01
N VAL B 65 -11.38 8.52 -0.07
CA VAL B 65 -12.56 8.50 -0.91
C VAL B 65 -13.77 8.38 -0.01
N THR B 66 -14.76 9.21 -0.26
CA THR B 66 -16.03 9.13 0.46
C THR B 66 -17.06 8.22 -0.21
N VAL B 67 -17.68 7.35 0.59
CA VAL B 67 -18.54 6.33 -0.01
C VAL B 67 -19.95 6.87 -0.15
N GLY B 68 -20.49 6.80 -1.36
CA GLY B 68 -21.85 7.29 -1.62
C GLY B 68 -22.88 6.19 -1.36
N LYS B 69 -24.14 6.58 -1.30
CA LYS B 69 -25.25 5.64 -1.19
C LYS B 69 -25.22 4.62 -2.33
N ASP B 70 -24.85 5.12 -3.50
CA ASP B 70 -24.18 4.40 -4.57
C ASP B 70 -23.66 3.00 -4.24
N ALA B 71 -22.82 2.96 -3.21
CA ALA B 71 -21.85 1.88 -3.13
C ALA B 71 -22.23 1.11 -1.88
N TRP B 72 -23.47 1.33 -1.44
CA TRP B 72 -23.94 0.70 -0.22
C TRP B 72 -24.58 -0.63 -0.58
N ALA B 73 -23.87 -1.70 -0.25
CA ALA B 73 -24.24 -3.07 -0.61
C ALA B 73 -25.72 -3.29 -0.34
N THR B 74 -26.08 -3.17 0.93
CA THR B 74 -27.48 -3.20 1.31
C THR B 74 -28.26 -2.32 0.34
N GLY B 75 -28.31 -1.01 0.58
CA GLY B 75 -28.88 -0.04 -0.36
C GLY B 75 -29.11 -0.54 -1.79
N ASN B 76 -28.31 -0.04 -2.74
CA ASN B 76 -28.16 -0.65 -4.06
C ASN B 76 -28.58 -2.13 -4.16
N PRO B 77 -29.80 -2.41 -4.64
CA PRO B 77 -30.23 -3.80 -4.63
C PRO B 77 -29.34 -4.73 -5.42
N ALA B 78 -28.74 -4.24 -6.51
CA ALA B 78 -27.95 -5.13 -7.36
C ALA B 78 -26.71 -5.64 -6.64
N LEU B 79 -26.31 -4.97 -5.56
CA LEU B 79 -25.14 -5.40 -4.82
C LEU B 79 -25.46 -6.58 -3.91
N ARG B 80 -26.71 -6.69 -3.46
CA ARG B 80 -27.09 -7.60 -2.39
C ARG B 80 -26.72 -9.06 -2.62
N GLY B 81 -25.90 -9.61 -1.73
CA GLY B 81 -25.47 -11.00 -1.84
C GLY B 81 -24.12 -11.20 -2.51
N SER B 82 -23.62 -10.14 -3.16
CA SER B 82 -22.41 -10.29 -3.99
C SER B 82 -21.19 -9.98 -3.12
N SER B 83 -20.00 -10.23 -3.61
CA SER B 83 -18.84 -10.02 -2.75
C SER B 83 -18.68 -8.53 -2.59
N VAL B 84 -18.33 -8.12 -1.38
CA VAL B 84 -18.52 -6.74 -1.01
C VAL B 84 -17.54 -6.47 0.13
N MET B 85 -16.93 -5.30 0.12
CA MET B 85 -16.20 -4.79 1.29
C MET B 85 -17.09 -4.31 2.43
N PHE B 86 -18.39 -4.25 2.21
CA PHE B 86 -19.31 -3.84 3.28
C PHE B 86 -19.23 -2.35 3.59
N LEU B 87 -19.03 -1.53 2.55
CA LEU B 87 -18.94 -0.09 2.72
C LEU B 87 -20.31 0.46 3.05
N LYS B 88 -20.36 1.45 3.94
CA LYS B 88 -21.58 2.22 4.21
C LYS B 88 -21.45 3.68 3.78
N PRO B 89 -22.57 4.32 3.40
CA PRO B 89 -22.50 5.73 3.03
C PRO B 89 -21.74 6.54 4.08
N GLY B 90 -20.91 7.50 3.65
CA GLY B 90 -20.14 8.32 4.59
C GLY B 90 -18.80 7.78 5.03
N ASP B 91 -18.62 6.46 4.93
CA ASP B 91 -17.33 5.82 5.12
C ASP B 91 -16.27 6.58 4.34
N GLN B 92 -15.06 6.67 4.88
CA GLN B 92 -13.93 7.13 4.10
C GLN B 92 -12.86 6.04 4.01
N VAL B 93 -12.43 5.75 2.78
CA VAL B 93 -11.58 4.59 2.50
C VAL B 93 -10.50 5.04 1.53
N SER B 94 -9.26 4.65 1.79
CA SER B 94 -8.17 5.03 0.89
C SER B 94 -8.37 4.40 -0.47
N VAL B 95 -7.87 5.08 -1.50
CA VAL B 95 -7.81 4.50 -2.84
C VAL B 95 -7.06 3.18 -2.80
N ALA B 96 -5.97 3.12 -2.01
CA ALA B 96 -5.28 1.85 -1.82
C ALA B 96 -6.17 0.68 -1.39
N ASP B 97 -7.06 0.89 -0.43
CA ASP B 97 -7.88 -0.19 0.07
C ASP B 97 -8.98 -0.54 -0.92
N LEU B 98 -9.65 0.48 -1.47
CA LEU B 98 -10.64 0.25 -2.53
C LEU B 98 -10.03 -0.51 -3.69
N ASN B 99 -8.85 -0.09 -4.11
CA ASN B 99 -8.12 -0.71 -5.22
C ASN B 99 -7.83 -2.18 -4.95
N LYS B 100 -7.37 -2.49 -3.72
CA LYS B 100 -7.21 -3.88 -3.32
C LYS B 100 -8.54 -4.63 -3.25
N GLY B 101 -9.60 -3.94 -2.86
CA GLY B 101 -10.92 -4.52 -2.70
C GLY B 101 -11.39 -5.01 -4.07
N VAL B 102 -11.19 -4.17 -5.08
CA VAL B 102 -11.47 -4.52 -6.47
C VAL B 102 -10.66 -5.71 -6.94
N ILE B 103 -9.35 -5.66 -6.74
CA ILE B 103 -8.43 -6.55 -7.44
C ILE B 103 -8.41 -7.90 -6.72
N ILE B 104 -8.33 -7.87 -5.39
CA ILE B 104 -8.11 -9.13 -4.67
C ILE B 104 -9.42 -9.82 -4.32
N GLN B 105 -10.39 -9.06 -3.81
CA GLN B 105 -11.68 -9.57 -3.35
C GLN B 105 -12.79 -9.45 -4.41
N SER B 106 -12.55 -8.73 -5.50
CA SER B 106 -13.65 -8.42 -6.43
C SER B 106 -14.81 -7.77 -5.71
N GLY B 107 -14.51 -6.85 -4.80
CA GLY B 107 -15.59 -6.11 -4.16
C GLY B 107 -16.39 -5.25 -5.13
N ASN B 108 -17.67 -5.57 -5.27
CA ASN B 108 -18.56 -4.83 -6.17
C ASN B 108 -18.86 -3.42 -5.73
N ASP B 109 -18.92 -3.23 -4.42
CA ASP B 109 -19.07 -1.92 -3.81
C ASP B 109 -17.83 -1.04 -3.93
N ALA B 110 -16.66 -1.62 -3.76
CA ALA B 110 -15.38 -0.97 -4.04
C ALA B 110 -15.28 -0.45 -5.46
N CYS B 111 -15.79 -1.19 -6.46
CA CYS B 111 -15.80 -0.71 -7.83
C CYS B 111 -16.55 0.59 -7.98
N ILE B 112 -17.75 0.64 -7.37
CA ILE B 112 -18.57 1.82 -7.51
C ILE B 112 -17.91 3.01 -6.80
N ALA B 113 -17.43 2.83 -5.56
CA ALA B 113 -16.88 3.98 -4.82
C ALA B 113 -15.71 4.59 -5.60
N LEU B 114 -14.89 3.71 -6.16
CA LEU B 114 -13.68 4.11 -6.87
C LEU B 114 -14.01 4.66 -8.26
N ALA B 115 -14.99 4.07 -8.97
CA ALA B 115 -15.51 4.70 -10.19
C ALA B 115 -15.96 6.14 -9.98
N ASP B 116 -16.76 6.36 -8.94
CA ASP B 116 -17.31 7.70 -8.71
C ASP B 116 -16.15 8.65 -8.42
N TYR B 117 -15.11 8.13 -7.78
CA TYR B 117 -13.97 8.97 -7.43
C TYR B 117 -13.12 9.31 -8.64
N VAL B 118 -12.81 8.33 -9.49
CA VAL B 118 -12.00 8.55 -10.68
C VAL B 118 -12.71 9.45 -11.70
N ALA B 119 -14.01 9.19 -11.93
CA ALA B 119 -14.71 9.71 -13.10
C ALA B 119 -15.91 10.60 -12.78
N GLY B 120 -16.29 10.68 -11.52
CA GLY B 120 -17.44 11.48 -11.14
C GLY B 120 -18.68 10.63 -10.96
N SER B 121 -18.84 9.58 -11.76
CA SER B 121 -20.05 8.77 -11.66
C SER B 121 -19.82 7.45 -12.40
N GLN B 122 -20.70 6.49 -12.16
CA GLN B 122 -20.55 5.19 -12.80
C GLN B 122 -20.65 5.34 -14.31
N GLU B 123 -21.66 6.07 -14.78
CA GLU B 123 -21.81 6.32 -16.22
C GLU B 123 -20.58 6.93 -16.91
N SER B 124 -19.97 7.97 -16.32
CA SER B 124 -18.73 8.45 -16.91
C SER B 124 -17.63 7.40 -16.89
N PHE B 125 -17.49 6.69 -15.77
CA PHE B 125 -16.42 5.70 -15.69
C PHE B 125 -16.64 4.65 -16.79
N ILE B 126 -17.87 4.17 -16.95
CA ILE B 126 -18.16 3.21 -18.01
C ILE B 126 -17.77 3.74 -19.41
N GLY B 127 -18.00 5.03 -19.65
CA GLY B 127 -17.50 5.70 -20.84
C GLY B 127 -16.01 5.49 -21.04
N LEU B 128 -15.26 5.60 -19.95
CA LEU B 128 -13.81 5.51 -20.01
C LEU B 128 -13.45 4.05 -20.29
N MET B 129 -14.17 3.14 -19.66
CA MET B 129 -13.95 1.71 -19.91
C MET B 129 -14.15 1.38 -21.40
N ASN B 130 -15.22 1.89 -21.98
CA ASN B 130 -15.42 1.67 -23.42
C ASN B 130 -14.48 2.43 -24.35
N GLY B 131 -13.99 3.58 -23.91
CA GLY B 131 -12.92 4.26 -24.66
C GLY B 131 -11.69 3.40 -24.73
N TYR B 132 -11.30 2.75 -23.64
CA TYR B 132 -10.10 1.92 -23.70
C TYR B 132 -10.37 0.65 -24.46
N ALA B 133 -11.60 0.13 -24.39
CA ALA B 133 -11.94 -1.07 -25.15
C ALA B 133 -11.66 -0.81 -26.63
N LYS B 134 -12.06 0.36 -27.12
N LYS B 134 -12.07 0.36 -27.12
CA LYS B 134 -11.75 0.75 -28.49
CA LYS B 134 -11.75 0.73 -28.50
C LYS B 134 -10.25 1.01 -28.74
C LYS B 134 -10.26 1.00 -28.73
N LYS B 135 -9.59 1.73 -27.85
CA LYS B 135 -8.19 2.04 -28.06
C LYS B 135 -7.37 0.74 -28.12
N LEU B 136 -7.79 -0.26 -27.35
CA LEU B 136 -6.99 -1.49 -27.24
C LEU B 136 -7.43 -2.52 -28.30
N GLY B 137 -8.36 -2.16 -29.18
CA GLY B 137 -8.77 -3.13 -30.21
C GLY B 137 -9.62 -4.27 -29.70
N LEU B 138 -10.40 -4.00 -28.65
CA LEU B 138 -11.26 -5.02 -28.06
C LEU B 138 -12.57 -5.00 -28.86
N THR B 139 -12.53 -5.52 -30.07
CA THR B 139 -13.57 -5.17 -31.04
C THR B 139 -14.93 -5.77 -30.71
N ASN B 140 -14.92 -6.85 -29.93
CA ASN B 140 -16.13 -7.57 -29.57
C ASN B 140 -16.43 -7.43 -28.07
N THR B 141 -16.05 -6.29 -27.49
CA THR B 141 -16.32 -6.03 -26.08
C THR B 141 -17.12 -4.75 -25.82
N THR B 142 -18.19 -4.85 -25.02
N THR B 142 -18.15 -4.85 -24.98
CA THR B 142 -18.92 -3.69 -24.51
CA THR B 142 -18.90 -3.70 -24.51
C THR B 142 -19.15 -3.80 -23.00
C THR B 142 -19.19 -3.78 -23.00
N PHE B 143 -18.79 -2.74 -22.28
CA PHE B 143 -19.05 -2.66 -20.83
C PHE B 143 -20.27 -1.80 -20.54
N GLN B 144 -21.10 -2.31 -19.64
CA GLN B 144 -22.32 -1.61 -19.18
C GLN B 144 -22.31 -1.32 -17.68
N THR B 145 -21.33 -1.83 -16.93
CA THR B 145 -21.32 -1.67 -15.48
C THR B 145 -19.86 -1.47 -15.08
N VAL B 146 -19.58 -0.93 -13.90
CA VAL B 146 -18.20 -0.88 -13.38
C VAL B 146 -17.69 -2.16 -12.70
N HIS B 147 -18.56 -3.18 -12.52
CA HIS B 147 -18.27 -4.34 -11.68
C HIS B 147 -18.57 -5.68 -12.38
N GLY B 148 -19.25 -5.63 -13.53
CA GLY B 148 -19.63 -6.82 -14.29
C GLY B 148 -20.82 -7.59 -13.72
N LEU B 149 -21.53 -7.00 -12.76
CA LEU B 149 -22.79 -7.61 -12.35
C LEU B 149 -23.73 -7.58 -13.54
N ASP B 150 -24.63 -8.56 -13.62
CA ASP B 150 -25.13 -8.94 -14.92
C ASP B 150 -25.94 -7.77 -15.46
N ALA B 151 -25.78 -7.50 -16.75
CA ALA B 151 -26.43 -6.36 -17.37
C ALA B 151 -26.72 -6.68 -18.83
N PRO B 152 -27.80 -6.11 -19.38
CA PRO B 152 -28.24 -6.52 -20.72
C PRO B 152 -27.17 -6.49 -21.81
N GLY B 153 -26.57 -5.35 -22.09
CA GLY B 153 -25.79 -5.25 -23.33
C GLY B 153 -24.30 -5.44 -23.12
N GLN B 154 -23.91 -6.41 -22.31
CA GLN B 154 -22.54 -6.48 -21.79
C GLN B 154 -21.93 -7.81 -22.20
N PHE B 155 -20.79 -7.77 -22.87
N PHE B 155 -20.78 -7.76 -22.88
CA PHE B 155 -20.16 -8.97 -23.41
CA PHE B 155 -20.16 -8.97 -23.42
C PHE B 155 -18.67 -8.72 -23.61
C PHE B 155 -18.68 -8.72 -23.57
N SER B 156 -17.91 -9.80 -23.58
CA SER B 156 -16.54 -9.70 -24.11
C SER B 156 -16.25 -11.06 -24.76
N THR B 157 -15.00 -11.33 -25.13
CA THR B 157 -14.67 -12.61 -25.78
C THR B 157 -13.39 -13.17 -25.19
N ALA B 158 -13.09 -14.44 -25.45
CA ALA B 158 -11.80 -14.88 -24.94
C ALA B 158 -10.60 -14.09 -25.47
N ARG B 159 -10.62 -13.80 -26.77
CA ARG B 159 -9.50 -13.08 -27.39
C ARG B 159 -9.38 -11.68 -26.80
N ASP B 160 -10.51 -11.01 -26.60
CA ASP B 160 -10.42 -9.62 -26.11
C ASP B 160 -9.97 -9.59 -24.67
N MET B 161 -10.33 -10.60 -23.90
CA MET B 161 -9.90 -10.64 -22.48
C MET B 161 -8.42 -10.96 -22.41
N ALA B 162 -7.92 -11.77 -23.34
CA ALA B 162 -6.47 -11.91 -23.45
C ALA B 162 -5.74 -10.60 -23.82
N LEU B 163 -6.24 -9.89 -24.82
CA LEU B 163 -5.65 -8.61 -25.25
C LEU B 163 -5.68 -7.62 -24.09
N LEU B 164 -6.78 -7.64 -23.33
CA LEU B 164 -6.95 -6.72 -22.22
C LEU B 164 -6.02 -7.04 -21.06
N GLY B 165 -5.92 -8.31 -20.69
CA GLY B 165 -4.90 -8.72 -19.72
C GLY B 165 -3.46 -8.40 -20.12
N LYS B 166 -3.13 -8.58 -21.39
CA LYS B 166 -1.81 -8.22 -21.90
C LYS B 166 -1.57 -6.73 -21.76
N ALA B 167 -2.60 -5.92 -22.01
CA ALA B 167 -2.47 -4.46 -21.82
C ALA B 167 -2.28 -4.06 -20.36
N LEU B 168 -3.01 -4.74 -19.48
CA LEU B 168 -2.94 -4.49 -18.05
C LEU B 168 -1.51 -4.76 -17.58
N ILE B 169 -0.99 -5.91 -17.97
CA ILE B 169 0.39 -6.28 -17.61
C ILE B 169 1.41 -5.27 -18.13
N HIS B 170 1.24 -4.87 -19.38
CA HIS B 170 2.22 -4.04 -20.07
C HIS B 170 2.11 -2.59 -19.62
N ASP B 171 0.88 -2.08 -19.50
CA ASP B 171 0.59 -0.65 -19.44
C ASP B 171 0.56 -0.11 -17.99
N VAL B 172 0.09 -0.93 -17.06
CA VAL B 172 -0.04 -0.50 -15.68
C VAL B 172 0.50 -1.53 -14.74
N PRO B 173 1.82 -1.75 -14.81
CA PRO B 173 2.42 -2.92 -14.16
C PRO B 173 2.24 -2.88 -12.66
N GLU B 174 2.10 -1.69 -12.08
CA GLU B 174 1.91 -1.60 -10.63
C GLU B 174 0.53 -2.13 -10.23
N GLU B 175 -0.44 -1.90 -11.11
CA GLU B 175 -1.76 -2.44 -10.87
C GLU B 175 -1.73 -3.95 -11.06
N TYR B 176 -1.02 -4.41 -12.09
CA TYR B 176 -0.88 -5.84 -12.31
C TYR B 176 -0.28 -6.57 -11.10
N ALA B 177 0.71 -5.91 -10.49
CA ALA B 177 1.42 -6.45 -9.33
C ALA B 177 0.51 -6.88 -8.18
N ILE B 178 -0.61 -6.18 -7.99
CA ILE B 178 -1.58 -6.45 -6.94
C ILE B 178 -2.37 -7.74 -7.14
N HIS B 179 -2.48 -8.15 -8.41
CA HIS B 179 -3.28 -9.31 -8.76
C HIS B 179 -2.71 -10.64 -8.26
N LYS B 180 -1.46 -10.60 -7.82
CA LYS B 180 -0.75 -11.74 -7.21
C LYS B 180 -1.13 -11.97 -5.73
N GLU B 181 -1.73 -10.98 -5.07
CA GLU B 181 -1.82 -10.96 -3.62
C GLU B 181 -2.93 -11.95 -3.22
N LYS B 182 -2.60 -12.90 -2.33
CA LYS B 182 -3.50 -14.00 -1.94
C LYS B 182 -4.61 -13.61 -0.97
N GLU B 183 -4.40 -12.51 -0.25
CA GLU B 183 -5.29 -12.19 0.84
C GLU B 183 -5.44 -10.69 0.95
N PHE B 184 -6.63 -10.25 1.37
CA PHE B 184 -6.79 -8.85 1.70
C PHE B 184 -7.62 -8.69 2.98
N THR B 185 -7.08 -7.95 3.94
CA THR B 185 -7.85 -7.68 5.16
C THR B 185 -8.27 -6.22 5.27
N PHE B 186 -9.58 -6.03 5.46
CA PHE B 186 -10.16 -4.71 5.63
C PHE B 186 -11.16 -4.71 6.78
N ASN B 187 -10.98 -3.76 7.69
CA ASN B 187 -11.88 -3.65 8.84
C ASN B 187 -12.02 -5.01 9.54
N LYS B 188 -10.87 -5.64 9.76
CA LYS B 188 -10.75 -6.88 10.52
C LYS B 188 -11.27 -8.16 9.88
N ILE B 189 -11.66 -8.08 8.61
CA ILE B 189 -12.14 -9.27 7.92
C ILE B 189 -11.24 -9.61 6.73
N ARG B 190 -10.69 -10.84 6.71
CA ARG B 190 -9.78 -11.22 5.66
C ARG B 190 -10.58 -11.97 4.59
N GLN B 191 -10.29 -11.65 3.33
CA GLN B 191 -10.95 -12.31 2.21
C GLN B 191 -9.86 -12.80 1.27
N PRO B 192 -10.04 -14.02 0.75
CA PRO B 192 -8.96 -14.57 -0.03
C PRO B 192 -9.12 -14.17 -1.51
N ASN B 193 -8.01 -14.12 -2.24
CA ASN B 193 -8.11 -14.02 -3.68
C ASN B 193 -8.71 -15.37 -4.11
N ARG B 194 -9.75 -15.40 -4.94
CA ARG B 194 -10.34 -16.66 -5.44
C ARG B 194 -9.59 -17.35 -6.57
N ASN B 195 -8.55 -16.71 -7.09
CA ASN B 195 -7.67 -17.35 -8.07
C ASN B 195 -6.81 -18.42 -7.46
N ARG B 196 -7.30 -19.65 -7.54
CA ARG B 196 -6.62 -20.77 -6.92
C ARG B 196 -5.26 -21.07 -7.55
N LEU B 197 -5.04 -20.72 -8.82
CA LEU B 197 -3.73 -20.97 -9.44
C LEU B 197 -2.58 -20.22 -8.79
N LEU B 198 -2.87 -19.16 -8.04
CA LEU B 198 -1.77 -18.50 -7.31
C LEU B 198 -1.08 -19.44 -6.30
N TRP B 199 -1.80 -20.49 -5.89
CA TRP B 199 -1.27 -21.46 -4.91
C TRP B 199 -0.58 -22.63 -5.60
N SER B 200 -0.54 -22.64 -6.94
CA SER B 200 -0.03 -23.74 -7.72
C SER B 200 1.43 -23.99 -7.40
N SER B 201 1.78 -25.27 -7.21
CA SER B 201 3.17 -25.71 -7.11
C SER B 201 3.82 -25.78 -8.49
N ASN B 202 3.03 -26.15 -9.49
CA ASN B 202 3.57 -26.54 -10.79
C ASN B 202 3.87 -25.39 -11.77
N LEU B 203 3.13 -24.29 -11.64
CA LEU B 203 3.29 -23.06 -12.44
C LEU B 203 3.59 -21.87 -11.53
N ASN B 204 4.38 -20.92 -12.03
CA ASN B 204 4.40 -19.59 -11.42
C ASN B 204 3.31 -18.70 -12.00
N VAL B 205 2.15 -18.64 -11.34
CA VAL B 205 1.01 -17.87 -11.87
C VAL B 205 0.91 -16.61 -11.04
N ASP B 206 0.81 -15.42 -11.65
CA ASP B 206 0.72 -14.21 -10.84
C ASP B 206 -0.49 -13.34 -11.15
N GLY B 207 -1.54 -13.95 -11.73
CA GLY B 207 -2.68 -13.18 -12.15
C GLY B 207 -3.64 -14.22 -12.78
N MET B 208 -4.89 -13.81 -12.97
CA MET B 208 -5.24 -12.40 -12.92
C MET B 208 -6.62 -12.15 -12.32
N LYS B 209 -7.64 -12.88 -12.81
CA LYS B 209 -8.99 -12.59 -12.35
C LYS B 209 -9.93 -13.75 -12.63
N THR B 210 -10.76 -14.07 -11.63
CA THR B 210 -11.82 -15.07 -11.74
C THR B 210 -13.17 -14.36 -11.86
N GLY B 211 -14.17 -15.04 -12.41
CA GLY B 211 -15.54 -14.52 -12.40
C GLY B 211 -16.50 -15.67 -12.64
N THR B 212 -17.76 -15.54 -12.19
CA THR B 212 -18.79 -16.56 -12.39
C THR B 212 -20.07 -15.88 -12.88
N THR B 213 -20.54 -16.28 -14.05
CA THR B 213 -21.76 -15.72 -14.65
C THR B 213 -23.01 -16.08 -13.85
N ALA B 214 -24.04 -15.26 -13.94
CA ALA B 214 -25.32 -15.56 -13.31
C ALA B 214 -25.93 -16.83 -13.88
N GLY B 215 -25.45 -17.30 -15.03
CA GLY B 215 -25.79 -18.63 -15.54
C GLY B 215 -24.84 -19.75 -15.14
N ALA B 216 -24.04 -19.51 -14.10
CA ALA B 216 -23.17 -20.56 -13.55
C ALA B 216 -22.06 -21.02 -14.49
N GLY B 217 -21.59 -20.09 -15.32
CA GLY B 217 -20.35 -20.29 -16.07
C GLY B 217 -19.20 -19.68 -15.29
N TYR B 218 -18.09 -20.43 -15.18
CA TYR B 218 -16.92 -20.05 -14.40
C TYR B 218 -15.81 -19.61 -15.37
N ASN B 219 -15.29 -18.40 -15.13
CA ASN B 219 -14.32 -17.76 -16.01
C ASN B 219 -13.01 -17.55 -15.25
N LEU B 220 -11.89 -17.61 -15.98
CA LEU B 220 -10.58 -17.17 -15.45
C LEU B 220 -9.72 -16.56 -16.55
N VAL B 221 -9.11 -15.42 -16.21
CA VAL B 221 -7.96 -14.98 -16.96
C VAL B 221 -6.74 -15.27 -16.08
N ALA B 222 -5.76 -15.97 -16.63
CA ALA B 222 -4.58 -16.33 -15.83
C ALA B 222 -3.32 -15.92 -16.59
N SER B 223 -2.26 -15.60 -15.85
CA SER B 223 -0.98 -15.40 -16.51
C SER B 223 0.12 -16.03 -15.70
N ALA B 224 1.09 -16.60 -16.41
CA ALA B 224 2.18 -17.37 -15.81
C ALA B 224 3.51 -17.07 -16.50
N THR B 225 4.64 -17.35 -15.83
CA THR B 225 5.94 -17.01 -16.40
C THR B 225 6.80 -18.24 -16.17
N GLN B 226 7.72 -18.44 -17.10
CA GLN B 226 8.71 -19.50 -17.03
C GLN B 226 9.94 -18.95 -17.73
N GLY B 227 10.96 -18.67 -16.93
CA GLY B 227 12.07 -17.83 -17.36
C GLY B 227 11.66 -16.52 -18.00
N ASP B 228 11.90 -16.44 -19.30
CA ASP B 228 11.81 -15.23 -20.11
C ASP B 228 10.35 -15.01 -20.51
N MET B 229 9.58 -16.08 -20.46
CA MET B 229 8.41 -16.22 -21.32
C MET B 229 7.17 -16.04 -20.44
N ARG B 230 6.18 -15.25 -20.88
CA ARG B 230 4.94 -15.08 -20.15
C ARG B 230 3.77 -15.50 -21.06
N LEU B 231 2.88 -16.36 -20.56
CA LEU B 231 1.65 -16.78 -21.27
C LEU B 231 0.43 -16.21 -20.56
N ILE B 232 -0.62 -15.93 -21.31
CA ILE B 232 -1.89 -15.46 -20.79
C ILE B 232 -2.90 -16.48 -21.31
N SER B 233 -3.73 -16.97 -20.40
CA SER B 233 -4.79 -17.91 -20.75
C SER B 233 -6.16 -17.35 -20.37
N VAL B 234 -7.17 -17.62 -21.19
CA VAL B 234 -8.51 -17.25 -20.79
C VAL B 234 -9.39 -18.52 -20.94
N VAL B 235 -10.20 -18.78 -19.94
CA VAL B 235 -11.21 -19.85 -20.07
C VAL B 235 -12.53 -19.21 -19.71
N LEU B 236 -13.54 -19.30 -20.59
CA LEU B 236 -14.85 -18.75 -20.31
C LEU B 236 -15.91 -19.83 -20.24
N GLY B 237 -16.80 -19.71 -19.25
CA GLY B 237 -17.99 -20.54 -19.15
C GLY B 237 -17.62 -22.00 -18.93
N ALA B 238 -16.65 -22.29 -18.09
CA ALA B 238 -16.49 -23.68 -17.63
C ALA B 238 -17.64 -24.08 -16.68
N LYS B 239 -17.94 -25.38 -16.58
CA LYS B 239 -19.10 -25.86 -15.81
C LYS B 239 -18.87 -25.78 -14.30
N THR B 240 -17.64 -26.01 -13.88
CA THR B 240 -17.32 -25.90 -12.45
C THR B 240 -16.08 -25.10 -12.14
N ASP B 241 -15.95 -24.73 -10.87
CA ASP B 241 -14.74 -24.12 -10.32
C ASP B 241 -13.48 -24.95 -10.58
N ARG B 242 -13.56 -26.26 -10.38
CA ARG B 242 -12.41 -27.15 -10.57
C ARG B 242 -11.95 -27.23 -12.02
N ILE B 243 -12.93 -27.33 -12.92
CA ILE B 243 -12.67 -27.37 -14.34
C ILE B 243 -12.06 -26.04 -14.83
N ARG B 244 -12.56 -24.94 -14.30
CA ARG B 244 -11.99 -23.63 -14.62
C ARG B 244 -10.48 -23.67 -14.37
N PHE B 245 -10.05 -24.09 -13.19
CA PHE B 245 -8.63 -24.04 -12.84
C PHE B 245 -7.84 -25.10 -13.54
N ASN B 246 -8.43 -26.29 -13.62
CA ASN B 246 -7.76 -27.41 -14.25
C ASN B 246 -7.49 -27.19 -15.73
N GLU B 247 -8.48 -26.70 -16.49
CA GLU B 247 -8.24 -26.41 -17.91
C GLU B 247 -7.25 -25.26 -18.12
N SER B 248 -7.31 -24.26 -17.28
CA SER B 248 -6.31 -23.18 -17.37
C SER B 248 -4.88 -23.66 -17.10
N GLU B 249 -4.66 -24.40 -16.02
CA GLU B 249 -3.35 -25.03 -15.81
C GLU B 249 -2.88 -25.91 -16.96
N LYS B 250 -3.82 -26.68 -17.53
CA LYS B 250 -3.48 -27.54 -18.65
C LYS B 250 -2.96 -26.76 -19.86
N LEU B 251 -3.65 -25.69 -20.23
CA LEU B 251 -3.24 -24.85 -21.32
C LEU B 251 -1.88 -24.19 -21.09
N LEU B 252 -1.71 -23.60 -19.91
CA LEU B 252 -0.46 -22.88 -19.59
C LEU B 252 0.74 -23.82 -19.63
N THR B 253 0.55 -25.03 -19.11
CA THR B 253 1.61 -26.04 -19.05
C THR B 253 1.98 -26.50 -20.45
N TRP B 254 0.96 -26.75 -21.27
CA TRP B 254 1.17 -27.09 -22.66
C TRP B 254 1.94 -26.01 -23.45
N GLY B 255 1.62 -24.73 -23.24
CA GLY B 255 2.28 -23.71 -24.04
C GLY B 255 3.75 -23.66 -23.64
N PHE B 256 4.07 -23.76 -22.35
CA PHE B 256 5.48 -23.67 -21.94
C PHE B 256 6.28 -24.86 -22.41
N ARG B 257 5.62 -26.01 -22.49
CA ARG B 257 6.29 -27.22 -22.96
C ARG B 257 6.61 -27.19 -24.45
N PHE B 258 5.68 -26.66 -25.26
CA PHE B 258 5.81 -26.76 -26.69
C PHE B 258 6.32 -25.50 -27.40
N PHE B 259 6.42 -24.37 -26.69
CA PHE B 259 6.74 -23.10 -27.35
C PHE B 259 7.77 -22.31 -26.55
N GLU B 260 8.49 -21.44 -27.24
CA GLU B 260 9.41 -20.56 -26.55
C GLU B 260 9.36 -19.22 -27.28
N THR B 261 9.74 -18.17 -26.57
CA THR B 261 9.68 -16.86 -27.18
C THR B 261 11.09 -16.29 -27.20
N VAL B 262 11.44 -15.66 -28.33
CA VAL B 262 12.72 -14.95 -28.45
C VAL B 262 12.51 -13.55 -29.02
N THR B 263 13.50 -12.70 -28.81
CA THR B 263 13.43 -11.34 -29.34
C THR B 263 14.69 -11.02 -30.15
N PRO B 264 14.65 -11.33 -31.46
CA PRO B 264 15.78 -11.08 -32.35
C PRO B 264 16.13 -9.62 -32.52
N ILE B 265 15.11 -8.76 -32.51
CA ILE B 265 15.26 -7.32 -32.64
C ILE B 265 14.67 -6.60 -31.43
N LYS B 266 15.55 -6.00 -30.62
CA LYS B 266 15.15 -5.46 -29.32
C LYS B 266 14.46 -4.13 -29.47
N PRO B 267 13.60 -3.79 -28.50
CA PRO B 267 12.92 -2.51 -28.69
C PRO B 267 14.01 -1.44 -28.65
N ASP B 268 13.80 -0.30 -29.29
CA ASP B 268 14.90 0.65 -29.36
C ASP B 268 16.05 0.34 -30.32
N ALA B 269 16.29 -0.92 -30.68
CA ALA B 269 17.45 -1.25 -31.52
C ALA B 269 17.25 -0.95 -33.00
N THR B 270 18.34 -0.72 -33.72
CA THR B 270 18.30 -0.62 -35.18
C THR B 270 18.43 -2.03 -35.72
N PHE B 271 17.58 -2.39 -36.67
CA PHE B 271 17.73 -3.60 -37.48
C PHE B 271 18.53 -3.21 -38.74
N VAL B 272 18.04 -2.19 -39.44
CA VAL B 272 18.71 -1.76 -40.67
C VAL B 272 18.82 -0.25 -40.83
N THR B 273 19.85 0.16 -41.56
CA THR B 273 20.00 1.57 -41.95
C THR B 273 19.82 1.68 -43.45
N GLN B 274 19.05 2.70 -43.87
CA GLN B 274 18.66 2.84 -45.26
C GLN B 274 18.87 4.31 -45.65
N ARG B 275 19.23 4.52 -46.91
CA ARG B 275 19.40 5.87 -47.45
C ARG B 275 18.01 6.53 -47.44
N VAL B 276 17.96 7.82 -47.15
CA VAL B 276 16.74 8.58 -47.33
C VAL B 276 16.98 9.79 -48.25
N TRP B 277 15.98 10.09 -49.09
CA TRP B 277 16.15 11.05 -50.18
C TRP B 277 15.55 12.38 -49.73
N PHE B 278 16.24 13.49 -50.01
CA PHE B 278 15.64 14.83 -50.00
C PHE B 278 15.38 15.27 -48.58
N GLY B 279 16.21 14.76 -47.66
CA GLY B 279 15.97 14.88 -46.23
C GLY B 279 17.07 15.74 -45.64
N ASP B 280 16.93 16.12 -44.37
CA ASP B 280 18.02 16.72 -43.63
C ASP B 280 19.00 15.75 -42.99
N LYS B 281 18.74 14.45 -43.09
N LYS B 281 18.73 14.46 -43.11
CA LYS B 281 19.79 13.46 -42.89
CA LYS B 281 19.74 13.42 -42.87
C LYS B 281 19.82 12.53 -44.10
C LYS B 281 19.81 12.52 -44.09
N SER B 282 20.96 11.90 -44.32
CA SER B 282 21.12 11.10 -45.53
C SER B 282 20.76 9.62 -45.33
N GLU B 283 20.65 9.19 -44.07
CA GLU B 283 20.37 7.77 -43.74
C GLU B 283 19.41 7.76 -42.57
N VAL B 284 18.65 6.68 -42.40
CA VAL B 284 17.73 6.59 -41.28
C VAL B 284 17.79 5.18 -40.69
N ASN B 285 17.72 5.10 -39.38
CA ASN B 285 17.65 3.83 -38.66
C ASN B 285 16.23 3.29 -38.65
N LEU B 286 16.08 2.02 -38.98
CA LEU B 286 14.76 1.36 -38.96
C LEU B 286 14.78 0.14 -38.03
N GLY B 287 13.69 -0.10 -37.31
CA GLY B 287 13.70 -1.17 -36.33
C GLY B 287 12.34 -1.84 -36.13
N ALA B 288 12.24 -2.66 -35.09
CA ALA B 288 10.93 -3.24 -34.77
C ALA B 288 10.15 -2.49 -33.67
N GLY B 289 10.76 -1.53 -32.96
CA GLY B 289 10.26 -1.07 -31.66
C GLY B 289 9.82 -2.28 -30.86
N GLU B 290 8.54 -2.35 -30.49
CA GLU B 290 8.10 -3.08 -29.30
C GLU B 290 7.74 -4.48 -29.81
N ALA B 291 7.77 -4.68 -31.13
CA ALA B 291 6.94 -5.67 -31.80
C ALA B 291 7.84 -6.77 -32.37
N GLY B 292 9.00 -6.95 -31.75
CA GLY B 292 10.17 -7.58 -32.37
C GLY B 292 10.37 -8.93 -31.70
N SER B 293 9.37 -9.38 -30.93
CA SER B 293 9.37 -10.75 -30.36
C SER B 293 8.64 -11.77 -31.23
N VAL B 294 9.07 -13.02 -31.20
CA VAL B 294 8.38 -14.05 -31.98
C VAL B 294 8.31 -15.35 -31.18
N THR B 295 7.19 -16.07 -31.33
CA THR B 295 7.01 -17.30 -30.58
C THR B 295 7.11 -18.45 -31.56
N ILE B 296 7.95 -19.42 -31.19
CA ILE B 296 8.29 -20.55 -32.06
C ILE B 296 8.20 -21.87 -31.30
N PRO B 297 8.02 -22.98 -32.02
CA PRO B 297 8.07 -24.28 -31.34
C PRO B 297 9.44 -24.47 -30.68
N ARG B 298 9.41 -25.00 -29.46
CA ARG B 298 10.59 -25.21 -28.65
C ARG B 298 11.52 -26.14 -29.44
N GLY B 299 12.80 -25.83 -29.47
CA GLY B 299 13.78 -26.51 -30.34
C GLY B 299 13.87 -26.05 -31.79
N GLN B 300 13.13 -25.02 -32.20
CA GLN B 300 13.32 -24.55 -33.56
C GLN B 300 14.16 -23.28 -33.67
N LEU B 301 14.69 -22.79 -32.57
CA LEU B 301 15.29 -21.46 -32.69
C LEU B 301 16.47 -21.52 -33.67
N LYS B 302 17.17 -22.64 -33.73
CA LYS B 302 18.32 -22.67 -34.63
C LYS B 302 17.88 -22.51 -36.09
N ASN B 303 16.60 -22.70 -36.38
CA ASN B 303 16.10 -22.57 -37.74
C ASN B 303 15.47 -21.23 -38.09
N LEU B 304 15.40 -20.36 -37.08
CA LEU B 304 14.74 -19.07 -37.25
C LEU B 304 15.54 -18.15 -38.20
N LYS B 305 14.83 -17.59 -39.17
CA LYS B 305 15.40 -16.64 -40.15
C LYS B 305 14.62 -15.37 -40.04
N ALA B 306 15.26 -14.23 -40.27
CA ALA B 306 14.58 -12.94 -40.31
C ALA B 306 14.91 -12.15 -41.57
N SER B 307 13.98 -11.38 -42.09
CA SER B 307 14.19 -10.60 -43.32
C SER B 307 13.44 -9.28 -43.19
N TYR B 308 13.81 -8.29 -43.99
CA TYR B 308 12.99 -7.09 -44.11
C TYR B 308 12.63 -6.79 -45.57
N THR B 309 11.58 -6.00 -45.75
CA THR B 309 11.10 -5.62 -47.07
C THR B 309 10.59 -4.20 -46.95
N LEU B 310 11.00 -3.32 -47.86
CA LEU B 310 10.52 -1.96 -47.77
C LEU B 310 9.24 -1.85 -48.59
N THR B 311 8.32 -0.97 -48.21
CA THR B 311 7.12 -0.83 -49.04
C THR B 311 7.47 -0.19 -50.37
N GLU B 312 8.18 0.94 -50.27
CA GLU B 312 8.73 1.66 -51.42
C GLU B 312 10.24 1.48 -51.41
N PRO B 313 10.84 1.15 -52.57
CA PRO B 313 12.28 0.91 -52.68
C PRO B 313 13.12 2.11 -52.26
N GLN B 314 12.62 3.32 -52.48
CA GLN B 314 13.39 4.52 -52.13
C GLN B 314 12.67 5.38 -51.10
N LEU B 315 13.32 5.60 -49.97
CA LEU B 315 12.69 6.28 -48.85
C LEU B 315 12.86 7.78 -49.05
N THR B 316 11.76 8.51 -48.98
CA THR B 316 11.84 9.97 -49.04
C THR B 316 11.35 10.62 -47.77
N ALA B 317 11.97 11.75 -47.42
CA ALA B 317 11.58 12.54 -46.28
C ALA B 317 10.22 13.19 -46.62
N PRO B 318 9.52 13.75 -45.63
CA PRO B 318 9.83 13.65 -44.20
C PRO B 318 9.54 12.24 -43.65
N LEU B 319 10.36 11.80 -42.69
CA LEU B 319 10.10 10.56 -41.94
C LEU B 319 9.89 10.87 -40.46
N LYS B 320 8.81 10.37 -39.90
CA LYS B 320 8.54 10.51 -38.46
C LYS B 320 8.84 9.25 -37.67
N LYS B 321 9.42 9.41 -36.48
CA LYS B 321 9.61 8.30 -35.55
C LYS B 321 8.36 7.44 -35.38
N GLY B 322 8.49 6.13 -35.51
CA GLY B 322 7.31 5.28 -35.51
C GLY B 322 6.58 5.01 -36.81
N GLN B 323 6.87 5.77 -37.87
CA GLN B 323 6.21 5.58 -39.16
C GLN B 323 6.54 4.20 -39.74
N VAL B 324 5.55 3.54 -40.33
CA VAL B 324 5.81 2.22 -40.89
C VAL B 324 6.22 2.35 -42.35
N VAL B 325 7.36 1.74 -42.71
CA VAL B 325 7.94 1.88 -44.04
C VAL B 325 8.18 0.53 -44.68
N GLY B 326 7.77 -0.53 -43.99
CA GLY B 326 7.89 -1.86 -44.59
C GLY B 326 7.49 -2.91 -43.59
N THR B 327 8.03 -4.12 -43.71
CA THR B 327 7.70 -5.22 -42.83
C THR B 327 8.98 -5.99 -42.49
N ILE B 328 8.99 -6.62 -41.33
CA ILE B 328 9.99 -7.60 -40.94
C ILE B 328 9.30 -8.94 -40.93
N ASP B 329 9.91 -9.93 -41.55
CA ASP B 329 9.28 -11.25 -41.61
C ASP B 329 10.20 -12.21 -40.87
N PHE B 330 9.63 -13.11 -40.08
CA PHE B 330 10.37 -14.21 -39.47
C PHE B 330 9.90 -15.49 -40.13
N GLN B 331 10.84 -16.37 -40.46
CA GLN B 331 10.53 -17.62 -41.14
C GLN B 331 11.17 -18.81 -40.44
N LEU B 332 10.53 -19.96 -40.59
CA LEU B 332 10.99 -21.24 -40.06
C LEU B 332 10.75 -22.27 -41.15
N ASN B 333 11.80 -23.02 -41.46
CA ASN B 333 11.78 -24.08 -42.48
C ASN B 333 10.99 -23.76 -43.72
N GLY B 334 11.18 -22.56 -44.27
CA GLY B 334 10.60 -22.27 -45.58
C GLY B 334 9.56 -21.15 -45.63
N LYS B 335 8.89 -20.86 -44.51
CA LYS B 335 7.55 -20.26 -44.60
C LYS B 335 7.45 -19.20 -43.51
N SER B 336 6.77 -18.09 -43.83
CA SER B 336 6.66 -16.98 -42.89
C SER B 336 5.80 -17.42 -41.73
N ILE B 337 6.24 -17.09 -40.52
CA ILE B 337 5.52 -17.51 -39.33
C ILE B 337 5.04 -16.30 -38.56
N GLU B 338 5.64 -15.13 -38.82
CA GLU B 338 5.23 -13.88 -38.22
C GLU B 338 5.65 -12.71 -39.11
N GLN B 339 4.77 -11.73 -39.24
CA GLN B 339 5.13 -10.51 -39.93
C GLN B 339 4.83 -9.32 -39.04
N ARG B 340 5.79 -8.39 -38.99
CA ARG B 340 5.70 -7.24 -38.12
C ARG B 340 6.07 -5.97 -38.86
N PRO B 341 5.58 -4.80 -38.42
CA PRO B 341 5.96 -3.55 -39.08
C PRO B 341 7.47 -3.28 -38.99
N LEU B 342 8.01 -2.71 -40.06
CA LEU B 342 9.33 -2.06 -40.02
C LEU B 342 9.14 -0.58 -39.84
N ILE B 343 9.71 -0.02 -38.77
CA ILE B 343 9.35 1.32 -38.42
C ILE B 343 10.57 2.21 -38.31
N VAL B 344 10.34 3.49 -38.58
CA VAL B 344 11.44 4.44 -38.45
C VAL B 344 11.73 4.77 -37.01
N MET B 345 13.02 4.82 -36.70
CA MET B 345 13.44 4.90 -35.31
C MET B 345 13.92 6.30 -35.01
N GLU B 346 13.97 7.16 -36.03
CA GLU B 346 14.43 8.55 -35.85
C GLU B 346 13.79 9.48 -36.88
N ASN B 347 13.32 10.64 -36.44
CA ASN B 347 12.79 11.67 -37.34
C ASN B 347 13.78 12.18 -38.38
N VAL B 348 13.34 12.27 -39.64
CA VAL B 348 14.04 12.96 -40.70
C VAL B 348 13.11 14.02 -41.31
N GLU B 349 13.47 15.29 -41.14
CA GLU B 349 12.71 16.36 -41.75
C GLU B 349 13.03 16.50 -43.23
N GLU B 350 12.11 17.08 -43.99
CA GLU B 350 12.42 17.57 -45.33
C GLU B 350 13.64 18.48 -45.35
N GLY B 351 14.44 18.40 -46.41
CA GLY B 351 15.74 19.07 -46.50
C GLY B 351 15.62 20.53 -46.88
N GLY B 352 16.76 21.22 -46.92
CA GLY B 352 16.77 22.66 -47.17
C GLY B 352 17.82 23.43 -46.38
N VAL C 6 -16.90 2.75 14.05
CA VAL C 6 -15.77 3.69 13.75
C VAL C 6 -14.45 2.93 13.66
N GLU C 7 -13.96 2.73 12.44
CA GLU C 7 -12.87 1.81 12.17
C GLU C 7 -11.50 2.48 12.17
N ALA C 8 -10.48 1.67 12.46
CA ALA C 8 -9.09 2.07 12.39
C ALA C 8 -8.67 2.46 10.97
N PRO C 9 -7.85 3.51 10.83
CA PRO C 9 -7.30 3.87 9.53
C PRO C 9 -6.33 2.77 9.12
N SER C 10 -6.17 2.49 7.83
CA SER C 10 -4.98 1.77 7.43
C SER C 10 -3.95 2.86 7.26
N VAL C 11 -2.68 2.52 7.39
CA VAL C 11 -1.64 3.49 7.08
C VAL C 11 -0.50 2.74 6.40
N ASP C 12 0.09 3.40 5.42
CA ASP C 12 1.03 2.73 4.54
C ASP C 12 2.43 2.96 5.09
N ALA C 13 2.73 2.30 6.20
CA ALA C 13 3.99 2.47 6.91
C ALA C 13 4.30 1.17 7.64
N ARG C 14 5.57 0.95 8.00
CA ARG C 14 5.95 -0.25 8.74
C ARG C 14 5.36 -0.35 10.14
N ALA C 15 5.43 0.74 10.89
CA ALA C 15 4.76 0.82 12.18
C ALA C 15 4.14 2.19 12.42
N TRP C 16 3.11 2.24 13.25
CA TRP C 16 2.53 3.51 13.71
C TRP C 16 1.82 3.40 15.05
N ILE C 17 1.56 4.53 15.70
CA ILE C 17 0.64 4.59 16.84
C ILE C 17 0.03 6.00 16.86
N LEU C 18 -1.17 6.11 17.40
CA LEU C 18 -1.81 7.39 17.74
C LEU C 18 -2.27 7.39 19.20
N MET C 19 -1.82 8.39 19.97
CA MET C 19 -2.06 8.45 21.42
C MET C 19 -2.61 9.80 21.85
N ASP C 20 -3.54 9.83 22.80
CA ASP C 20 -3.98 11.11 23.35
C ASP C 20 -3.01 11.52 24.47
N TYR C 21 -2.70 12.81 24.59
CA TYR C 21 -1.59 13.21 25.46
C TYR C 21 -2.04 13.14 26.93
N ALA C 22 -3.26 13.63 27.20
CA ALA C 22 -3.84 13.65 28.55
C ALA C 22 -4.11 12.30 29.19
N SER C 23 -4.53 11.28 28.44
CA SER C 23 -4.94 9.98 28.98
C SER C 23 -3.93 8.85 28.74
N GLY C 24 -3.20 8.96 27.63
CA GLY C 24 -2.26 7.91 27.22
C GLY C 24 -3.00 6.85 26.44
N LYS C 25 -4.30 7.04 26.24
CA LYS C 25 -5.08 6.06 25.47
C LYS C 25 -4.56 6.00 24.05
N VAL C 26 -4.30 4.78 23.58
CA VAL C 26 -3.88 4.45 22.22
C VAL C 26 -5.06 4.24 21.28
N LEU C 27 -5.30 5.23 20.42
CA LEU C 27 -6.47 5.26 19.56
C LEU C 27 -6.32 4.40 18.32
N ALA C 28 -5.09 4.26 17.82
CA ALA C 28 -4.84 3.41 16.67
C ALA C 28 -3.41 2.92 16.71
N GLU C 29 -3.17 1.78 16.11
CA GLU C 29 -1.80 1.31 16.13
C GLU C 29 -1.60 0.26 15.08
N GLY C 30 -0.34 0.11 14.66
CA GLY C 30 0.12 -1.10 14.02
C GLY C 30 1.60 -1.36 14.23
N ASN C 31 1.93 -2.62 14.52
CA ASN C 31 3.27 -3.05 14.88
C ASN C 31 3.94 -2.07 15.86
N ALA C 32 3.12 -1.48 16.72
CA ALA C 32 3.57 -0.43 17.63
C ALA C 32 4.67 -0.86 18.61
N ASP C 33 4.99 -2.14 18.64
CA ASP C 33 6.11 -2.61 19.45
C ASP C 33 7.24 -3.27 18.68
N GLU C 34 7.22 -3.13 17.36
CA GLU C 34 8.33 -3.65 16.58
C GLU C 34 9.52 -2.69 16.66
N LYS C 35 10.68 -3.26 16.95
CA LYS C 35 11.96 -2.55 16.97
C LYS C 35 12.46 -2.11 15.60
N LEU C 36 12.63 -0.79 15.42
CA LEU C 36 12.89 -0.18 14.12
C LEU C 36 13.88 0.97 14.32
N ASP C 37 14.57 1.39 13.25
CA ASP C 37 15.58 2.45 13.33
C ASP C 37 14.90 3.78 13.67
N PRO C 38 15.41 4.48 14.70
CA PRO C 38 14.77 5.73 15.08
C PRO C 38 15.21 6.91 14.21
N ALA C 39 16.42 6.83 13.67
CA ALA C 39 17.02 7.91 12.90
C ALA C 39 16.97 9.16 13.78
N SER C 40 16.69 10.33 13.21
CA SER C 40 16.66 11.57 13.97
C SER C 40 15.62 11.68 15.07
N LEU C 41 14.68 10.73 15.11
CA LEU C 41 13.77 10.64 16.26
C LEU C 41 14.57 10.49 17.55
N THR C 42 15.76 9.92 17.44
CA THR C 42 16.69 9.88 18.57
C THR C 42 16.90 11.27 19.16
N LYS C 43 16.85 12.30 18.32
CA LYS C 43 17.18 13.65 18.82
C LYS C 43 16.06 14.15 19.71
N ILE C 44 14.96 13.39 19.81
CA ILE C 44 13.94 13.83 20.76
C ILE C 44 14.47 13.54 22.17
N MET C 45 15.21 12.44 22.34
CA MET C 45 15.84 12.11 23.63
C MET C 45 16.99 13.09 23.88
N THR C 46 17.72 13.46 22.84
CA THR C 46 18.85 14.37 23.01
C THR C 46 18.36 15.69 23.54
N SER C 47 17.26 16.19 22.96
CA SER C 47 16.62 17.42 23.44
C SER C 47 16.00 17.27 24.81
N TYR C 48 15.47 16.08 25.15
CA TYR C 48 14.96 15.78 26.49
C TYR C 48 16.08 16.02 27.50
N VAL C 49 17.25 15.46 27.24
CA VAL C 49 18.36 15.60 28.19
C VAL C 49 18.84 17.07 28.25
N VAL C 50 19.04 17.68 27.09
CA VAL C 50 19.47 19.08 27.07
C VAL C 50 18.44 19.95 27.79
N GLY C 51 17.16 19.67 27.56
CA GLY C 51 16.09 20.39 28.26
C GLY C 51 16.15 20.26 29.77
N GLN C 52 16.51 19.07 30.25
CA GLN C 52 16.65 18.85 31.70
C GLN C 52 17.82 19.67 32.26
N ALA C 53 18.91 19.74 31.50
CA ALA C 53 20.12 20.44 31.92
C ALA C 53 19.86 21.94 31.97
N LEU C 54 19.07 22.44 31.01
CA LEU C 54 18.63 23.84 31.06
C LEU C 54 17.66 24.08 32.16
N LYS C 55 16.72 23.16 32.37
CA LYS C 55 15.70 23.37 33.40
C LYS C 55 16.34 23.38 34.79
N ALA C 56 17.42 22.63 34.99
CA ALA C 56 18.01 22.49 36.34
C ALA C 56 19.09 23.56 36.49
N ASP C 57 19.17 24.47 35.52
CA ASP C 57 20.16 25.57 35.48
C ASP C 57 21.62 25.15 35.51
N LYS C 58 21.94 23.99 34.96
CA LYS C 58 23.33 23.52 34.85
C LYS C 58 24.03 24.04 33.59
N ILE C 59 23.24 24.37 32.58
CA ILE C 59 23.71 25.10 31.41
C ILE C 59 22.71 26.24 31.18
N LYS C 60 23.21 27.28 30.51
CA LYS C 60 22.43 28.45 30.10
C LYS C 60 22.44 28.56 28.56
N LEU C 61 21.37 29.12 28.01
CA LEU C 61 21.23 29.36 26.56
C LEU C 61 22.39 30.20 26.02
N THR C 62 22.96 31.06 26.87
CA THR C 62 23.97 32.01 26.41
C THR C 62 25.40 31.45 26.51
N ASP C 63 25.55 30.23 27.02
CA ASP C 63 26.86 29.64 27.21
C ASP C 63 27.46 29.40 25.85
N MET C 64 28.77 29.64 25.73
CA MET C 64 29.44 29.42 24.47
C MET C 64 30.14 28.08 24.49
N VAL C 65 29.81 27.27 23.50
CA VAL C 65 30.34 25.94 23.35
C VAL C 65 31.42 25.84 22.26
N THR C 66 32.55 25.22 22.61
CA THR C 66 33.61 25.08 21.63
C THR C 66 33.43 23.73 20.95
N VAL C 67 33.39 23.77 19.62
CA VAL C 67 33.20 22.60 18.77
C VAL C 67 34.53 21.85 18.71
N GLY C 68 34.51 20.53 18.91
CA GLY C 68 35.71 19.70 18.80
C GLY C 68 35.79 18.97 17.47
N LYS C 69 36.85 18.18 17.29
CA LYS C 69 37.02 17.50 16.02
C LYS C 69 36.11 16.28 15.87
N ASP C 70 35.38 15.93 16.93
CA ASP C 70 34.35 14.90 16.79
C ASP C 70 33.09 15.45 16.11
N ALA C 71 33.03 16.77 15.93
CA ALA C 71 31.82 17.43 15.39
C ALA C 71 31.97 17.98 13.98
N TRP C 72 32.95 17.50 13.21
CA TRP C 72 32.92 17.68 11.77
C TRP C 72 33.30 16.38 11.08
N ALA C 73 32.93 16.24 9.81
CA ALA C 73 33.04 14.95 9.12
C ALA C 73 34.50 14.56 8.94
N THR C 74 35.37 15.57 8.86
CA THR C 74 36.79 15.33 8.67
C THR C 74 37.38 14.56 9.84
N GLY C 75 36.84 14.79 11.03
CA GLY C 75 37.24 14.04 12.24
C GLY C 75 36.27 12.96 12.67
N ASN C 76 35.13 12.88 12.00
CA ASN C 76 34.09 11.92 12.37
C ASN C 76 33.34 11.44 11.13
N PRO C 77 33.86 10.39 10.48
CA PRO C 77 33.26 9.77 9.30
C PRO C 77 31.76 9.49 9.38
N ALA C 78 31.24 9.22 10.59
CA ALA C 78 29.81 9.06 10.77
C ALA C 78 29.00 10.23 10.17
N LEU C 79 29.61 11.41 10.16
CA LEU C 79 28.97 12.67 9.75
C LEU C 79 28.84 12.90 8.23
N ARG C 80 29.60 12.16 7.44
CA ARG C 80 29.59 12.36 5.98
C ARG C 80 28.20 12.10 5.41
N GLY C 81 27.72 13.01 4.56
CA GLY C 81 26.39 12.91 3.95
C GLY C 81 25.20 13.07 4.89
N SER C 82 25.46 13.55 6.09
CA SER C 82 24.38 13.70 7.06
C SER C 82 23.93 15.15 7.15
N SER C 83 22.71 15.41 7.64
CA SER C 83 22.27 16.78 7.90
C SER C 83 23.15 17.38 8.99
N VAL C 84 23.53 18.62 8.80
CA VAL C 84 24.68 19.08 9.52
C VAL C 84 24.50 20.59 9.60
N MET C 85 24.60 21.13 10.82
CA MET C 85 24.61 22.58 11.00
C MET C 85 25.78 23.19 10.25
N PHE C 86 26.87 22.43 10.14
CA PHE C 86 28.07 22.78 9.40
C PHE C 86 29.04 23.60 10.26
N LEU C 87 29.86 22.85 10.99
CA LEU C 87 30.69 23.45 12.05
C LEU C 87 32.14 23.04 11.86
N LYS C 88 33.06 23.80 12.42
CA LYS C 88 34.43 23.31 12.43
C LYS C 88 35.15 23.45 13.77
N PRO C 89 36.16 22.61 14.02
CA PRO C 89 36.81 22.62 15.33
C PRO C 89 37.30 24.02 15.64
N GLY C 90 37.08 24.50 16.86
CA GLY C 90 37.43 25.87 17.21
C GLY C 90 36.29 26.86 17.12
N ASP C 91 35.29 26.56 16.30
CA ASP C 91 34.10 27.42 16.29
C ASP C 91 33.54 27.46 17.73
N GLN C 92 33.01 28.61 18.12
CA GLN C 92 32.31 28.74 19.38
C GLN C 92 30.88 29.20 19.15
N VAL C 93 29.92 28.46 19.71
CA VAL C 93 28.51 28.56 19.31
C VAL C 93 27.69 28.49 20.58
N SER C 94 26.72 29.39 20.74
CA SER C 94 25.86 29.43 21.89
C SER C 94 25.12 28.08 21.99
N VAL C 95 24.83 27.67 23.22
CA VAL C 95 23.91 26.57 23.54
C VAL C 95 22.57 26.79 22.80
N ALA C 96 22.07 28.03 22.85
CA ALA C 96 20.84 28.38 22.14
C ALA C 96 20.88 28.04 20.64
N ASP C 97 21.99 28.36 19.96
CA ASP C 97 22.08 28.10 18.51
C ASP C 97 22.25 26.61 18.27
N LEU C 98 23.07 25.95 19.09
CA LEU C 98 23.27 24.52 18.87
C LEU C 98 21.96 23.78 19.13
N ASN C 99 21.22 24.23 20.13
CA ASN C 99 19.94 23.63 20.55
C ASN C 99 18.94 23.76 19.40
N LYS C 100 18.87 24.95 18.81
CA LYS C 100 18.14 25.15 17.54
C LYS C 100 18.62 24.27 16.38
N GLY C 101 19.94 24.15 16.24
CA GLY C 101 20.51 23.26 15.23
C GLY C 101 20.03 21.83 15.35
N VAL C 102 20.04 21.31 16.57
CA VAL C 102 19.45 19.99 16.86
C VAL C 102 17.96 19.94 16.53
N ILE C 103 17.17 20.88 17.04
CA ILE C 103 15.71 20.73 17.03
C ILE C 103 15.12 21.09 15.65
N ILE C 104 15.60 22.19 15.08
CA ILE C 104 15.00 22.76 13.87
C ILE C 104 15.56 22.10 12.62
N GLN C 105 16.90 21.99 12.55
CA GLN C 105 17.64 21.48 11.38
C GLN C 105 18.02 20.00 11.46
N SER C 106 17.94 19.41 12.65
CA SER C 106 18.45 18.06 12.91
C SER C 106 19.94 18.00 12.58
N GLY C 107 20.71 19.02 12.99
CA GLY C 107 22.16 18.95 12.80
C GLY C 107 22.80 17.81 13.58
N ASN C 108 23.35 16.80 12.89
CA ASN C 108 23.99 15.70 13.60
C ASN C 108 25.24 16.16 14.35
N ASP C 109 25.89 17.19 13.82
CA ASP C 109 27.10 17.76 14.41
C ASP C 109 26.81 18.57 15.67
N ALA C 110 25.69 19.30 15.66
CA ALA C 110 25.19 20.03 16.83
C ALA C 110 24.91 19.13 18.02
N CYS C 111 24.42 17.92 17.74
CA CYS C 111 24.14 16.91 18.77
C CYS C 111 25.43 16.58 19.51
N ILE C 112 26.51 16.36 18.76
CA ILE C 112 27.80 15.98 19.35
C ILE C 112 28.38 17.13 20.18
N ALA C 113 28.26 18.33 19.66
CA ALA C 113 28.86 19.50 20.33
C ALA C 113 28.13 19.75 21.64
N LEU C 114 26.79 19.65 21.63
CA LEU C 114 25.98 19.73 22.85
C LEU C 114 26.19 18.60 23.85
N ALA C 115 26.31 17.39 23.32
CA ALA C 115 26.54 16.24 24.17
C ALA C 115 27.84 16.39 24.95
N ASP C 116 28.90 16.80 24.27
CA ASP C 116 30.19 17.00 24.94
C ASP C 116 30.12 18.06 26.03
N TYR C 117 29.38 19.12 25.72
CA TYR C 117 29.15 20.20 26.68
C TYR C 117 28.35 19.81 27.91
N VAL C 118 27.29 19.04 27.68
CA VAL C 118 26.39 18.67 28.76
C VAL C 118 26.99 17.61 29.67
N ALA C 119 27.60 16.60 29.06
CA ALA C 119 27.93 15.40 29.79
C ALA C 119 29.43 15.11 29.80
N GLY C 120 30.19 15.81 28.98
CA GLY C 120 31.63 15.57 28.89
C GLY C 120 32.10 14.75 27.71
N SER C 121 31.25 13.85 27.22
CA SER C 121 31.62 12.96 26.13
C SER C 121 30.34 12.41 25.54
N GLN C 122 30.39 11.91 24.31
CA GLN C 122 29.21 11.27 23.74
C GLN C 122 28.83 10.07 24.60
N GLU C 123 29.83 9.33 25.07
CA GLU C 123 29.54 8.09 25.79
C GLU C 123 28.75 8.37 27.05
N SER C 124 29.14 9.43 27.75
CA SER C 124 28.43 9.81 28.95
C SER C 124 27.02 10.33 28.69
N PHE C 125 26.82 11.09 27.62
CA PHE C 125 25.51 11.63 27.27
C PHE C 125 24.63 10.44 26.92
N ILE C 126 25.16 9.46 26.19
CA ILE C 126 24.37 8.31 25.80
C ILE C 126 23.92 7.51 27.02
N GLY C 127 24.74 7.46 28.07
CA GLY C 127 24.29 6.96 29.38
C GLY C 127 23.09 7.64 29.98
N LEU C 128 23.04 8.97 29.91
CA LEU C 128 21.86 9.71 30.35
C LEU C 128 20.61 9.45 29.49
N MET C 129 20.78 9.49 28.17
CA MET C 129 19.72 9.08 27.25
C MET C 129 19.09 7.72 27.63
N ASN C 130 19.92 6.70 27.72
CA ASN C 130 19.47 5.36 28.11
C ASN C 130 18.92 5.28 29.53
N GLY C 131 19.51 6.05 30.44
CA GLY C 131 18.96 6.19 31.79
C GLY C 131 17.55 6.72 31.77
N TYR C 132 17.29 7.72 30.93
CA TYR C 132 15.94 8.27 30.88
C TYR C 132 15.00 7.32 30.13
N ALA C 133 15.50 6.57 29.14
CA ALA C 133 14.64 5.56 28.51
C ALA C 133 14.08 4.63 29.58
N LYS C 134 14.98 4.02 30.36
CA LYS C 134 14.59 3.16 31.47
C LYS C 134 13.57 3.83 32.41
N LYS C 135 13.85 5.08 32.78
CA LYS C 135 13.01 5.85 33.68
C LYS C 135 11.63 6.23 33.15
N LEU C 136 11.50 6.48 31.85
CA LEU C 136 10.22 6.96 31.34
C LEU C 136 9.37 5.78 30.86
N GLY C 137 9.95 4.58 30.92
CA GLY C 137 9.20 3.36 30.64
C GLY C 137 9.39 2.91 29.21
N LEU C 138 10.50 3.30 28.59
CA LEU C 138 10.69 2.97 27.19
C LEU C 138 11.37 1.61 27.06
N THR C 139 10.58 0.56 27.22
CA THR C 139 11.14 -0.78 27.41
C THR C 139 11.78 -1.40 26.17
N ASN C 140 11.42 -0.92 24.98
CA ASN C 140 11.98 -1.47 23.74
C ASN C 140 12.91 -0.48 23.01
N THR C 141 13.55 0.42 23.75
CA THR C 141 14.36 1.49 23.17
C THR C 141 15.80 1.42 23.67
N THR C 142 16.75 1.29 22.75
CA THR C 142 18.17 1.43 23.08
C THR C 142 18.86 2.47 22.19
N PHE C 143 19.46 3.48 22.82
CA PHE C 143 20.24 4.48 22.07
C PHE C 143 21.72 4.10 22.09
N GLN C 144 22.41 4.13 20.94
CA GLN C 144 23.85 3.86 20.77
C GLN C 144 24.61 5.13 20.28
N THR C 145 23.89 6.25 20.14
CA THR C 145 24.43 7.46 19.52
C THR C 145 23.67 8.68 20.08
N VAL C 146 24.24 9.87 19.92
CA VAL C 146 23.51 11.05 20.35
C VAL C 146 22.69 11.68 19.25
N HIS C 147 22.79 11.16 18.03
CA HIS C 147 22.12 11.76 16.87
C HIS C 147 21.14 10.87 16.12
N GLY C 148 21.19 9.55 16.30
CA GLY C 148 20.34 8.65 15.53
C GLY C 148 20.92 8.11 14.23
N LEU C 149 22.16 8.44 13.95
CA LEU C 149 22.89 7.92 12.80
C LEU C 149 23.13 6.43 13.02
N ASP C 150 23.19 5.68 11.93
CA ASP C 150 23.17 4.22 12.00
C ASP C 150 24.26 3.69 12.94
N ALA C 151 23.85 2.92 13.94
CA ALA C 151 24.79 2.09 14.71
C ALA C 151 24.12 0.78 15.09
N PRO C 152 24.90 -0.32 15.19
CA PRO C 152 24.42 -1.60 15.68
C PRO C 152 23.75 -1.46 17.05
N GLY C 153 22.59 -2.08 17.22
CA GLY C 153 21.98 -2.21 18.54
C GLY C 153 21.21 -0.99 18.98
N GLN C 154 21.01 -0.07 18.04
CA GLN C 154 20.17 1.10 18.26
C GLN C 154 18.82 0.87 17.60
N PHE C 155 17.77 1.06 18.38
CA PHE C 155 16.42 0.79 17.90
C PHE C 155 15.46 1.45 18.87
N SER C 156 14.26 1.74 18.38
CA SER C 156 13.15 2.07 19.25
C SER C 156 11.83 1.51 18.67
N THR C 157 10.70 2.00 19.13
CA THR C 157 9.39 1.47 18.73
C THR C 157 8.40 2.63 18.66
N ALA C 158 7.30 2.47 17.92
CA ALA C 158 6.30 3.53 17.83
C ALA C 158 5.67 3.92 19.15
N ARG C 159 5.26 2.91 19.92
CA ARG C 159 4.71 3.20 21.23
C ARG C 159 5.69 3.98 22.13
N ASP C 160 6.93 3.57 22.13
CA ASP C 160 7.93 4.20 22.99
C ASP C 160 8.20 5.62 22.50
N MET C 161 8.08 5.86 21.19
CA MET C 161 8.38 7.22 20.71
C MET C 161 7.23 8.13 21.11
N ALA C 162 6.03 7.55 21.19
CA ALA C 162 4.89 8.37 21.61
C ALA C 162 5.06 8.66 23.10
N LEU C 163 5.64 7.71 23.81
CA LEU C 163 5.79 7.85 25.26
C LEU C 163 6.85 8.94 25.49
N LEU C 164 7.96 8.82 24.78
CA LEU C 164 9.04 9.82 24.84
C LEU C 164 8.58 11.21 24.43
N GLY C 165 7.83 11.28 23.34
CA GLY C 165 7.16 12.53 22.99
C GLY C 165 6.30 13.17 24.06
N LYS C 166 5.44 12.39 24.69
CA LYS C 166 4.58 12.94 25.73
C LYS C 166 5.49 13.40 26.88
N ALA C 167 6.56 12.67 27.13
CA ALA C 167 7.50 13.04 28.22
C ALA C 167 8.20 14.38 27.95
N LEU C 168 8.50 14.66 26.68
CA LEU C 168 9.11 15.94 26.29
C LEU C 168 8.15 17.08 26.49
N ILE C 169 6.95 16.90 25.94
CA ILE C 169 5.92 17.93 26.10
C ILE C 169 5.73 18.28 27.56
N HIS C 170 5.57 17.25 28.37
CA HIS C 170 5.21 17.46 29.77
C HIS C 170 6.39 17.95 30.62
N ASP C 171 7.54 17.30 30.48
CA ASP C 171 8.62 17.48 31.45
C ASP C 171 9.45 18.73 31.17
N VAL C 172 9.70 19.00 29.89
CA VAL C 172 10.54 20.14 29.52
C VAL C 172 9.88 21.06 28.50
N PRO C 173 8.82 21.79 28.90
CA PRO C 173 7.94 22.48 27.97
C PRO C 173 8.65 23.56 27.15
N GLU C 174 9.62 24.21 27.76
CA GLU C 174 10.44 25.18 27.05
C GLU C 174 11.28 24.61 25.90
N GLU C 175 11.73 23.37 26.05
CA GLU C 175 12.50 22.73 24.98
C GLU C 175 11.50 22.29 23.89
N TYR C 176 10.33 21.82 24.31
CA TYR C 176 9.26 21.54 23.37
C TYR C 176 8.82 22.72 22.51
N ALA C 177 8.70 23.88 23.14
CA ALA C 177 8.30 25.10 22.49
C ALA C 177 9.19 25.40 21.29
N ILE C 178 10.42 24.89 21.27
CA ILE C 178 11.36 25.25 20.21
C ILE C 178 11.02 24.47 18.94
N HIS C 179 10.31 23.36 19.13
CA HIS C 179 10.08 22.40 18.05
C HIS C 179 9.11 22.97 17.02
N LYS C 180 8.38 24.01 17.43
CA LYS C 180 7.40 24.77 16.65
C LYS C 180 8.04 25.77 15.67
N GLU C 181 9.29 26.17 15.91
CA GLU C 181 9.90 27.28 15.19
C GLU C 181 10.18 26.91 13.74
N LYS C 182 9.62 27.69 12.83
CA LYS C 182 9.67 27.38 11.39
C LYS C 182 11.03 27.61 10.75
N GLU C 183 11.84 28.52 11.29
CA GLU C 183 13.07 28.96 10.59
C GLU C 183 14.10 29.30 11.67
N PHE C 184 15.35 28.99 11.36
CA PHE C 184 16.49 29.25 12.23
C PHE C 184 17.57 29.94 11.35
N THR C 185 17.99 31.17 11.63
CA THR C 185 19.05 31.74 10.77
C THR C 185 20.44 31.42 11.33
N PHE C 186 21.26 30.70 10.57
CA PHE C 186 22.64 30.39 10.99
C PHE C 186 23.56 30.46 9.77
N ASN C 187 24.75 31.00 10.00
N ASN C 187 24.73 31.07 9.87
CA ASN C 187 25.72 31.42 8.97
CA ASN C 187 25.60 31.04 8.70
C ASN C 187 25.03 31.92 7.71
C ASN C 187 25.01 31.91 7.59
N LYS C 188 24.21 32.92 7.95
CA LYS C 188 23.57 33.74 6.94
C LYS C 188 22.52 33.07 6.06
N ILE C 189 22.04 31.89 6.45
CA ILE C 189 20.97 31.22 5.73
C ILE C 189 19.81 30.98 6.70
N ARG C 190 18.59 31.28 6.27
CA ARG C 190 17.40 30.95 7.04
C ARG C 190 17.12 29.48 6.85
N GLN C 191 17.43 28.66 7.83
CA GLN C 191 17.25 27.21 7.72
C GLN C 191 15.83 26.82 8.16
N PRO C 192 15.13 26.03 7.33
CA PRO C 192 13.75 25.62 7.63
C PRO C 192 13.65 24.47 8.64
N ASN C 193 12.60 24.48 9.45
CA ASN C 193 12.29 23.31 10.28
C ASN C 193 11.97 22.15 9.32
N ARG C 194 12.60 21.01 9.53
CA ARG C 194 12.31 19.85 8.67
C ARG C 194 10.90 19.30 8.82
N ASN C 195 10.22 19.66 9.89
CA ASN C 195 8.84 19.20 10.09
C ASN C 195 7.85 19.99 9.27
N ARG C 196 7.63 19.51 8.04
CA ARG C 196 6.77 20.24 7.12
C ARG C 196 5.32 20.31 7.56
N LEU C 197 4.86 19.37 8.41
CA LEU C 197 3.53 19.49 9.02
C LEU C 197 3.28 20.77 9.83
N LEU C 198 4.34 21.44 10.27
CA LEU C 198 4.13 22.71 10.95
C LEU C 198 3.32 23.69 10.12
N TRP C 199 3.39 23.56 8.79
CA TRP C 199 2.76 24.56 7.95
C TRP C 199 1.33 24.13 7.60
N SER C 200 0.87 23.01 8.20
CA SER C 200 -0.44 22.49 7.89
C SER C 200 -1.52 23.53 8.14
N SER C 201 -2.43 23.65 7.17
CA SER C 201 -3.59 24.49 7.34
C SER C 201 -4.73 23.72 8.00
N ASN C 202 -4.75 22.40 7.86
CA ASN C 202 -5.84 21.60 8.40
C ASN C 202 -5.77 21.29 9.90
N LEU C 203 -4.56 21.19 10.43
CA LEU C 203 -4.32 20.82 11.81
C LEU C 203 -3.46 21.88 12.48
N ASN C 204 -3.55 22.00 13.80
CA ASN C 204 -2.65 22.90 14.52
C ASN C 204 -1.44 22.10 15.03
N VAL C 205 -0.39 22.00 14.22
CA VAL C 205 0.70 21.08 14.50
C VAL C 205 1.86 21.84 15.15
N ASP C 206 2.43 21.31 16.22
CA ASP C 206 3.51 22.01 16.93
C ASP C 206 4.75 21.18 17.22
N GLY C 207 4.81 19.95 16.71
CA GLY C 207 6.00 19.14 16.86
C GLY C 207 5.83 17.92 15.99
N MET C 208 6.80 17.02 15.92
CA MET C 208 7.97 16.99 16.79
C MET C 208 9.28 16.84 16.05
N LYS C 209 9.43 15.75 15.31
CA LYS C 209 10.72 15.38 14.79
C LYS C 209 10.55 14.39 13.64
N THR C 210 11.30 14.62 12.57
CA THR C 210 11.30 13.80 11.36
C THR C 210 12.51 12.90 11.45
N GLY C 211 12.56 11.79 10.69
CA GLY C 211 13.83 11.12 10.56
C GLY C 211 13.87 10.31 9.28
N THR C 212 15.08 10.02 8.82
CA THR C 212 15.28 9.20 7.63
C THR C 212 16.21 8.07 8.01
N THR C 213 15.70 6.84 7.89
CA THR C 213 16.47 5.71 8.35
C THR C 213 17.58 5.44 7.36
N ALA C 214 18.47 4.52 7.70
CA ALA C 214 19.38 3.98 6.70
C ALA C 214 18.73 2.82 5.93
N GLY C 215 17.67 3.08 5.17
CA GLY C 215 17.16 2.09 4.23
C GLY C 215 15.77 1.54 4.52
N ALA C 216 15.21 1.93 5.67
CA ALA C 216 13.90 1.45 6.08
C ALA C 216 12.85 2.56 6.16
N GLY C 217 12.96 3.57 5.31
CA GLY C 217 11.91 4.57 5.15
C GLY C 217 12.04 5.85 5.96
N TYR C 218 10.91 6.49 6.20
CA TYR C 218 10.88 7.85 6.74
C TYR C 218 10.00 7.81 7.99
N ASN C 219 10.35 8.61 9.00
CA ASN C 219 9.71 8.58 10.31
C ASN C 219 9.21 9.98 10.61
N LEU C 220 8.15 10.04 11.39
CA LEU C 220 7.75 11.31 12.02
C LEU C 220 7.10 11.04 13.37
N VAL C 221 7.51 11.82 14.37
CA VAL C 221 6.65 12.10 15.52
C VAL C 221 6.00 13.48 15.43
N ALA C 222 4.68 13.50 15.43
CA ALA C 222 3.92 14.74 15.28
C ALA C 222 3.02 14.91 16.48
N SER C 223 2.70 16.16 16.79
CA SER C 223 1.70 16.37 17.81
C SER C 223 0.90 17.60 17.46
N ALA C 224 -0.39 17.53 17.73
CA ALA C 224 -1.25 18.63 17.33
C ALA C 224 -2.27 18.79 18.43
N THR C 225 -2.93 19.94 18.40
CA THR C 225 -3.91 20.30 19.42
C THR C 225 -5.19 20.70 18.71
N GLN C 226 -6.32 20.38 19.34
CA GLN C 226 -7.60 20.98 18.98
C GLN C 226 -8.41 21.17 20.27
N GLY C 227 -8.73 22.42 20.60
CA GLY C 227 -9.21 22.78 21.93
C GLY C 227 -8.28 22.33 23.04
N ASP C 228 -8.79 21.51 23.96
CA ASP C 228 -7.99 21.07 25.10
C ASP C 228 -7.40 19.68 24.86
N MET C 229 -7.68 19.13 23.68
CA MET C 229 -7.22 17.79 23.33
C MET C 229 -5.87 17.94 22.62
N ARG C 230 -4.94 17.04 22.89
CA ARG C 230 -3.66 17.05 22.17
C ARG C 230 -3.43 15.60 21.83
N LEU C 231 -3.15 15.35 20.55
CA LEU C 231 -2.76 14.03 20.09
C LEU C 231 -1.28 13.96 19.72
N ILE C 232 -0.69 12.79 19.89
CA ILE C 232 0.64 12.44 19.41
C ILE C 232 0.55 11.27 18.42
N SER C 233 1.11 11.49 17.23
CA SER C 233 1.22 10.39 16.30
C SER C 233 2.66 9.97 16.05
N VAL C 234 2.84 8.71 15.72
CA VAL C 234 4.14 8.29 15.30
C VAL C 234 3.92 7.45 14.03
N VAL C 235 4.62 7.83 12.96
CA VAL C 235 4.72 6.98 11.77
C VAL C 235 6.16 6.56 11.60
N LEU C 236 6.40 5.25 11.55
CA LEU C 236 7.74 4.73 11.29
C LEU C 236 7.87 3.91 9.98
N GLY C 237 8.97 4.14 9.28
CA GLY C 237 9.29 3.43 8.03
C GLY C 237 8.28 3.58 6.89
N ALA C 238 7.73 4.77 6.69
CA ALA C 238 7.00 5.02 5.44
C ALA C 238 7.95 5.10 4.23
N LYS C 239 7.51 4.65 3.06
CA LYS C 239 8.44 4.54 1.93
C LYS C 239 8.93 5.88 1.39
N THR C 240 8.09 6.90 1.39
CA THR C 240 8.59 8.17 0.88
C THR C 240 8.40 9.31 1.87
N ASP C 241 9.03 10.45 1.60
CA ASP C 241 8.84 11.68 2.35
C ASP C 241 7.38 12.12 2.42
N ARG C 242 6.65 11.98 1.31
CA ARG C 242 5.32 12.58 1.21
C ARG C 242 4.37 11.70 2.02
N ILE C 243 4.59 10.38 1.95
CA ILE C 243 3.68 9.44 2.60
C ILE C 243 3.87 9.50 4.12
N ARG C 244 5.13 9.56 4.54
CA ARG C 244 5.45 9.93 5.93
C ARG C 244 4.54 11.06 6.42
N PHE C 245 4.52 12.22 5.78
CA PHE C 245 3.73 13.36 6.25
C PHE C 245 2.22 13.19 6.04
N ASN C 246 1.86 12.53 4.95
CA ASN C 246 0.46 12.29 4.67
C ASN C 246 -0.28 11.38 5.65
N GLU C 247 0.31 10.25 6.02
CA GLU C 247 -0.38 9.29 6.89
C GLU C 247 -0.38 9.86 8.32
N SER C 248 0.58 10.74 8.60
CA SER C 248 0.59 11.42 9.90
C SER C 248 -0.54 12.43 10.02
N GLU C 249 -0.78 13.25 9.00
CA GLU C 249 -1.90 14.17 9.00
C GLU C 249 -3.22 13.40 9.08
N LYS C 250 -3.26 12.26 8.39
CA LYS C 250 -4.43 11.41 8.35
C LYS C 250 -4.76 10.81 9.74
N LEU C 251 -3.78 10.20 10.40
CA LEU C 251 -3.95 9.77 11.80
C LEU C 251 -4.49 10.87 12.72
N LEU C 252 -3.85 12.05 12.75
CA LEU C 252 -4.32 13.20 13.55
C LEU C 252 -5.74 13.69 13.27
N THR C 253 -6.06 13.83 12.00
CA THR C 253 -7.35 14.32 11.59
C THR C 253 -8.40 13.30 12.06
N TRP C 254 -8.08 12.01 11.93
CA TRP C 254 -9.05 10.97 12.29
C TRP C 254 -9.28 10.91 13.80
N GLY C 255 -8.18 10.92 14.55
CA GLY C 255 -8.20 11.16 16.00
C GLY C 255 -9.18 12.24 16.39
N PHE C 256 -8.95 13.45 15.87
CA PHE C 256 -9.75 14.60 16.25
C PHE C 256 -11.22 14.55 15.81
N ARG C 257 -11.45 13.90 14.68
CA ARG C 257 -12.81 13.77 14.20
C ARG C 257 -13.64 12.83 15.09
N PHE C 258 -13.10 11.70 15.50
CA PHE C 258 -13.89 10.65 16.14
C PHE C 258 -13.77 10.54 17.67
N PHE C 259 -13.09 11.51 18.29
CA PHE C 259 -12.71 11.28 19.68
C PHE C 259 -12.54 12.60 20.38
N GLU C 260 -12.81 12.58 21.68
CA GLU C 260 -12.63 13.77 22.51
C GLU C 260 -12.09 13.35 23.88
N THR C 261 -11.47 14.29 24.57
CA THR C 261 -10.83 13.95 25.82
C THR C 261 -11.54 14.75 26.89
N VAL C 262 -12.05 14.04 27.91
CA VAL C 262 -12.89 14.67 28.92
C VAL C 262 -12.35 14.40 30.33
N THR C 263 -12.78 15.19 31.30
CA THR C 263 -12.29 15.07 32.68
C THR C 263 -13.46 14.96 33.68
N PRO C 264 -14.09 13.77 33.80
CA PRO C 264 -15.21 13.74 34.72
C PRO C 264 -14.81 13.86 36.20
N ILE C 265 -13.57 13.51 36.56
CA ILE C 265 -13.08 13.74 37.91
C ILE C 265 -11.83 14.64 37.91
N LYS C 266 -11.97 15.87 38.39
CA LYS C 266 -10.90 16.87 38.29
C LYS C 266 -9.73 16.52 39.21
N PRO C 267 -8.50 16.91 38.82
CA PRO C 267 -7.44 16.85 39.82
C PRO C 267 -7.89 17.62 41.06
N ASP C 268 -7.39 17.27 42.23
CA ASP C 268 -7.81 18.00 43.42
C ASP C 268 -9.24 17.66 43.86
N ALA C 269 -10.07 17.16 42.95
CA ALA C 269 -11.44 16.86 43.38
C ALA C 269 -11.57 15.52 44.12
N THR C 270 -12.47 15.51 45.10
CA THR C 270 -12.83 14.31 45.84
C THR C 270 -13.88 13.53 45.06
N PHE C 271 -13.57 12.27 44.74
CA PHE C 271 -14.54 11.32 44.22
C PHE C 271 -15.33 10.66 45.35
N VAL C 272 -14.63 10.06 46.31
CA VAL C 272 -15.32 9.47 47.47
C VAL C 272 -14.63 9.85 48.78
N THR C 273 -15.36 9.85 49.88
CA THR C 273 -14.66 9.85 51.16
C THR C 273 -14.98 8.62 51.98
N GLN C 274 -13.93 7.99 52.49
CA GLN C 274 -14.00 6.76 53.26
C GLN C 274 -13.47 6.93 54.68
N ARG C 275 -14.06 6.17 55.60
CA ARG C 275 -13.59 6.07 56.98
C ARG C 275 -12.13 5.63 56.98
N VAL C 276 -11.35 6.19 57.90
CA VAL C 276 -10.03 5.63 58.15
C VAL C 276 -9.89 5.25 59.63
N TRP C 277 -9.17 4.16 59.89
CA TRP C 277 -9.06 3.62 61.24
C TRP C 277 -7.72 4.01 61.87
N PHE C 278 -7.73 4.47 63.11
CA PHE C 278 -6.49 4.64 63.86
C PHE C 278 -5.62 5.75 63.29
N GLY C 279 -6.24 6.80 62.74
CA GLY C 279 -5.49 7.85 62.08
C GLY C 279 -5.61 9.17 62.81
N ASP C 280 -4.84 10.19 62.46
CA ASP C 280 -5.13 11.54 62.97
C ASP C 280 -6.36 12.27 62.40
N LYS C 281 -7.03 11.64 61.45
CA LYS C 281 -8.31 12.13 60.93
C LYS C 281 -9.18 10.90 60.74
N SER C 282 -10.50 11.08 60.82
CA SER C 282 -11.44 9.96 60.78
C SER C 282 -11.86 9.54 59.37
N GLU C 283 -11.48 10.36 58.40
CA GLU C 283 -12.08 10.42 57.05
C GLU C 283 -10.93 10.70 56.07
N VAL C 284 -10.95 10.07 54.91
CA VAL C 284 -9.98 10.40 53.88
C VAL C 284 -10.72 10.69 52.58
N ASN C 285 -10.34 11.77 51.90
CA ASN C 285 -10.79 12.00 50.51
C ASN C 285 -9.96 11.19 49.55
N LEU C 286 -10.65 10.44 48.69
CA LEU C 286 -10.09 9.73 47.56
C LEU C 286 -10.51 10.35 46.21
N GLY C 287 -9.59 10.31 45.26
CA GLY C 287 -9.80 10.95 43.95
C GLY C 287 -9.04 10.24 42.85
N ALA C 288 -9.04 10.85 41.67
CA ALA C 288 -8.27 10.35 40.54
C ALA C 288 -6.95 11.10 40.36
N GLY C 289 -6.81 12.24 41.04
CA GLY C 289 -5.62 13.08 40.87
C GLY C 289 -5.47 13.48 39.43
N GLU C 290 -4.24 13.41 38.92
CA GLU C 290 -3.96 13.96 37.60
C GLU C 290 -4.45 13.08 36.43
N ALA C 291 -5.01 11.92 36.73
CA ALA C 291 -5.11 10.89 35.70
C ALA C 291 -6.59 10.57 35.55
N GLY C 292 -7.44 11.56 35.76
CA GLY C 292 -8.88 11.37 35.62
C GLY C 292 -9.46 11.90 34.31
N SER C 293 -8.59 12.02 33.31
CA SER C 293 -9.01 12.39 31.95
C SER C 293 -9.35 11.13 31.18
N VAL C 294 -10.40 11.20 30.36
CA VAL C 294 -10.79 10.04 29.57
C VAL C 294 -11.05 10.44 28.14
N THR C 295 -10.58 9.58 27.24
CA THR C 295 -10.81 9.70 25.80
C THR C 295 -11.94 8.76 25.37
N ILE C 296 -12.98 9.35 24.81
CA ILE C 296 -14.19 8.62 24.45
C ILE C 296 -14.54 8.98 23.03
N PRO C 297 -15.30 8.10 22.34
CA PRO C 297 -15.79 8.49 21.04
C PRO C 297 -16.52 9.83 21.14
N ARG C 298 -16.34 10.69 20.15
CA ARG C 298 -16.99 11.99 20.12
C ARG C 298 -18.51 11.81 20.14
N GLY C 299 -19.17 12.60 20.99
CA GLY C 299 -20.63 12.55 21.15
C GLY C 299 -21.16 11.59 22.22
N GLN C 300 -20.27 10.95 22.97
CA GLN C 300 -20.72 9.89 23.87
C GLN C 300 -20.68 10.33 25.33
N LEU C 301 -20.37 11.59 25.59
CA LEU C 301 -20.15 11.95 26.99
C LEU C 301 -21.42 11.62 27.80
N LYS C 302 -22.59 11.68 27.18
CA LYS C 302 -23.84 11.46 27.90
C LYS C 302 -24.05 10.03 28.36
N ASN C 303 -23.33 9.11 27.73
CA ASN C 303 -23.41 7.69 28.05
C ASN C 303 -22.27 7.23 28.95
N LEU C 304 -21.40 8.17 29.30
CA LEU C 304 -20.22 7.79 30.08
C LEU C 304 -20.58 7.48 31.54
N LYS C 305 -20.07 6.35 32.04
CA LYS C 305 -20.31 5.90 33.41
C LYS C 305 -18.95 5.82 34.10
N ALA C 306 -18.94 6.08 35.40
CA ALA C 306 -17.76 5.84 36.25
C ALA C 306 -18.10 5.06 37.51
N SER C 307 -17.26 4.10 37.85
CA SER C 307 -17.46 3.32 39.07
C SER C 307 -16.13 3.24 39.81
N TYR C 308 -16.17 2.85 41.09
CA TYR C 308 -14.91 2.65 41.79
C TYR C 308 -14.95 1.39 42.63
N THR C 309 -13.76 0.83 42.88
CA THR C 309 -13.60 -0.31 43.80
C THR C 309 -12.51 0.02 44.81
N LEU C 310 -12.73 -0.36 46.08
CA LEU C 310 -11.65 -0.29 47.06
C LEU C 310 -10.95 -1.65 47.12
N THR C 311 -9.63 -1.62 47.16
CA THR C 311 -8.89 -2.88 47.25
C THR C 311 -9.10 -3.50 48.64
N GLU C 312 -8.97 -2.67 49.68
CA GLU C 312 -9.06 -3.05 51.08
C GLU C 312 -10.40 -2.56 51.65
N PRO C 313 -11.16 -3.42 52.37
CA PRO C 313 -12.48 -3.03 52.83
C PRO C 313 -12.48 -2.42 54.24
N GLN C 314 -11.32 -1.95 54.68
CA GLN C 314 -11.26 -0.85 55.64
C GLN C 314 -9.98 -0.15 55.22
N LEU C 315 -9.87 1.15 55.52
CA LEU C 315 -8.64 1.88 55.24
C LEU C 315 -7.97 2.07 56.59
N THR C 316 -6.68 1.78 56.68
CA THR C 316 -6.03 1.84 57.98
C THR C 316 -4.85 2.82 57.91
N ALA C 317 -4.70 3.72 58.89
CA ALA C 317 -3.58 4.65 58.84
C ALA C 317 -2.28 3.86 58.97
N PRO C 318 -1.13 4.47 58.61
CA PRO C 318 -1.00 5.78 57.98
C PRO C 318 -1.34 5.73 56.49
N LEU C 319 -1.87 6.82 55.96
CA LEU C 319 -2.11 6.95 54.52
C LEU C 319 -1.24 8.07 53.95
N LYS C 320 -0.68 7.85 52.76
CA LYS C 320 0.07 8.90 52.06
C LYS C 320 -0.68 9.47 50.85
N LYS C 321 -0.61 10.79 50.69
CA LYS C 321 -1.11 11.41 49.47
C LYS C 321 -0.53 10.69 48.25
N GLY C 322 -1.40 10.20 47.36
CA GLY C 322 -0.94 9.52 46.17
C GLY C 322 -1.00 8.01 46.29
N GLN C 323 -1.24 7.52 47.51
CA GLN C 323 -1.36 6.09 47.76
C GLN C 323 -2.54 5.47 47.03
N VAL C 324 -2.30 4.39 46.29
CA VAL C 324 -3.37 3.65 45.62
C VAL C 324 -4.17 2.72 46.55
N VAL C 325 -5.48 2.90 46.52
CA VAL C 325 -6.35 2.37 47.55
C VAL C 325 -7.56 1.70 46.87
N GLY C 326 -7.52 1.68 45.54
CA GLY C 326 -8.53 1.01 44.73
C GLY C 326 -8.43 1.42 43.28
N THR C 327 -9.54 1.31 42.55
CA THR C 327 -9.57 1.55 41.12
C THR C 327 -10.81 2.37 40.75
N ILE C 328 -10.68 3.21 39.73
CA ILE C 328 -11.82 3.87 39.09
C ILE C 328 -11.91 3.27 37.71
N ASP C 329 -13.10 2.85 37.30
CA ASP C 329 -13.28 2.32 35.96
C ASP C 329 -14.24 3.25 35.21
N PHE C 330 -13.93 3.57 33.96
CA PHE C 330 -14.82 4.35 33.11
C PHE C 330 -15.42 3.42 32.05
N GLN C 331 -16.74 3.39 31.95
CA GLN C 331 -17.37 2.48 30.98
C GLN C 331 -18.25 3.23 30.00
N LEU C 332 -18.44 2.61 28.84
CA LEU C 332 -19.38 3.11 27.85
C LEU C 332 -20.06 1.83 27.35
N ASN C 333 -21.38 1.86 27.37
CA ASN C 333 -22.14 0.78 26.77
C ASN C 333 -21.70 -0.60 27.22
N GLY C 334 -21.65 -0.79 28.54
CA GLY C 334 -21.34 -2.08 29.14
C GLY C 334 -19.87 -2.44 29.17
N LYS C 335 -19.03 -1.56 28.62
CA LYS C 335 -17.64 -1.95 28.36
C LYS C 335 -16.66 -0.98 29.00
N SER C 336 -15.65 -1.53 29.66
CA SER C 336 -14.59 -0.68 30.20
C SER C 336 -13.73 -0.06 29.11
N ILE C 337 -13.51 1.24 29.25
CA ILE C 337 -12.73 1.93 28.25
C ILE C 337 -11.43 2.51 28.83
N GLU C 338 -11.33 2.50 30.16
CA GLU C 338 -10.19 3.09 30.85
C GLU C 338 -10.32 2.74 32.34
N GLN C 339 -9.24 2.22 32.91
CA GLN C 339 -9.15 1.97 34.34
C GLN C 339 -8.06 2.86 34.93
N ARG C 340 -8.31 3.51 36.07
CA ARG C 340 -7.33 4.41 36.67
C ARG C 340 -7.18 4.13 38.16
N PRO C 341 -6.03 4.44 38.75
CA PRO C 341 -5.96 4.26 40.21
C PRO C 341 -6.92 5.19 40.95
N LEU C 342 -7.54 4.70 42.01
CA LEU C 342 -8.15 5.52 43.04
C LEU C 342 -7.13 5.89 44.12
N ILE C 343 -6.84 7.17 44.31
CA ILE C 343 -5.70 7.49 45.15
C ILE C 343 -6.10 8.39 46.30
N VAL C 344 -5.33 8.32 47.39
CA VAL C 344 -5.53 9.19 48.54
C VAL C 344 -5.16 10.65 48.23
N MET C 345 -5.95 11.60 48.67
CA MET C 345 -5.74 13.00 48.28
C MET C 345 -5.07 13.82 49.37
N GLU C 346 -4.94 13.24 50.57
CA GLU C 346 -4.37 13.95 51.72
C GLU C 346 -3.65 12.95 52.63
N ASN C 347 -2.57 13.39 53.27
CA ASN C 347 -1.89 12.55 54.26
C ASN C 347 -2.75 12.36 55.49
N VAL C 348 -2.78 11.13 56.00
CA VAL C 348 -3.37 10.79 57.30
C VAL C 348 -2.32 9.99 58.09
N GLU C 349 -1.73 10.57 59.14
CA GLU C 349 -0.73 9.79 59.90
C GLU C 349 -1.44 8.87 60.89
N GLU C 350 -0.71 7.96 61.52
CA GLU C 350 -1.26 7.23 62.66
C GLU C 350 -1.69 8.21 63.77
N GLY C 351 -2.79 7.92 64.46
CA GLY C 351 -3.14 8.65 65.68
C GLY C 351 -2.08 8.57 66.77
N GLY C 352 -2.34 9.18 67.92
CA GLY C 352 -3.65 9.76 68.19
C GLY C 352 -3.55 11.27 68.21
N ALA D 2 8.80 43.22 -19.93
CA ALA D 2 7.72 42.20 -19.93
C ALA D 2 6.43 42.69 -20.60
N GLU D 3 5.59 41.72 -20.89
CA GLU D 3 4.24 41.95 -21.40
C GLU D 3 3.54 43.05 -20.58
N GLN D 4 2.85 43.97 -21.25
CA GLN D 4 2.36 45.20 -20.63
C GLN D 4 0.83 45.29 -20.51
N THR D 5 0.10 44.41 -21.18
CA THR D 5 -1.37 44.49 -21.14
C THR D 5 -1.94 44.02 -19.82
N VAL D 6 -1.54 42.81 -19.40
CA VAL D 6 -2.05 42.19 -18.17
C VAL D 6 -1.14 42.52 -16.96
N GLU D 7 -1.72 43.09 -15.91
CA GLU D 7 -0.91 43.52 -14.75
C GLU D 7 -0.05 42.35 -14.21
N ALA D 8 1.26 42.51 -14.06
CA ALA D 8 2.03 41.37 -13.53
C ALA D 8 1.86 41.16 -12.03
N PRO D 9 2.05 39.93 -11.56
CA PRO D 9 1.84 39.67 -10.14
C PRO D 9 3.05 40.20 -9.36
N SER D 10 2.82 40.51 -8.09
CA SER D 10 3.92 40.81 -7.17
C SER D 10 4.60 39.49 -6.84
N VAL D 11 5.92 39.51 -6.72
CA VAL D 11 6.60 38.33 -6.20
C VAL D 11 7.61 38.66 -5.11
N ASP D 12 7.67 37.78 -4.10
CA ASP D 12 8.49 37.95 -2.90
C ASP D 12 9.86 37.28 -3.08
N ALA D 13 10.73 37.92 -3.86
CA ALA D 13 12.09 37.41 -4.08
C ALA D 13 12.98 38.54 -4.62
N ARG D 14 14.28 38.29 -4.63
CA ARG D 14 15.20 39.28 -5.16
C ARG D 14 15.07 39.48 -6.67
N ALA D 15 14.84 38.43 -7.45
CA ALA D 15 14.77 38.62 -8.92
C ALA D 15 13.94 37.45 -9.40
N TRP D 16 13.21 37.66 -10.49
CA TRP D 16 12.43 36.59 -11.11
C TRP D 16 12.18 36.87 -12.60
N ILE D 17 11.77 35.83 -13.33
CA ILE D 17 11.31 35.99 -14.69
C ILE D 17 10.34 34.85 -14.96
N LEU D 18 9.40 35.10 -15.87
CA LEU D 18 8.52 34.03 -16.36
C LEU D 18 8.50 34.17 -17.88
N MET D 19 8.95 33.16 -18.60
CA MET D 19 9.12 33.35 -20.03
C MET D 19 8.36 32.19 -20.68
N ASP D 20 7.78 32.43 -21.86
CA ASP D 20 7.20 31.38 -22.70
C ASP D 20 8.24 30.69 -23.55
N TYR D 21 8.18 29.36 -23.59
CA TYR D 21 9.24 28.59 -24.20
C TYR D 21 9.20 28.77 -25.73
N ALA D 22 8.02 28.70 -26.32
CA ALA D 22 7.94 28.67 -27.79
C ALA D 22 8.19 30.05 -28.38
N SER D 23 7.58 31.08 -27.79
CA SER D 23 7.70 32.44 -28.30
C SER D 23 8.92 33.22 -27.79
N GLY D 24 9.42 32.86 -26.61
CA GLY D 24 10.45 33.63 -25.90
C GLY D 24 9.92 34.87 -25.20
N LYS D 25 8.62 35.07 -25.25
CA LYS D 25 8.02 36.26 -24.65
C LYS D 25 8.16 36.23 -23.14
N VAL D 26 8.61 37.34 -22.54
CA VAL D 26 8.68 37.47 -21.11
C VAL D 26 7.37 38.07 -20.60
N LEU D 27 6.73 37.32 -19.70
CA LEU D 27 5.37 37.62 -19.28
C LEU D 27 5.45 38.40 -17.98
N ALA D 28 6.54 38.23 -17.24
CA ALA D 28 6.69 38.90 -15.93
C ALA D 28 8.16 38.93 -15.54
N GLU D 29 8.64 40.00 -14.90
CA GLU D 29 10.05 39.95 -14.55
C GLU D 29 10.26 40.96 -13.42
N GLY D 30 11.34 40.73 -12.68
CA GLY D 30 11.74 41.67 -11.63
C GLY D 30 13.24 41.56 -11.51
N ASN D 31 13.96 42.65 -11.70
CA ASN D 31 15.39 42.64 -11.53
C ASN D 31 16.07 41.54 -12.32
N ALA D 32 15.56 41.22 -13.51
CA ALA D 32 15.99 39.98 -14.16
C ALA D 32 17.37 40.04 -14.80
N ASP D 33 18.01 41.20 -14.75
CA ASP D 33 19.39 41.34 -15.27
C ASP D 33 20.41 41.59 -14.16
N GLU D 34 19.91 41.56 -12.92
CA GLU D 34 20.79 41.62 -11.75
C GLU D 34 21.66 40.40 -11.52
N LYS D 35 22.97 40.63 -11.49
CA LYS D 35 23.92 39.56 -11.16
C LYS D 35 23.84 39.02 -9.74
N LEU D 36 23.53 37.72 -9.61
CA LEU D 36 23.33 37.02 -8.34
C LEU D 36 23.98 35.62 -8.33
N ASP D 37 24.17 35.00 -7.16
CA ASP D 37 24.85 33.70 -7.10
C ASP D 37 23.89 32.61 -7.63
N PRO D 38 24.40 31.75 -8.52
CA PRO D 38 23.49 30.73 -9.05
C PRO D 38 23.38 29.49 -8.16
N ALA D 39 24.36 29.27 -7.27
CA ALA D 39 24.44 28.05 -6.48
C ALA D 39 24.23 26.84 -7.39
N SER D 40 23.46 25.84 -6.98
CA SER D 40 23.35 24.65 -7.79
C SER D 40 22.66 24.86 -9.13
N LEU D 41 22.12 26.06 -9.38
CA LEU D 41 21.57 26.29 -10.72
C LEU D 41 22.71 26.19 -11.72
N THR D 42 23.94 26.36 -11.26
CA THR D 42 25.10 26.08 -12.14
C THR D 42 25.05 24.69 -12.78
N LYS D 43 24.46 23.69 -12.11
CA LYS D 43 24.45 22.33 -12.67
C LYS D 43 23.47 22.14 -13.85
N ILE D 44 22.60 23.11 -14.10
CA ILE D 44 21.89 23.22 -15.37
C ILE D 44 22.88 23.29 -16.54
N MET D 45 23.90 24.13 -16.42
CA MET D 45 24.96 24.16 -17.46
C MET D 45 25.81 22.91 -17.45
N THR D 46 26.06 22.36 -16.26
CA THR D 46 26.92 21.19 -16.20
C THR D 46 26.20 20.10 -16.99
N SER D 47 24.89 19.99 -16.81
CA SER D 47 24.14 18.97 -17.52
C SER D 47 23.97 19.29 -19.02
N TYR D 48 23.97 20.58 -19.35
CA TYR D 48 23.97 21.05 -20.73
C TYR D 48 25.20 20.49 -21.45
N VAL D 49 26.36 20.62 -20.84
CA VAL D 49 27.62 20.20 -21.47
C VAL D 49 27.72 18.66 -21.59
N VAL D 50 27.40 17.96 -20.50
CA VAL D 50 27.33 16.49 -20.49
C VAL D 50 26.33 16.03 -21.54
N GLY D 51 25.17 16.69 -21.61
CA GLY D 51 24.16 16.38 -22.63
C GLY D 51 24.70 16.50 -24.04
N GLN D 52 25.49 17.57 -24.28
CA GLN D 52 26.03 17.84 -25.61
C GLN D 52 27.05 16.76 -25.92
N ALA D 53 27.79 16.33 -24.92
CA ALA D 53 28.76 15.25 -25.12
C ALA D 53 28.09 13.92 -25.47
N LEU D 54 26.95 13.64 -24.84
CA LEU D 54 26.21 12.40 -25.10
C LEU D 54 25.59 12.47 -26.49
N LYS D 55 24.99 13.61 -26.82
CA LYS D 55 24.31 13.78 -28.10
C LYS D 55 25.27 13.68 -29.29
N ALA D 56 26.53 14.02 -29.05
CA ALA D 56 27.57 13.99 -30.08
C ALA D 56 28.37 12.69 -30.04
N ASP D 57 27.97 11.79 -29.14
CA ASP D 57 28.53 10.45 -29.06
C ASP D 57 30.00 10.46 -28.67
N LYS D 58 30.40 11.49 -27.93
CA LYS D 58 31.76 11.52 -27.43
C LYS D 58 31.91 10.68 -26.18
N ILE D 59 30.80 10.54 -25.45
CA ILE D 59 30.68 9.64 -24.31
C ILE D 59 29.37 8.89 -24.41
N LYS D 60 29.29 7.80 -23.66
CA LYS D 60 28.10 6.94 -23.62
C LYS D 60 27.64 6.77 -22.17
N LEU D 61 26.33 6.55 -22.02
CA LEU D 61 25.71 6.26 -20.71
C LEU D 61 26.35 5.05 -20.02
N THR D 62 26.76 4.08 -20.83
CA THR D 62 27.40 2.84 -20.36
C THR D 62 28.91 2.92 -20.08
N ASP D 63 29.55 4.02 -20.48
CA ASP D 63 30.95 4.29 -20.19
C ASP D 63 31.19 4.26 -18.68
N MET D 64 32.29 3.63 -18.28
CA MET D 64 32.68 3.48 -16.88
C MET D 64 33.73 4.55 -16.57
N VAL D 65 33.43 5.42 -15.61
CA VAL D 65 34.41 6.44 -15.26
C VAL D 65 35.08 6.13 -13.92
N THR D 66 36.38 6.35 -13.87
CA THR D 66 37.13 6.20 -12.63
C THR D 66 37.00 7.46 -11.81
N VAL D 67 36.62 7.29 -10.55
CA VAL D 67 36.56 8.39 -9.59
C VAL D 67 37.95 8.84 -9.14
N GLY D 68 38.20 10.14 -9.17
CA GLY D 68 39.51 10.68 -8.85
C GLY D 68 39.54 11.18 -7.42
N LYS D 69 40.73 11.50 -6.93
CA LYS D 69 40.89 12.11 -5.61
C LYS D 69 40.11 13.42 -5.38
N ASP D 70 39.81 14.12 -6.47
CA ASP D 70 38.99 15.33 -6.38
C ASP D 70 37.52 15.08 -6.05
N ALA D 71 37.10 13.82 -6.04
CA ALA D 71 35.67 13.49 -6.03
C ALA D 71 35.16 13.02 -4.67
N TRP D 72 35.97 13.19 -3.63
CA TRP D 72 35.46 13.00 -2.28
C TRP D 72 35.98 14.06 -1.31
N ALA D 73 35.28 14.23 -0.19
CA ALA D 73 35.61 15.29 0.76
C ALA D 73 37.01 15.14 1.36
N THR D 74 37.49 13.91 1.50
CA THR D 74 38.82 13.65 2.05
C THR D 74 39.89 14.32 1.19
N GLY D 75 39.79 14.10 -0.12
CA GLY D 75 40.70 14.75 -1.08
C GLY D 75 40.30 16.14 -1.55
N ASN D 76 39.08 16.57 -1.23
CA ASN D 76 38.54 17.83 -1.73
C ASN D 76 37.68 18.53 -0.66
N PRO D 77 38.33 19.29 0.21
CA PRO D 77 37.66 19.81 1.40
C PRO D 77 36.37 20.56 1.06
N ALA D 78 36.30 21.11 -0.16
CA ALA D 78 35.14 21.93 -0.51
C ALA D 78 33.85 21.10 -0.60
N LEU D 79 33.99 19.79 -0.73
CA LEU D 79 32.79 18.94 -0.72
C LEU D 79 32.15 18.71 0.65
N ARG D 80 32.83 19.08 1.73
CA ARG D 80 32.36 18.71 3.06
C ARG D 80 31.01 19.40 3.27
N GLY D 81 30.05 18.63 3.78
CA GLY D 81 28.70 19.13 3.94
C GLY D 81 27.78 19.06 2.72
N SER D 82 28.27 18.55 1.58
CA SER D 82 27.47 18.40 0.35
C SER D 82 26.66 17.12 0.31
N SER D 83 25.63 17.05 -0.53
CA SER D 83 25.01 15.74 -0.79
C SER D 83 26.06 15.09 -1.69
N VAL D 84 26.22 13.78 -1.56
CA VAL D 84 27.38 13.06 -2.07
C VAL D 84 26.92 11.61 -2.29
N MET D 85 27.62 10.92 -3.19
CA MET D 85 27.28 9.57 -3.61
C MET D 85 28.29 8.61 -2.97
N PHE D 86 29.04 9.10 -1.99
CA PHE D 86 30.03 8.25 -1.31
C PHE D 86 31.00 7.58 -2.28
N LEU D 87 31.53 8.42 -3.17
CA LEU D 87 32.46 8.01 -4.17
C LEU D 87 33.81 7.93 -3.47
N LYS D 88 34.54 6.84 -3.69
CA LYS D 88 35.94 6.84 -3.30
C LYS D 88 36.83 6.59 -4.52
N PRO D 89 38.00 7.23 -4.56
CA PRO D 89 39.00 7.04 -5.61
C PRO D 89 39.10 5.56 -5.98
N GLY D 90 39.24 5.28 -7.27
CA GLY D 90 39.31 3.90 -7.67
C GLY D 90 37.97 3.37 -8.13
N ASP D 91 36.87 3.79 -7.50
CA ASP D 91 35.54 3.35 -7.90
C ASP D 91 35.31 3.54 -9.40
N GLN D 92 34.63 2.57 -10.02
CA GLN D 92 34.10 2.68 -11.37
C GLN D 92 32.60 2.89 -11.29
N VAL D 93 32.12 3.99 -11.88
CA VAL D 93 30.70 4.34 -11.91
C VAL D 93 30.23 4.67 -13.32
N SER D 94 29.07 4.15 -13.71
CA SER D 94 28.37 4.54 -14.93
C SER D 94 28.40 6.06 -15.18
N VAL D 95 28.56 6.45 -16.44
CA VAL D 95 28.11 7.78 -16.86
C VAL D 95 26.65 8.00 -16.48
N ALA D 96 25.79 7.02 -16.80
CA ALA D 96 24.38 7.14 -16.46
C ALA D 96 24.13 7.46 -14.99
N ASP D 97 24.83 6.76 -14.08
CA ASP D 97 24.68 6.99 -12.64
C ASP D 97 25.24 8.34 -12.22
N LEU D 98 26.42 8.69 -12.71
CA LEU D 98 26.96 10.01 -12.42
C LEU D 98 26.03 11.10 -12.94
N ASN D 99 25.43 10.90 -14.11
CA ASN D 99 24.55 11.85 -14.75
C ASN D 99 23.32 12.09 -13.89
N LYS D 100 22.73 11.02 -13.36
CA LYS D 100 21.55 11.17 -12.52
C LYS D 100 22.00 11.77 -11.19
N GLY D 101 23.22 11.50 -10.79
CA GLY D 101 23.70 12.08 -9.53
C GLY D 101 23.74 13.61 -9.62
N VAL D 102 24.23 14.16 -10.73
CA VAL D 102 24.16 15.61 -10.88
C VAL D 102 22.75 16.15 -11.02
N ILE D 103 21.93 15.48 -11.81
CA ILE D 103 20.61 16.00 -12.16
C ILE D 103 19.57 15.82 -11.04
N ILE D 104 19.44 14.59 -10.53
CA ILE D 104 18.37 14.28 -9.57
C ILE D 104 18.80 14.69 -8.16
N GLN D 105 19.98 14.22 -7.77
CA GLN D 105 20.50 14.42 -6.43
C GLN D 105 21.21 15.77 -6.25
N SER D 106 21.62 16.38 -7.36
CA SER D 106 22.56 17.53 -7.34
C SER D 106 23.82 17.24 -6.53
N GLY D 107 24.40 16.07 -6.74
CA GLY D 107 25.64 15.74 -6.04
C GLY D 107 26.79 16.53 -6.63
N ASN D 108 27.49 17.26 -5.77
CA ASN D 108 28.69 17.97 -6.16
C ASN D 108 29.84 17.09 -6.63
N ASP D 109 29.98 15.94 -5.98
CA ASP D 109 30.98 14.95 -6.37
C ASP D 109 30.72 14.35 -7.76
N ALA D 110 29.47 14.01 -8.06
CA ALA D 110 29.17 13.57 -9.44
C ALA D 110 29.52 14.66 -10.47
N CYS D 111 29.31 15.93 -10.17
CA CYS D 111 29.74 16.95 -11.14
C CYS D 111 31.24 16.83 -11.44
N ILE D 112 32.05 16.70 -10.41
CA ILE D 112 33.50 16.63 -10.59
C ILE D 112 33.88 15.36 -11.35
N ALA D 113 33.39 14.20 -10.93
CA ALA D 113 33.80 12.98 -11.64
C ALA D 113 33.43 13.02 -13.13
N LEU D 114 32.27 13.58 -13.46
CA LEU D 114 31.80 13.66 -14.85
C LEU D 114 32.55 14.75 -15.62
N ALA D 115 32.80 15.87 -14.95
CA ALA D 115 33.62 16.92 -15.56
C ALA D 115 34.99 16.38 -15.97
N ASP D 116 35.67 15.71 -15.06
CA ASP D 116 36.97 15.09 -15.34
C ASP D 116 36.85 14.16 -16.54
N TYR D 117 35.86 13.28 -16.56
CA TYR D 117 35.72 12.35 -17.67
C TYR D 117 35.50 13.01 -19.05
N VAL D 118 34.53 13.94 -19.11
CA VAL D 118 34.22 14.56 -20.40
C VAL D 118 35.35 15.50 -20.88
N ALA D 119 36.00 16.21 -19.97
CA ALA D 119 36.89 17.31 -20.38
C ALA D 119 38.33 17.17 -19.88
N GLY D 120 38.62 16.10 -19.14
CA GLY D 120 39.96 15.92 -18.59
C GLY D 120 40.24 16.59 -17.26
N SER D 121 39.56 17.69 -16.96
CA SER D 121 39.76 18.41 -15.70
C SER D 121 38.61 19.37 -15.46
N GLN D 122 38.49 19.86 -14.22
CA GLN D 122 37.42 20.81 -13.95
C GLN D 122 37.64 22.11 -14.73
N GLU D 123 38.88 22.61 -14.75
CA GLU D 123 39.21 23.87 -15.42
C GLU D 123 38.80 23.91 -16.89
N SER D 124 39.15 22.84 -17.59
CA SER D 124 38.70 22.60 -18.96
C SER D 124 37.18 22.49 -19.13
N PHE D 125 36.52 21.80 -18.21
CA PHE D 125 35.05 21.63 -18.35
C PHE D 125 34.40 23.01 -18.20
N ILE D 126 34.95 23.80 -17.28
CA ILE D 126 34.45 25.14 -16.99
C ILE D 126 34.58 26.09 -18.19
N GLY D 127 35.69 25.98 -18.93
CA GLY D 127 35.77 26.55 -20.27
C GLY D 127 34.63 26.21 -21.21
N LEU D 128 34.23 24.93 -21.28
CA LEU D 128 33.08 24.56 -22.13
C LEU D 128 31.80 25.21 -21.61
N MET D 129 31.66 25.29 -20.29
CA MET D 129 30.47 25.90 -19.70
C MET D 129 30.36 27.36 -20.14
N ASN D 130 31.47 28.09 -20.00
CA ASN D 130 31.47 29.50 -20.41
C ASN D 130 31.41 29.69 -21.94
N GLY D 131 31.95 28.73 -22.67
CA GLY D 131 31.84 28.74 -24.13
C GLY D 131 30.39 28.67 -24.57
N TYR D 132 29.62 27.78 -23.94
CA TYR D 132 28.21 27.73 -24.28
C TYR D 132 27.41 28.92 -23.75
N ALA D 133 27.78 29.46 -22.58
CA ALA D 133 27.10 30.67 -22.10
C ALA D 133 27.19 31.78 -23.14
N LYS D 134 28.40 31.98 -23.66
CA LYS D 134 28.60 32.91 -24.77
C LYS D 134 27.76 32.58 -26.00
N LYS D 135 27.84 31.34 -26.47
CA LYS D 135 27.06 30.99 -27.65
C LYS D 135 25.56 31.21 -27.49
N LEU D 136 25.05 30.98 -26.28
CA LEU D 136 23.62 30.94 -26.02
C LEU D 136 23.16 32.34 -25.62
N GLY D 137 24.09 33.28 -25.57
CA GLY D 137 23.74 34.69 -25.39
C GLY D 137 23.51 35.00 -23.92
N LEU D 138 24.18 34.25 -23.04
CA LEU D 138 24.06 34.49 -21.61
C LEU D 138 25.07 35.58 -21.16
N THR D 139 24.76 36.81 -21.52
CA THR D 139 25.75 37.91 -21.50
C THR D 139 26.12 38.33 -20.09
N ASN D 140 25.31 37.97 -19.10
CA ASN D 140 25.62 38.32 -17.72
C ASN D 140 25.94 37.13 -16.84
N THR D 141 26.44 36.07 -17.46
CA THR D 141 26.70 34.83 -16.73
C THR D 141 28.15 34.42 -16.91
N THR D 142 28.80 34.13 -15.78
CA THR D 142 30.06 33.43 -15.78
C THR D 142 30.19 32.40 -14.66
N PHE D 143 30.63 31.22 -15.08
CA PHE D 143 30.73 30.08 -14.19
C PHE D 143 32.20 29.94 -13.84
N GLN D 144 32.48 29.68 -12.56
CA GLN D 144 33.85 29.40 -12.09
C GLN D 144 34.03 28.02 -11.47
N THR D 145 32.99 27.18 -11.52
CA THR D 145 32.98 25.88 -10.85
C THR D 145 32.11 24.95 -11.73
N VAL D 146 32.27 23.64 -11.56
CA VAL D 146 31.36 22.69 -12.18
C VAL D 146 30.09 22.35 -11.39
N HIS D 147 29.97 22.85 -10.16
CA HIS D 147 28.93 22.37 -9.24
C HIS D 147 28.13 23.52 -8.65
N GLY D 148 28.70 24.72 -8.72
CA GLY D 148 28.01 25.89 -8.20
C GLY D 148 28.34 26.22 -6.75
N LEU D 149 29.30 25.51 -6.17
CA LEU D 149 29.76 25.93 -4.84
C LEU D 149 30.28 27.35 -5.00
N ASP D 150 30.19 28.12 -3.93
CA ASP D 150 30.45 29.56 -4.01
C ASP D 150 31.89 29.77 -4.46
N ALA D 151 32.10 30.83 -5.24
CA ALA D 151 33.46 31.25 -5.63
C ALA D 151 33.42 32.65 -6.25
N PRO D 152 34.54 33.39 -6.17
CA PRO D 152 34.55 34.77 -6.65
C PRO D 152 34.30 34.84 -8.16
N GLY D 153 33.57 35.86 -8.61
CA GLY D 153 33.36 36.08 -10.03
C GLY D 153 32.46 35.05 -10.70
N GLN D 154 31.68 34.34 -9.90
CA GLN D 154 30.66 33.46 -10.45
C GLN D 154 29.25 34.04 -10.23
N PHE D 155 28.49 34.20 -11.31
CA PHE D 155 27.17 34.83 -11.21
C PHE D 155 26.30 34.47 -12.40
N SER D 156 24.99 34.57 -12.24
CA SER D 156 24.06 34.54 -13.36
C SER D 156 22.96 35.54 -13.11
N THR D 157 21.93 35.54 -13.96
CA THR D 157 20.77 36.39 -13.74
C THR D 157 19.52 35.56 -14.00
N ALA D 158 18.38 36.13 -13.62
CA ALA D 158 17.10 35.45 -13.83
C ALA D 158 16.91 35.21 -15.32
N ARG D 159 17.12 36.24 -16.13
CA ARG D 159 16.93 36.18 -17.57
C ARG D 159 17.85 35.14 -18.19
N ASP D 160 19.14 35.15 -17.83
CA ASP D 160 20.07 34.11 -18.36
C ASP D 160 19.72 32.65 -18.01
N MET D 161 19.29 32.46 -16.77
CA MET D 161 18.89 31.13 -16.34
C MET D 161 17.68 30.61 -17.12
N ALA D 162 16.74 31.52 -17.42
CA ALA D 162 15.63 31.14 -18.27
C ALA D 162 16.06 30.81 -19.70
N LEU D 163 16.96 31.60 -20.27
CA LEU D 163 17.52 31.28 -21.59
C LEU D 163 18.28 29.98 -21.55
N LEU D 164 19.00 29.75 -20.46
CA LEU D 164 19.72 28.47 -20.37
C LEU D 164 18.75 27.29 -20.26
N GLY D 165 17.69 27.48 -19.47
CA GLY D 165 16.74 26.39 -19.22
C GLY D 165 16.08 26.07 -20.54
N LYS D 166 15.74 27.11 -21.29
CA LYS D 166 15.13 26.92 -22.62
C LYS D 166 16.08 26.15 -23.54
N ALA D 167 17.36 26.50 -23.49
CA ALA D 167 18.34 25.74 -24.30
C ALA D 167 18.51 24.28 -23.93
N LEU D 168 18.49 23.98 -22.63
CA LEU D 168 18.57 22.60 -22.16
C LEU D 168 17.40 21.81 -22.72
N ILE D 169 16.21 22.35 -22.54
CA ILE D 169 15.01 21.68 -23.00
C ILE D 169 15.03 21.49 -24.52
N HIS D 170 15.45 22.51 -25.25
CA HIS D 170 15.46 22.48 -26.70
C HIS D 170 16.58 21.63 -27.31
N ASP D 171 17.79 21.76 -26.79
CA ASP D 171 19.02 21.31 -27.49
C ASP D 171 19.43 19.90 -27.05
N VAL D 172 19.24 19.59 -25.77
CA VAL D 172 19.45 18.25 -25.23
C VAL D 172 18.23 17.65 -24.51
N PRO D 173 17.15 17.39 -25.26
CA PRO D 173 15.89 16.84 -24.74
C PRO D 173 16.04 15.55 -23.93
N GLU D 174 17.00 14.71 -24.29
CA GLU D 174 17.24 13.50 -23.53
C GLU D 174 17.82 13.76 -22.14
N GLU D 175 18.71 14.74 -22.05
CA GLU D 175 19.23 15.17 -20.77
C GLU D 175 18.15 15.92 -19.97
N TYR D 176 17.35 16.75 -20.65
CA TYR D 176 16.24 17.37 -19.95
C TYR D 176 15.29 16.32 -19.36
N ALA D 177 15.00 15.26 -20.12
CA ALA D 177 14.08 14.22 -19.64
C ALA D 177 14.34 13.69 -18.23
N ILE D 178 15.62 13.63 -17.84
CA ILE D 178 16.03 13.00 -16.60
C ILE D 178 15.64 13.90 -15.42
N HIS D 179 15.48 15.21 -15.68
CA HIS D 179 15.19 16.19 -14.63
C HIS D 179 13.82 16.00 -13.96
N LYS D 180 12.91 15.29 -14.60
CA LYS D 180 11.59 15.01 -14.02
C LYS D 180 11.55 13.79 -13.12
N GLU D 181 12.60 12.96 -13.16
CA GLU D 181 12.70 11.75 -12.35
C GLU D 181 12.73 12.01 -10.84
N LYS D 182 11.78 11.41 -10.13
CA LYS D 182 11.54 11.66 -8.71
C LYS D 182 12.58 11.08 -7.79
N GLU D 183 13.25 10.03 -8.24
CA GLU D 183 14.36 9.45 -7.47
C GLU D 183 15.24 8.56 -8.34
N PHE D 184 16.46 8.34 -7.87
CA PHE D 184 17.22 7.18 -8.38
C PHE D 184 17.95 6.43 -7.28
N THR D 185 18.18 5.14 -7.55
CA THR D 185 18.88 4.29 -6.60
C THR D 185 20.36 4.18 -6.95
N PHE D 186 21.17 4.37 -5.91
CA PHE D 186 22.61 4.20 -6.01
C PHE D 186 23.18 3.83 -4.63
N ASN D 187 24.09 2.88 -4.57
CA ASN D 187 24.58 2.46 -3.23
C ASN D 187 23.43 1.71 -2.53
N LYS D 188 22.56 1.07 -3.30
CA LYS D 188 21.33 0.46 -2.77
C LYS D 188 20.35 1.40 -2.06
N ILE D 189 20.56 2.70 -2.18
CA ILE D 189 19.86 3.72 -1.39
C ILE D 189 19.03 4.60 -2.35
N ARG D 190 17.74 4.78 -2.05
CA ARG D 190 16.88 5.70 -2.80
C ARG D 190 17.19 7.17 -2.49
N GLN D 191 17.60 7.96 -3.48
CA GLN D 191 17.79 9.41 -3.32
C GLN D 191 16.76 10.22 -4.13
N PRO D 192 15.95 11.03 -3.43
CA PRO D 192 14.90 11.79 -4.10
C PRO D 192 15.39 13.04 -4.82
N ASN D 193 14.60 13.47 -5.80
CA ASN D 193 14.92 14.67 -6.52
C ASN D 193 14.66 15.81 -5.55
N ARG D 194 15.54 16.80 -5.51
CA ARG D 194 15.35 17.95 -4.63
C ARG D 194 14.30 18.96 -5.06
N ASN D 195 13.85 18.86 -6.31
CA ASN D 195 12.87 19.80 -6.83
C ASN D 195 11.48 19.35 -6.40
N ARG D 196 11.02 19.90 -5.29
CA ARG D 196 9.72 19.50 -4.72
C ARG D 196 8.55 19.88 -5.61
N LEU D 197 8.75 20.86 -6.50
CA LEU D 197 7.66 21.29 -7.37
C LEU D 197 7.31 20.17 -8.35
N LEU D 198 8.18 19.19 -8.52
CA LEU D 198 7.82 18.03 -9.34
C LEU D 198 6.53 17.36 -8.80
N TRP D 199 6.25 17.57 -7.50
CA TRP D 199 5.10 16.88 -6.87
C TRP D 199 3.82 17.72 -6.95
N SER D 200 3.91 18.94 -7.47
CA SER D 200 2.72 19.77 -7.57
C SER D 200 1.56 19.02 -8.24
N SER D 201 0.35 19.17 -7.71
CA SER D 201 -0.83 18.63 -8.37
C SER D 201 -1.53 19.70 -9.21
N ASN D 202 -1.18 20.96 -8.92
CA ASN D 202 -1.69 22.15 -9.61
C ASN D 202 -1.06 22.40 -10.98
N LEU D 203 0.18 21.95 -11.15
CA LEU D 203 0.98 22.24 -12.34
C LEU D 203 1.59 20.93 -12.78
N ASN D 204 1.71 20.72 -14.08
N ASN D 204 1.85 20.83 -14.08
CA ASN D 204 2.55 19.65 -14.60
CA ASN D 204 2.58 19.72 -14.69
C ASN D 204 3.96 20.21 -14.72
C ASN D 204 4.09 19.96 -14.84
N VAL D 205 4.79 19.88 -13.72
CA VAL D 205 6.13 20.46 -13.63
C VAL D 205 7.12 19.39 -13.98
N ASP D 206 8.08 19.70 -14.85
CA ASP D 206 9.02 18.65 -15.22
C ASP D 206 10.48 19.05 -15.09
N GLY D 207 10.74 20.16 -14.42
CA GLY D 207 12.14 20.55 -14.17
C GLY D 207 12.09 21.82 -13.33
N MET D 208 13.24 22.38 -12.96
CA MET D 208 14.52 21.94 -13.49
C MET D 208 15.52 21.81 -12.36
N LYS D 209 15.69 22.86 -11.54
CA LYS D 209 16.81 22.85 -10.60
C LYS D 209 16.64 23.82 -9.42
N THR D 210 16.92 23.32 -8.23
CA THR D 210 16.88 24.17 -7.01
C THR D 210 18.26 24.66 -6.64
N GLY D 211 18.32 25.67 -5.78
CA GLY D 211 19.64 26.04 -5.29
C GLY D 211 19.57 26.87 -4.04
N THR D 212 20.62 26.85 -3.24
CA THR D 212 20.60 27.63 -1.99
C THR D 212 21.88 28.49 -1.96
N THR D 213 21.75 29.80 -1.95
CA THR D 213 22.94 30.65 -1.98
C THR D 213 23.66 30.62 -0.61
N ALA D 214 24.87 31.15 -0.54
CA ALA D 214 25.64 31.04 0.71
C ALA D 214 25.09 32.03 1.73
N GLY D 215 24.53 33.14 1.25
CA GLY D 215 23.95 34.11 2.17
C GLY D 215 23.03 35.11 1.51
N ALA D 216 22.31 34.68 0.47
CA ALA D 216 21.28 35.55 -0.09
C ALA D 216 20.08 34.78 -0.64
N GLY D 217 19.73 33.64 -0.03
CA GLY D 217 18.37 33.12 -0.21
C GLY D 217 18.40 31.93 -1.14
N TYR D 218 17.21 31.58 -1.63
CA TYR D 218 16.97 30.28 -2.25
C TYR D 218 16.48 30.49 -3.69
N ASN D 219 16.85 29.58 -4.57
CA ASN D 219 16.61 29.77 -6.01
C ASN D 219 15.83 28.57 -6.55
N LEU D 220 15.15 28.74 -7.68
CA LEU D 220 14.56 27.61 -8.40
C LEU D 220 14.44 28.00 -9.87
N VAL D 221 14.79 27.10 -10.77
CA VAL D 221 14.33 27.23 -12.15
C VAL D 221 13.35 26.08 -12.37
N ALA D 222 12.14 26.39 -12.84
CA ALA D 222 11.07 25.41 -12.90
C ALA D 222 10.50 25.49 -14.32
N SER D 223 9.95 24.40 -14.82
CA SER D 223 9.26 24.55 -16.10
C SER D 223 8.05 23.61 -16.06
N ALA D 224 6.95 24.04 -16.66
CA ALA D 224 5.67 23.34 -16.56
C ALA D 224 4.97 23.41 -17.93
N THR D 225 4.11 22.44 -18.20
CA THR D 225 3.46 22.40 -19.52
C THR D 225 1.96 22.25 -19.34
N GLN D 226 1.26 22.70 -20.38
CA GLN D 226 -0.16 22.41 -20.55
C GLN D 226 -0.29 22.19 -22.07
N GLY D 227 -0.24 20.93 -22.49
CA GLY D 227 -0.26 20.61 -23.91
C GLY D 227 1.04 21.18 -24.49
N ASP D 228 0.88 21.98 -25.54
CA ASP D 228 2.01 22.45 -26.30
C ASP D 228 2.61 23.69 -25.65
N MET D 229 1.94 24.24 -24.64
CA MET D 229 2.35 25.54 -24.10
C MET D 229 3.26 25.23 -22.94
N ARG D 230 4.47 25.76 -22.97
CA ARG D 230 5.39 25.52 -21.88
C ARG D 230 5.90 26.86 -21.32
N LEU D 231 5.94 26.98 -20.00
CA LEU D 231 6.42 28.21 -19.33
C LEU D 231 7.68 27.83 -18.57
N ILE D 232 8.60 28.79 -18.44
CA ILE D 232 9.81 28.60 -17.63
C ILE D 232 9.79 29.74 -16.63
N SER D 233 9.89 29.43 -15.34
CA SER D 233 10.02 30.45 -14.30
C SER D 233 11.41 30.44 -13.68
N VAL D 234 11.92 31.59 -13.23
CA VAL D 234 13.14 31.50 -12.42
C VAL D 234 12.86 32.38 -11.23
N VAL D 235 13.26 31.97 -10.02
CA VAL D 235 13.06 32.85 -8.87
C VAL D 235 14.42 32.79 -8.19
N LEU D 236 14.99 33.94 -7.86
CA LEU D 236 16.32 33.96 -7.23
C LEU D 236 16.23 34.78 -5.95
N GLY D 237 16.94 34.29 -4.91
CA GLY D 237 17.03 35.03 -3.63
C GLY D 237 15.71 35.13 -2.90
N ALA D 238 14.86 34.10 -2.99
CA ALA D 238 13.77 33.99 -2.03
C ALA D 238 14.28 33.81 -0.58
N LYS D 239 13.60 34.42 0.38
CA LYS D 239 14.03 34.30 1.79
C LYS D 239 14.03 32.91 2.41
N THR D 240 13.05 32.08 2.06
CA THR D 240 12.97 30.75 2.63
C THR D 240 12.72 29.72 1.55
N ASP D 241 13.01 28.49 1.93
CA ASP D 241 12.75 27.30 1.12
C ASP D 241 11.31 27.30 0.61
N ARG D 242 10.37 27.57 1.51
CA ARG D 242 8.94 27.51 1.19
CA ARG D 242 8.95 27.48 1.16
C ARG D 242 8.58 28.61 0.21
N ILE D 243 9.07 29.82 0.47
CA ILE D 243 8.76 30.92 -0.42
C ILE D 243 9.30 30.67 -1.83
N ARG D 244 10.52 30.15 -1.92
CA ARG D 244 11.13 29.85 -3.22
C ARG D 244 10.17 28.93 -4.02
N PHE D 245 9.57 27.91 -3.40
CA PHE D 245 8.70 26.98 -4.15
C PHE D 245 7.36 27.66 -4.41
N ASN D 246 6.85 28.39 -3.43
CA ASN D 246 5.48 28.91 -3.60
C ASN D 246 5.39 30.10 -4.60
N GLU D 247 6.42 30.96 -4.65
CA GLU D 247 6.41 32.07 -5.59
C GLU D 247 6.54 31.54 -7.04
N SER D 248 7.29 30.46 -7.24
CA SER D 248 7.41 29.88 -8.56
C SER D 248 6.05 29.29 -9.01
N GLU D 249 5.39 28.59 -8.10
CA GLU D 249 4.10 27.97 -8.39
C GLU D 249 3.13 29.08 -8.78
N LYS D 250 3.16 30.17 -8.03
CA LYS D 250 2.27 31.29 -8.31
C LYS D 250 2.50 31.96 -9.67
N LEU D 251 3.77 32.14 -10.08
CA LEU D 251 4.07 32.72 -11.36
C LEU D 251 3.63 31.80 -12.50
N LEU D 252 3.88 30.50 -12.37
CA LEU D 252 3.58 29.57 -13.47
C LEU D 252 2.06 29.45 -13.57
N THR D 253 1.41 29.38 -12.42
CA THR D 253 -0.06 29.44 -12.38
C THR D 253 -0.66 30.67 -13.08
N TRP D 254 -0.22 31.88 -12.73
CA TRP D 254 -0.65 33.08 -13.38
C TRP D 254 -0.48 33.04 -14.91
N GLY D 255 0.69 32.62 -15.38
CA GLY D 255 0.90 32.55 -16.81
C GLY D 255 -0.09 31.65 -17.54
N PHE D 256 -0.29 30.41 -17.08
CA PHE D 256 -1.35 29.55 -17.65
C PHE D 256 -2.77 30.08 -17.51
N ARG D 257 -3.06 30.78 -16.42
CA ARG D 257 -4.43 31.27 -16.22
C ARG D 257 -4.86 32.38 -17.21
N PHE D 258 -3.91 33.23 -17.61
CA PHE D 258 -4.23 34.43 -18.36
C PHE D 258 -3.73 34.52 -19.82
N PHE D 259 -2.81 33.64 -20.21
CA PHE D 259 -2.15 33.79 -21.53
C PHE D 259 -2.25 32.49 -22.32
N GLU D 260 -2.12 32.58 -23.65
CA GLU D 260 -2.02 31.41 -24.50
C GLU D 260 -0.90 31.68 -25.52
N THR D 261 -0.29 30.63 -26.05
CA THR D 261 0.72 30.83 -27.08
C THR D 261 0.19 30.30 -28.41
N VAL D 262 0.19 31.16 -29.41
CA VAL D 262 -0.42 30.94 -30.74
C VAL D 262 0.69 31.08 -31.80
N THR D 263 0.49 30.50 -32.99
CA THR D 263 1.52 30.56 -34.04
C THR D 263 0.89 31.12 -35.32
N PRO D 264 0.82 32.46 -35.45
CA PRO D 264 0.23 33.02 -36.66
C PRO D 264 1.04 32.70 -37.93
N ILE D 265 2.31 32.39 -37.77
CA ILE D 265 3.17 32.05 -38.92
C ILE D 265 3.94 30.78 -38.60
N LYS D 266 3.62 29.70 -39.31
CA LYS D 266 4.10 28.37 -38.95
C LYS D 266 5.53 28.22 -39.49
N PRO D 267 6.32 27.26 -38.99
CA PRO D 267 7.73 27.16 -39.33
C PRO D 267 8.06 27.11 -40.82
N ASP D 268 7.23 26.48 -41.65
CA ASP D 268 7.65 26.38 -43.04
C ASP D 268 6.94 27.35 -43.95
N ALA D 269 6.13 28.24 -43.37
CA ALA D 269 5.11 28.94 -44.14
C ALA D 269 5.69 30.19 -44.78
N THR D 270 5.14 30.54 -45.93
CA THR D 270 5.38 31.85 -46.53
C THR D 270 4.45 32.90 -45.94
N PHE D 271 5.03 33.91 -45.32
CA PHE D 271 4.23 35.04 -44.81
C PHE D 271 3.94 36.03 -45.93
N VAL D 272 4.94 36.26 -46.78
CA VAL D 272 4.83 37.23 -47.86
C VAL D 272 5.86 36.92 -48.95
N THR D 273 5.53 37.19 -50.21
CA THR D 273 6.56 37.06 -51.24
C THR D 273 7.05 38.44 -51.70
N GLN D 274 8.33 38.52 -52.09
CA GLN D 274 8.86 39.80 -52.55
C GLN D 274 9.62 39.60 -53.85
N ARG D 275 9.58 40.63 -54.70
CA ARG D 275 10.48 40.70 -55.87
C ARG D 275 11.95 40.50 -55.53
N VAL D 276 12.65 39.75 -56.37
CA VAL D 276 14.10 39.67 -56.30
C VAL D 276 14.68 40.09 -57.65
N TRP D 277 15.72 40.92 -57.60
CA TRP D 277 16.40 41.37 -58.81
C TRP D 277 17.61 40.46 -59.07
N PHE D 278 17.76 40.08 -60.33
CA PHE D 278 19.01 39.53 -60.87
C PHE D 278 19.23 38.10 -60.45
N GLY D 279 18.13 37.40 -60.17
CA GLY D 279 18.25 36.04 -59.65
C GLY D 279 17.68 35.00 -60.61
N ASP D 280 17.87 33.73 -60.24
CA ASP D 280 17.25 32.61 -61.00
C ASP D 280 15.78 32.37 -60.68
N LYS D 281 15.26 33.15 -59.74
CA LYS D 281 13.80 33.20 -59.45
C LYS D 281 13.46 34.68 -59.41
N SER D 282 12.27 35.05 -59.86
CA SER D 282 11.82 36.44 -59.89
C SER D 282 11.22 36.91 -58.58
N GLU D 283 10.91 35.97 -57.70
CA GLU D 283 10.36 36.30 -56.38
C GLU D 283 10.84 35.31 -55.32
N VAL D 284 10.74 35.72 -54.05
CA VAL D 284 11.27 34.92 -52.97
C VAL D 284 10.24 34.83 -51.86
N ASN D 285 10.07 33.63 -51.29
CA ASN D 285 9.17 33.43 -50.14
C ASN D 285 9.91 33.94 -48.90
N LEU D 286 9.25 34.82 -48.17
CA LEU D 286 9.75 35.26 -46.87
C LEU D 286 8.80 34.82 -45.74
N GLY D 287 9.37 34.55 -44.57
CA GLY D 287 8.58 34.13 -43.41
C GLY D 287 9.26 34.34 -42.06
N ALA D 288 8.79 33.59 -41.07
CA ALA D 288 9.30 33.71 -39.71
C ALA D 288 10.24 32.58 -39.31
N GLY D 289 10.28 31.50 -40.08
CA GLY D 289 10.90 30.27 -39.64
C GLY D 289 10.36 29.82 -38.29
N GLU D 290 11.24 29.42 -37.39
CA GLU D 290 10.85 28.82 -36.11
C GLU D 290 10.30 29.85 -35.14
N ALA D 291 10.33 31.12 -35.51
CA ALA D 291 10.10 32.18 -34.53
C ALA D 291 8.73 32.81 -34.65
N GLY D 292 7.78 32.10 -35.24
CA GLY D 292 6.53 32.74 -35.62
C GLY D 292 5.49 32.61 -34.50
N SER D 293 5.89 32.18 -33.30
CA SER D 293 4.94 32.00 -32.18
C SER D 293 4.90 33.25 -31.31
N VAL D 294 3.71 33.52 -30.76
CA VAL D 294 3.44 34.75 -30.04
C VAL D 294 2.62 34.30 -28.81
N THR D 295 2.88 34.90 -27.65
CA THR D 295 2.05 34.65 -26.44
C THR D 295 1.19 35.88 -26.22
N ILE D 296 -0.11 35.72 -26.05
CA ILE D 296 -1.02 36.86 -25.94
C ILE D 296 -2.00 36.55 -24.81
N PRO D 297 -2.76 37.56 -24.37
CA PRO D 297 -3.82 37.25 -23.38
C PRO D 297 -4.94 36.41 -23.98
N ARG D 298 -5.54 35.56 -23.15
CA ARG D 298 -6.37 34.47 -23.65
C ARG D 298 -7.53 35.04 -24.43
N GLY D 299 -7.93 34.34 -25.49
CA GLY D 299 -9.11 34.73 -26.25
C GLY D 299 -8.83 35.75 -27.34
N GLN D 300 -7.63 36.32 -27.36
CA GLN D 300 -7.41 37.56 -28.12
C GLN D 300 -6.89 37.32 -29.54
N LEU D 301 -6.91 36.08 -30.01
CA LEU D 301 -6.30 35.77 -31.33
C LEU D 301 -6.90 36.60 -32.46
N LYS D 302 -8.23 36.59 -32.54
CA LYS D 302 -8.94 37.39 -33.54
C LYS D 302 -8.48 38.85 -33.61
N ASN D 303 -7.82 39.34 -32.56
CA ASN D 303 -7.42 40.74 -32.51
C ASN D 303 -5.92 40.95 -32.73
N LEU D 304 -5.22 39.87 -33.10
CA LEU D 304 -3.76 39.90 -33.30
C LEU D 304 -3.54 40.04 -34.81
N LYS D 305 -2.68 40.97 -35.20
CA LYS D 305 -2.39 41.23 -36.61
C LYS D 305 -0.90 41.28 -36.85
N ALA D 306 -0.46 40.66 -37.94
CA ALA D 306 0.97 40.64 -38.24
C ALA D 306 1.33 41.61 -39.37
N SER D 307 2.48 42.25 -39.24
CA SER D 307 2.97 43.30 -40.15
C SER D 307 4.42 42.99 -40.50
N TYR D 308 4.93 43.53 -41.60
CA TYR D 308 6.39 43.51 -41.78
C TYR D 308 6.97 44.79 -42.36
N THR D 309 8.19 45.11 -41.97
CA THR D 309 9.05 46.02 -42.74
C THR D 309 10.26 45.32 -43.36
N LEU D 310 10.75 45.88 -44.45
CA LEU D 310 11.97 45.40 -45.11
C LEU D 310 13.16 46.28 -44.73
N THR D 311 14.30 45.66 -44.42
CA THR D 311 15.49 46.46 -44.13
C THR D 311 16.13 47.16 -45.34
N GLU D 312 16.00 46.57 -46.53
CA GLU D 312 16.25 47.28 -47.80
C GLU D 312 15.05 47.14 -48.75
N PRO D 313 14.67 48.21 -49.44
CA PRO D 313 13.43 48.19 -50.22
C PRO D 313 13.48 47.35 -51.50
N GLN D 314 14.68 46.96 -51.92
CA GLN D 314 14.86 46.06 -53.05
C GLN D 314 15.76 44.91 -52.57
N LEU D 315 15.36 43.69 -52.90
CA LEU D 315 16.21 42.53 -52.66
C LEU D 315 16.96 42.18 -53.93
N THR D 316 18.23 41.80 -53.78
CA THR D 316 19.06 41.42 -54.92
C THR D 316 19.66 40.05 -54.63
N ALA D 317 19.76 39.23 -55.68
CA ALA D 317 20.23 37.88 -55.59
C ALA D 317 21.75 37.91 -55.38
N PRO D 318 22.36 36.83 -54.86
CA PRO D 318 21.77 35.62 -54.30
C PRO D 318 21.22 35.85 -52.90
N LEU D 319 20.24 35.01 -52.57
CA LEU D 319 19.63 34.99 -51.23
C LEU D 319 19.81 33.59 -50.66
N LYS D 320 20.05 33.49 -49.35
CA LYS D 320 20.26 32.19 -48.68
C LYS D 320 19.09 31.96 -47.73
N LYS D 321 18.60 30.73 -47.62
CA LYS D 321 17.63 30.36 -46.59
C LYS D 321 18.09 30.86 -45.21
N GLY D 322 17.26 31.66 -44.54
CA GLY D 322 17.54 32.01 -43.14
C GLY D 322 18.13 33.41 -43.05
N GLN D 323 18.52 33.95 -44.19
CA GLN D 323 18.97 35.34 -44.28
C GLN D 323 17.84 36.27 -43.84
N VAL D 324 18.17 37.20 -42.95
CA VAL D 324 17.20 38.19 -42.49
C VAL D 324 17.14 39.43 -43.37
N VAL D 325 15.94 39.78 -43.81
CA VAL D 325 15.72 40.86 -44.76
C VAL D 325 14.77 41.89 -44.21
N GLY D 326 14.43 41.75 -42.94
CA GLY D 326 13.38 42.60 -42.37
C GLY D 326 12.95 42.19 -40.97
N THR D 327 11.82 42.73 -40.53
CA THR D 327 11.26 42.41 -39.21
C THR D 327 9.76 42.18 -39.29
N ILE D 328 9.26 41.15 -38.61
CA ILE D 328 7.81 41.01 -38.47
C ILE D 328 7.36 41.65 -37.16
N ASP D 329 6.29 42.44 -37.26
CA ASP D 329 5.69 43.12 -36.11
C ASP D 329 4.35 42.46 -35.78
N PHE D 330 4.19 41.93 -34.56
CA PHE D 330 2.89 41.44 -34.14
C PHE D 330 2.22 42.50 -33.26
N GLN D 331 1.00 42.87 -33.63
CA GLN D 331 0.25 43.91 -32.94
C GLN D 331 -1.09 43.41 -32.41
N LEU D 332 -1.44 43.84 -31.20
CA LEU D 332 -2.71 43.45 -30.60
C LEU D 332 -3.63 44.67 -30.48
N ASN D 333 -4.75 44.67 -31.21
CA ASN D 333 -5.62 45.85 -31.22
C ASN D 333 -4.93 47.12 -31.74
N GLY D 334 -3.93 46.94 -32.61
CA GLY D 334 -3.11 48.05 -33.08
C GLY D 334 -1.81 48.35 -32.35
N LYS D 335 -1.62 47.83 -31.14
CA LYS D 335 -0.34 47.99 -30.43
C LYS D 335 0.61 46.81 -30.50
N SER D 336 1.88 47.12 -30.76
CA SER D 336 2.91 46.11 -30.97
C SER D 336 3.22 45.36 -29.69
N ILE D 337 3.39 44.04 -29.80
CA ILE D 337 3.68 43.19 -28.63
C ILE D 337 4.78 42.16 -28.84
N GLU D 338 5.26 41.98 -30.07
CA GLU D 338 6.41 41.13 -30.34
C GLU D 338 6.99 41.47 -31.71
N GLN D 339 8.32 41.48 -31.83
CA GLN D 339 8.95 41.70 -33.12
C GLN D 339 9.96 40.59 -33.39
N ARG D 340 9.92 40.03 -34.59
CA ARG D 340 10.79 38.90 -34.88
C ARG D 340 11.40 39.07 -36.28
N PRO D 341 12.53 38.39 -36.55
CA PRO D 341 13.16 38.61 -37.84
C PRO D 341 12.35 38.06 -39.04
N LEU D 342 12.37 38.77 -40.15
CA LEU D 342 11.71 38.29 -41.39
C LEU D 342 12.82 37.65 -42.21
N ILE D 343 12.65 36.38 -42.58
CA ILE D 343 13.79 35.64 -43.06
C ILE D 343 13.46 35.01 -44.42
N VAL D 344 14.49 34.84 -45.24
CA VAL D 344 14.38 34.22 -46.54
C VAL D 344 14.08 32.73 -46.27
N MET D 345 13.11 32.20 -46.98
CA MET D 345 12.71 30.84 -46.70
C MET D 345 13.19 29.88 -47.78
N GLU D 346 13.93 30.34 -48.77
CA GLU D 346 14.41 29.48 -49.86
C GLU D 346 15.61 30.16 -50.50
N ASN D 347 16.47 29.34 -51.09
CA ASN D 347 17.58 29.89 -51.85
C ASN D 347 17.20 30.53 -53.18
N VAL D 348 17.83 31.67 -53.47
CA VAL D 348 17.79 32.30 -54.77
C VAL D 348 19.24 32.49 -55.22
N GLU D 349 19.62 31.79 -56.27
CA GLU D 349 20.94 31.96 -56.86
C GLU D 349 21.00 33.20 -57.77
N GLU D 350 22.20 33.70 -57.98
CA GLU D 350 22.41 34.67 -59.05
C GLU D 350 21.92 34.13 -60.41
N GLY D 351 21.28 34.99 -61.18
CA GLY D 351 20.74 34.71 -62.53
C GLY D 351 21.82 34.14 -63.43
N GLY D 352 21.50 33.17 -64.27
CA GLY D 352 22.34 32.99 -65.50
C GLY D 352 21.56 32.51 -66.70
N ALA E 1 23.65 18.58 2.12
CA ALA E 1 23.45 17.20 2.53
C ALA E 1 22.15 17.12 3.26
N FGA E 2 21.35 16.10 2.96
CA FGA E 2 20.03 15.94 3.57
C FGA E 2 18.91 15.80 2.57
O FGA E 2 17.77 16.23 2.86
CB FGA E 2 20.00 14.80 4.57
CG FGA E 2 20.63 13.47 4.17
CD FGA E 2 20.37 12.45 5.26
OE1 FGA E 2 19.23 12.19 5.63
OXT FGA E 2 19.14 15.28 1.46
N LYS E 3 21.45 11.88 5.80
CA LYS E 3 21.35 10.89 6.87
C LYS E 3 20.93 11.54 8.16
N DAL E 4 20.12 10.83 8.94
CA DAL E 4 19.54 11.30 10.20
CB DAL E 4 19.53 10.21 11.26
C DAL E 4 18.15 11.79 9.90
O DAL E 4 17.15 11.22 10.31
N DAL E 5 18.12 12.88 9.12
CA DAL E 5 16.94 13.54 8.60
CB DAL E 5 17.31 14.59 7.54
C DAL E 5 15.93 14.17 9.51
O DAL E 5 14.79 14.32 9.02
OXT DAL E 5 16.23 14.58 10.64
C1 GLC F . 25.75 26.65 42.01
C2 GLC F . 26.18 25.46 41.14
C3 GLC F . 25.07 24.41 41.11
C4 GLC F . 24.70 23.95 42.53
C5 GLC F . 24.46 25.11 43.48
C6 GLC F . 24.62 24.58 44.92
O2 GLC F . 26.45 25.89 39.79
O3 GLC F . 25.57 23.33 40.32
O4 GLC F . 23.56 23.08 42.53
O5 GLC F . 25.44 26.13 43.30
O6 GLC F . 24.01 25.46 45.88
C1 FRU F . 25.37 29.43 40.83
C2 FRU F . 24.29 28.60 41.51
C3 FRU F . 22.89 28.88 40.97
C4 FRU F . 21.99 28.70 42.17
C5 FRU F . 22.88 29.25 43.28
C6 FRU F . 22.61 28.65 44.65
O1 FRU F . 25.05 30.83 40.90
O2 FRU F . 24.59 27.21 41.37
O3 FRU F . 22.53 28.01 39.88
O4 FRU F . 20.81 29.50 42.06
O5 FRU F . 24.23 28.97 42.89
O6 FRU F . 23.59 29.23 45.52
S SO4 G . -15.44 -15.76 10.14
O1 SO4 G . -16.71 -15.04 10.27
O2 SO4 G . -15.56 -16.76 9.08
O3 SO4 G . -14.37 -14.83 9.82
O4 SO4 G . -15.13 -16.33 11.47
S SO4 H . -15.53 -16.17 -8.61
O1 SO4 H . -16.80 -16.25 -7.87
O2 SO4 H . -15.69 -16.88 -9.88
O3 SO4 H . -15.24 -14.75 -8.76
O4 SO4 H . -14.45 -16.82 -7.86
S SO4 I . -7.03 -26.17 -5.02
O1 SO4 I . -7.95 -25.04 -4.97
O2 SO4 I . -7.72 -27.36 -4.53
O3 SO4 I . -5.85 -25.84 -4.21
O4 SO4 I . -6.59 -26.43 -6.40
S SO4 J . -2.35 -12.60 6.30
O1 SO4 J . -2.76 -12.33 4.93
O2 SO4 J . -3.32 -12.01 7.23
O3 SO4 J . -1.03 -12.03 6.56
O4 SO4 J . -2.27 -14.05 6.48
S SO4 K . 5.68 9.87 -3.67
O1 SO4 K . 4.72 10.86 -4.18
O2 SO4 K . 5.89 8.86 -4.72
O3 SO4 K . 7.00 10.42 -3.34
O4 SO4 K . 5.20 9.23 -2.46
S SO4 L . 18.00 23.29 -2.07
O1 SO4 L . 16.92 23.26 -1.08
O2 SO4 L . 17.78 22.31 -3.14
O3 SO4 L . 17.96 24.64 -2.60
O4 SO4 L . 19.31 22.99 -1.46
C1 AMV M . 25.45 23.05 -1.93
C2 AMV M . 25.19 21.72 -1.24
C3 AMV M . 24.67 22.01 0.16
C4 AMV M . 25.76 22.68 0.97
C5 AMV M . 26.56 23.73 0.20
C6 AMV M . 27.99 23.22 0.05
C7 AMV M . 24.02 19.83 -2.27
C8 AMV M . 22.78 19.44 -3.04
C9 AMV M . 22.95 20.67 1.10
C10 AMV M . 22.69 19.25 1.46
C11 AMV M . 22.45 21.58 2.20
O1 AMV M . 26.17 22.87 -3.15
O3 AMV M . 24.35 20.82 0.87
O4 AMV M . 25.16 23.28 2.12
O5 AMV M . 26.00 24.07 -1.07
O6 AMV M . 28.81 23.84 1.06
O7 AMV M . 24.88 19.04 -1.93
O11 AMV M . 21.61 18.75 1.14
N2 AMV M . 24.08 21.14 -1.99
C12 AMV M . 25.90 23.88 -4.12
#